data_4KIK
#
_entry.id   4KIK
#
_cell.length_a   110.954
_cell.length_b   68.689
_cell.length_c   107.401
_cell.angle_alpha   90.00
_cell.angle_beta   107.03
_cell.angle_gamma   90.00
#
_symmetry.space_group_name_H-M   'P 1 21 1'
#
loop_
_entity.id
_entity.type
_entity.pdbx_description
1 polymer 'Inhibitor of nuclear factor kappa-B kinase subunit beta'
2 polymer 'Inhibitor of nuclear factor kappa-B kinase subunit beta'
3 non-polymer K-252A
4 water water
#
loop_
_entity_poly.entity_id
_entity_poly.type
_entity_poly.pdbx_seq_one_letter_code
_entity_poly.pdbx_strand_id
1 'polypeptide(L)'
;MHHHHHHSWSPSLTTQTCGAWEMKERLGTGGFGNVIRWHNQETGEQIAIKQCRQELSPRNRERWCLEIQIMRRLTHPNVV
AARDVPEGMQNLAPNDLPLLAMEYCQGGDLRKYLNQFENCCGLREGAILTLLSDIASALRYLHENRIIHRDLKPENIVLQ
QGEQRLIHKIIDLGYAKELDQGSLCTSFVGTLQYLAPELLEQQKYTVTVDYWSFGTLAFECITGFRPFLPNWQPVQWHSK
VRQKSEVDIVVSEDLNGTVKFS(SEP)SLPYPNNLNSVLAERLEKWLQLMLMWHPRQRGTDPTYGPNGCFKALDDILNLK
LVHILNMVTGTIHTYPVTEDESLQSLKARIQQDTGIPEEDQELLQEAGLALIPDKPATQCISDGKLNEGHTLDMDLVFLF
DNSKITYETQISPRPQPESVSCILQEPKRNLAFFQLRKVWGQVWHSIQTLKEDCNRLQQGQRAAMMNLLRNNSCLSKMKN
SMASMSQQLKAKLDFFKTSIQIDLEKYSEQTEFGITSDKLLLAWREMEQAVELCGRENEVKLLVERMMALQTDIVDLQRS
PMGRKQGGTLDDLEEQARELYRRLREKPRDQRTEGDSQEMVRLLLQAIQSFEKKVRVIYTQLSKTVVCKQKALELLPKVE
EVVSLMNEDEKTVVRLQEKRQKELWNLLKIACSKSPGRPLN
;
A
2 'polypeptide(L)'
;MHHHHHHSWSPSLTTQTCGAWEMKERLGTGGFGNVIRWHNQETGEQIAIKQCRQELSPRNRERWCLEIQIMRRLTHPNVV
AARDVPEGMQNLAPNDLPLLAMEYCQGGDLRKYLNQFENCCGLREGAILTLLSDIASALRYLHENRIIHRDLKPENIVLQ
QGEQRLIHKIIDLGYAKELDQG(SEP)LCT(SEP)FVGTLQYLAPELLEQQKYTVTVDYWSFGTLAFECITGFRPFLPNW
QPVQWHSKVRQKSEVDIVVSEDLNGTVKFSSSLPYPNNLNSVLAERLEKWLQLMLMWHPRQRGTDPTYGPNGCFKALDDI
LNLKLVHILNMVTGTIHTYPVTEDESLQSLKARIQQDTGIPEEDQELLQEAGLALIPDKPATQCISDGKLNEGHTLDMDL
VFLFDNSKITYETQISPRPQPESVSCILQEPKRNLAFFQLRKVWGQVWHSIQTLKEDCNRLQQGQRAAMMNLLRNNSCLS
KMKNSMASMSQQLKAKLDFFKTSIQIDLEKYSEQTEFGITSDKLLLAWREMEQAVELCGRENEVKLLVERMMALQTDIVD
LQRSPMGRKQGGTLDDLEEQARELYRRLREKPRDQRTEGDSQEMVRLLLQAIQSFEKKVRVIYTQLSKTVVCKQKALELL
PKVEEVVSLMNEDEKTVVRLQEKRQKELWNLLKIACSKSPGRPLN
;
B
#
loop_
_chem_comp.id
_chem_comp.type
_chem_comp.name
_chem_comp.formula
KSA non-polymer K-252A 'C27 H21 N3 O5'
#
# COMPACT_ATOMS: atom_id res chain seq x y z
N THR A 15 -30.63 20.91 37.43
CA THR A 15 -30.57 22.35 37.71
C THR A 15 -32.02 22.95 37.93
N GLN A 16 -33.08 22.20 37.52
CA GLN A 16 -34.52 22.51 37.63
C GLN A 16 -35.34 21.37 36.99
N THR A 17 -36.44 20.93 37.64
CA THR A 17 -37.30 19.83 37.14
C THR A 17 -38.79 20.21 37.32
N CYS A 18 -39.67 19.44 36.65
CA CYS A 18 -41.12 19.57 36.63
C CYS A 18 -41.71 18.19 36.33
N GLY A 19 -41.50 17.27 37.28
CA GLY A 19 -41.94 15.88 37.15
C GLY A 19 -40.98 15.13 36.26
N ALA A 20 -41.48 14.70 35.07
CA ALA A 20 -40.64 14.02 34.06
C ALA A 20 -39.82 15.04 33.27
N TRP A 21 -40.25 16.31 33.31
CA TRP A 21 -39.65 17.41 32.58
C TRP A 21 -38.44 17.97 33.29
N GLU A 22 -37.26 17.65 32.76
CA GLU A 22 -35.97 18.09 33.27
C GLU A 22 -35.37 19.23 32.41
N MET A 23 -34.89 20.33 33.07
CA MET A 23 -34.29 21.52 32.44
C MET A 23 -32.86 21.28 31.95
N LYS A 24 -32.57 21.65 30.68
CA LYS A 24 -31.26 21.48 30.04
C LYS A 24 -30.55 22.83 29.71
N GLU A 25 -29.73 22.87 28.63
CA GLU A 25 -28.91 24.02 28.26
C GLU A 25 -29.71 25.23 27.73
N ARG A 26 -29.08 26.40 27.79
CA ARG A 26 -29.65 27.63 27.26
C ARG A 26 -29.47 27.64 25.74
N LEU A 27 -30.55 27.91 25.01
CA LEU A 27 -30.51 27.91 23.56
C LEU A 27 -30.00 29.27 23.00
N GLY A 28 -30.23 30.34 23.75
CA GLY A 28 -29.84 31.69 23.41
C GLY A 28 -30.57 32.69 24.28
N THR A 29 -30.21 33.99 24.15
CA THR A 29 -30.77 35.08 24.97
C THR A 29 -31.47 36.14 24.10
N GLY A 33 -36.05 38.14 27.60
CA GLY A 33 -35.43 37.06 28.39
C GLY A 33 -34.89 35.87 27.61
N ASN A 34 -34.38 34.84 28.36
CA ASN A 34 -33.74 33.60 27.87
C ASN A 34 -34.67 32.50 27.34
N VAL A 35 -34.12 31.72 26.41
CA VAL A 35 -34.73 30.51 25.83
C VAL A 35 -33.88 29.29 26.32
N ILE A 36 -34.52 28.31 27.00
CA ILE A 36 -33.86 27.13 27.55
C ILE A 36 -34.60 25.86 27.08
N ARG A 37 -33.85 24.79 26.79
CA ARG A 37 -34.39 23.51 26.38
C ARG A 37 -34.78 22.68 27.60
N TRP A 38 -35.92 21.99 27.51
CA TRP A 38 -36.42 21.06 28.52
C TRP A 38 -36.63 19.73 27.84
N HIS A 39 -36.27 18.65 28.53
CA HIS A 39 -36.38 17.31 28.00
C HIS A 39 -37.21 16.43 28.95
N ASN A 40 -38.20 15.71 28.40
CA ASN A 40 -39.03 14.77 29.15
C ASN A 40 -38.28 13.45 29.29
N GLN A 41 -37.88 13.12 30.52
CA GLN A 41 -37.11 11.91 30.89
C GLN A 41 -37.86 10.63 30.55
N GLU A 42 -39.20 10.64 30.62
CA GLU A 42 -40.09 9.52 30.35
C GLU A 42 -40.38 9.32 28.84
N THR A 43 -40.76 10.37 28.11
CA THR A 43 -41.15 10.27 26.71
C THR A 43 -40.03 10.61 25.69
N GLY A 44 -39.03 11.37 26.11
CA GLY A 44 -37.95 11.79 25.22
C GLY A 44 -38.26 13.05 24.44
N GLU A 45 -39.43 13.67 24.77
CA GLU A 45 -39.94 14.89 24.14
C GLU A 45 -39.11 16.10 24.53
N GLN A 46 -38.88 16.99 23.57
CA GLN A 46 -38.12 18.21 23.77
C GLN A 46 -39.00 19.43 23.47
N ILE A 47 -38.79 20.49 24.25
CA ILE A 47 -39.49 21.78 24.23
C ILE A 47 -38.46 22.88 24.42
N ALA A 48 -38.79 24.10 24.00
CA ALA A 48 -38.00 25.34 24.22
C ALA A 48 -38.87 26.32 25.04
N ILE A 49 -38.35 26.85 26.15
CA ILE A 49 -39.18 27.77 26.92
C ILE A 49 -38.58 29.17 26.96
N LYS A 50 -39.36 30.15 26.47
CA LYS A 50 -38.94 31.53 26.59
C LYS A 50 -39.52 32.02 27.94
N GLN A 51 -38.64 32.54 28.81
CA GLN A 51 -39.00 33.00 30.14
C GLN A 51 -38.47 34.40 30.36
N CYS A 52 -39.21 35.21 31.16
CA CYS A 52 -38.72 36.51 31.56
C CYS A 52 -38.80 36.66 33.06
N ARG A 53 -37.64 36.74 33.73
CA ARG A 53 -37.57 36.95 35.19
C ARG A 53 -37.54 38.45 35.45
N GLN A 54 -37.30 39.21 34.39
CA GLN A 54 -37.20 40.66 34.41
C GLN A 54 -38.56 41.30 34.70
N GLU A 55 -38.54 42.54 35.21
CA GLU A 55 -39.73 43.36 35.46
C GLU A 55 -39.87 44.29 34.28
N LEU A 56 -41.05 44.33 33.66
CA LEU A 56 -41.23 45.11 32.44
C LEU A 56 -42.21 46.27 32.55
N SER A 57 -42.11 47.22 31.58
CA SER A 57 -43.05 48.32 31.46
C SER A 57 -44.39 47.74 31.00
N PRO A 58 -45.56 48.33 31.37
CA PRO A 58 -46.84 47.74 30.96
C PRO A 58 -46.98 47.48 29.45
N ARG A 59 -46.31 48.28 28.59
CA ARG A 59 -46.35 48.12 27.13
C ARG A 59 -45.61 46.87 26.70
N ASN A 60 -44.44 46.62 27.28
CA ASN A 60 -43.60 45.45 26.95
C ASN A 60 -44.16 44.18 27.57
N ARG A 61 -44.93 44.34 28.65
CA ARG A 61 -45.63 43.27 29.33
C ARG A 61 -46.73 42.75 28.39
N GLU A 62 -47.45 43.70 27.77
CA GLU A 62 -48.51 43.48 26.78
C GLU A 62 -47.92 42.86 25.54
N ARG A 63 -46.75 43.37 25.10
CA ARG A 63 -45.97 42.92 23.94
C ARG A 63 -45.60 41.44 24.08
N TRP A 64 -45.25 41.02 25.31
CA TRP A 64 -44.88 39.65 25.68
C TRP A 64 -46.09 38.70 25.53
N CYS A 65 -47.23 39.11 26.11
CA CYS A 65 -48.46 38.32 26.11
C CYS A 65 -49.01 38.15 24.71
N LEU A 66 -49.00 39.25 23.96
CA LEU A 66 -49.43 39.35 22.57
C LEU A 66 -48.68 38.37 21.70
N GLU A 67 -47.35 38.17 21.93
CA GLU A 67 -46.53 37.20 21.19
C GLU A 67 -47.01 35.76 21.46
N ILE A 68 -47.23 35.40 22.75
CA ILE A 68 -47.71 34.07 23.15
C ILE A 68 -49.06 33.74 22.45
N GLN A 69 -49.92 34.77 22.37
CA GLN A 69 -51.23 34.75 21.75
C GLN A 69 -51.14 34.53 20.23
N ILE A 70 -50.21 35.26 19.55
CA ILE A 70 -49.98 35.19 18.09
C ILE A 70 -49.52 33.76 17.77
N MET A 71 -48.54 33.25 18.50
CA MET A 71 -47.95 31.91 18.35
C MET A 71 -48.97 30.77 18.45
N ARG A 72 -49.89 30.90 19.43
CA ARG A 72 -50.96 29.97 19.77
C ARG A 72 -51.99 29.89 18.63
N ARG A 73 -52.20 31.02 17.94
CA ARG A 73 -53.12 31.18 16.82
C ARG A 73 -52.56 30.53 15.56
N LEU A 74 -51.34 30.93 15.16
CA LEU A 74 -50.61 30.51 13.97
C LEU A 74 -50.31 29.00 13.95
N THR A 75 -50.35 28.42 12.75
CA THR A 75 -50.07 27.01 12.50
C THR A 75 -49.56 26.84 11.06
N HIS A 76 -48.24 26.58 10.92
CA HIS A 76 -47.60 26.40 9.63
C HIS A 76 -46.35 25.50 9.72
N PRO A 77 -46.10 24.62 8.70
CA PRO A 77 -44.91 23.75 8.73
C PRO A 77 -43.56 24.47 8.83
N ASN A 78 -43.50 25.77 8.54
CA ASN A 78 -42.26 26.55 8.55
C ASN A 78 -42.27 27.71 9.58
N VAL A 79 -43.03 27.54 10.65
CA VAL A 79 -43.17 28.51 11.73
C VAL A 79 -43.16 27.69 13.01
N VAL A 80 -42.22 27.96 13.94
CA VAL A 80 -42.13 27.22 15.21
C VAL A 80 -43.52 27.14 15.92
N ALA A 81 -43.90 25.89 16.20
CA ALA A 81 -45.17 25.55 16.82
C ALA A 81 -45.21 25.90 18.30
N ALA A 82 -46.37 26.37 18.74
CA ALA A 82 -46.57 26.63 20.15
C ALA A 82 -46.84 25.30 20.84
N ARG A 83 -46.40 25.17 22.09
CA ARG A 83 -46.63 23.97 22.86
C ARG A 83 -47.22 24.33 24.21
N ASP A 84 -47.89 23.36 24.86
CA ASP A 84 -48.47 23.53 26.19
C ASP A 84 -47.36 23.65 27.23
N VAL A 85 -47.53 24.52 28.22
CA VAL A 85 -46.55 24.62 29.30
C VAL A 85 -46.77 23.39 30.22
N PRO A 86 -45.72 22.55 30.49
CA PRO A 86 -45.91 21.36 31.36
C PRO A 86 -46.56 21.67 32.71
N GLU A 87 -47.55 20.84 33.10
CA GLU A 87 -48.34 21.00 34.34
C GLU A 87 -47.47 21.03 35.58
N GLY A 88 -47.64 22.12 36.33
CA GLY A 88 -46.91 22.37 37.56
C GLY A 88 -45.71 23.27 37.39
N MET A 89 -45.50 23.86 36.16
CA MET A 89 -44.36 24.73 35.92
C MET A 89 -44.64 26.14 36.48
N GLN A 90 -44.65 26.21 37.85
CA GLN A 90 -44.88 27.35 38.76
C GLN A 90 -44.37 28.67 38.22
N ASN A 95 -40.76 36.08 36.48
CA ASN A 95 -41.75 37.00 37.05
C ASN A 95 -43.18 36.40 36.99
N ASP A 96 -44.22 37.24 37.23
CA ASP A 96 -45.64 36.87 37.19
C ASP A 96 -46.13 36.56 35.77
N LEU A 97 -45.33 36.95 34.74
CA LEU A 97 -45.65 36.74 33.33
C LEU A 97 -45.56 35.26 32.94
N PRO A 98 -46.50 34.78 32.09
CA PRO A 98 -46.48 33.37 31.69
C PRO A 98 -45.26 33.00 30.87
N LEU A 99 -45.01 31.69 30.74
CA LEU A 99 -43.90 31.19 29.95
C LEU A 99 -44.34 30.97 28.52
N LEU A 100 -43.40 30.98 27.58
CA LEU A 100 -43.72 30.67 26.20
C LEU A 100 -43.13 29.31 25.85
N ALA A 101 -43.98 28.27 25.80
CA ALA A 101 -43.49 26.93 25.47
C ALA A 101 -43.57 26.72 23.94
N MET A 102 -42.45 26.31 23.35
CA MET A 102 -42.35 26.13 21.91
C MET A 102 -41.72 24.80 21.54
N GLU A 103 -41.85 24.38 20.28
CA GLU A 103 -41.26 23.14 19.81
C GLU A 103 -39.72 23.29 19.79
N TYR A 104 -38.97 22.21 20.12
CA TYR A 104 -37.50 22.29 20.05
C TYR A 104 -37.03 21.88 18.66
N CYS A 105 -36.21 22.75 18.01
CA CYS A 105 -35.68 22.52 16.67
C CYS A 105 -34.22 22.09 16.78
N GLN A 106 -34.01 20.77 16.64
CA GLN A 106 -32.74 20.02 16.77
C GLN A 106 -31.56 20.52 15.94
N GLY A 107 -31.84 21.16 14.84
CA GLY A 107 -30.83 21.67 13.93
C GLY A 107 -30.14 22.91 14.43
N GLY A 108 -30.78 23.64 15.32
CA GLY A 108 -30.22 24.87 15.83
C GLY A 108 -30.49 26.04 14.89
N ASP A 109 -30.00 27.23 15.25
CA ASP A 109 -30.22 28.43 14.46
C ASP A 109 -29.33 28.47 13.17
N LEU A 110 -29.74 29.31 12.20
CA LEU A 110 -29.06 29.47 10.93
C LEU A 110 -27.70 30.17 11.09
N ARG A 111 -27.55 31.03 12.14
CA ARG A 111 -26.28 31.72 12.39
C ARG A 111 -25.18 30.70 12.68
N LYS A 112 -25.49 29.63 13.47
CA LYS A 112 -24.58 28.52 13.79
C LYS A 112 -24.11 27.84 12.51
N TYR A 113 -25.03 27.60 11.53
CA TYR A 113 -24.71 26.97 10.25
C TYR A 113 -23.80 27.86 9.44
N LEU A 114 -24.13 29.16 9.36
CA LEU A 114 -23.33 30.15 8.66
C LEU A 114 -21.93 30.30 9.26
N ASN A 115 -21.78 30.01 10.56
CA ASN A 115 -20.51 30.08 11.26
C ASN A 115 -19.64 28.81 11.10
N GLN A 116 -20.22 27.64 10.69
CA GLN A 116 -19.43 26.43 10.36
C GLN A 116 -18.37 26.83 9.34
N PHE A 117 -17.10 26.59 9.66
CA PHE A 117 -15.92 27.02 8.91
C PHE A 117 -15.97 26.65 7.44
N GLU A 118 -16.61 25.53 7.09
CA GLU A 118 -16.74 25.08 5.70
C GLU A 118 -17.83 25.83 4.93
N ASN A 119 -18.45 26.83 5.58
CA ASN A 119 -19.54 27.65 5.04
C ASN A 119 -19.16 29.12 5.05
N CYS A 120 -17.83 29.41 5.06
CA CYS A 120 -17.33 30.78 5.06
C CYS A 120 -17.66 31.53 3.73
N CYS A 121 -17.61 30.77 2.60
CA CYS A 121 -17.95 31.28 1.27
C CYS A 121 -19.34 30.79 0.83
N GLY A 122 -20.28 30.79 1.78
CA GLY A 122 -21.66 30.40 1.56
C GLY A 122 -21.97 28.93 1.74
N LEU A 123 -23.29 28.62 1.86
CA LEU A 123 -23.80 27.26 2.03
C LEU A 123 -23.81 26.48 0.70
N ARG A 124 -24.07 25.16 0.78
CA ARG A 124 -24.15 24.32 -0.40
C ARG A 124 -25.47 24.59 -1.11
N GLU A 125 -25.53 24.23 -2.40
CA GLU A 125 -26.68 24.49 -3.28
C GLU A 125 -27.99 23.91 -2.70
N GLY A 126 -27.93 22.68 -2.17
CA GLY A 126 -29.10 22.02 -1.62
C GLY A 126 -29.67 22.79 -0.46
N ALA A 127 -28.77 23.21 0.46
CA ALA A 127 -29.06 23.99 1.67
C ALA A 127 -29.68 25.36 1.35
N ILE A 128 -29.31 25.96 0.20
CA ILE A 128 -29.82 27.26 -0.25
C ILE A 128 -31.25 27.08 -0.78
N LEU A 129 -31.48 26.06 -1.64
CA LEU A 129 -32.82 25.77 -2.19
C LEU A 129 -33.84 25.45 -1.08
N THR A 130 -33.46 24.65 -0.07
CA THR A 130 -34.39 24.35 1.04
C THR A 130 -34.61 25.59 1.94
N LEU A 131 -33.60 26.46 2.11
CA LEU A 131 -33.75 27.68 2.89
C LEU A 131 -34.77 28.60 2.23
N LEU A 132 -34.49 28.94 0.96
CA LEU A 132 -35.31 29.82 0.14
C LEU A 132 -36.78 29.37 0.15
N SER A 133 -37.04 28.08 -0.15
CA SER A 133 -38.36 27.47 -0.21
C SER A 133 -39.14 27.57 1.11
N ASP A 134 -38.49 27.14 2.22
CA ASP A 134 -39.04 27.11 3.57
C ASP A 134 -39.35 28.50 4.11
N ILE A 135 -38.44 29.48 3.87
CA ILE A 135 -38.61 30.84 4.39
C ILE A 135 -39.61 31.63 3.53
N ALA A 136 -39.65 31.41 2.22
CA ALA A 136 -40.65 32.07 1.37
C ALA A 136 -42.09 31.63 1.76
N SER A 137 -42.27 30.33 2.00
CA SER A 137 -43.54 29.71 2.43
C SER A 137 -44.03 30.24 3.81
N ALA A 138 -43.09 30.47 4.73
CA ALA A 138 -43.36 30.97 6.07
C ALA A 138 -43.74 32.44 6.05
N LEU A 139 -42.96 33.25 5.31
CA LEU A 139 -43.18 34.68 5.11
C LEU A 139 -44.56 34.93 4.47
N ARG A 140 -44.90 34.10 3.43
CA ARG A 140 -46.19 34.10 2.75
C ARG A 140 -47.35 33.86 3.72
N TYR A 141 -47.19 32.87 4.63
CA TYR A 141 -48.21 32.56 5.65
C TYR A 141 -48.37 33.75 6.63
N LEU A 142 -47.22 34.29 7.10
CA LEU A 142 -47.19 35.39 8.04
C LEU A 142 -47.87 36.59 7.46
N HIS A 143 -47.42 37.03 6.28
CA HIS A 143 -47.96 38.19 5.59
C HIS A 143 -49.45 38.05 5.27
N GLU A 144 -49.94 36.83 4.92
CA GLU A 144 -51.37 36.64 4.63
C GLU A 144 -52.21 36.70 5.91
N ASN A 145 -51.60 36.35 7.06
CA ASN A 145 -52.23 36.42 8.39
C ASN A 145 -51.89 37.75 9.04
N ARG A 146 -51.42 38.69 8.20
CA ARG A 146 -51.16 40.09 8.46
C ARG A 146 -50.12 40.33 9.60
N ILE A 147 -49.09 39.46 9.63
CA ILE A 147 -47.95 39.54 10.55
C ILE A 147 -46.70 39.90 9.76
N ILE A 148 -46.11 41.03 10.16
CA ILE A 148 -44.89 41.55 9.58
C ILE A 148 -43.81 41.31 10.61
N HIS A 149 -42.76 40.53 10.24
CA HIS A 149 -41.70 40.13 11.15
C HIS A 149 -40.87 41.32 11.69
N ARG A 150 -40.31 42.15 10.76
CA ARG A 150 -39.50 43.37 11.02
C ARG A 150 -38.03 43.03 11.47
N ASP A 151 -37.79 41.87 12.12
CA ASP A 151 -36.43 41.50 12.55
C ASP A 151 -36.00 40.12 11.98
N LEU A 152 -36.31 39.84 10.71
CA LEU A 152 -35.92 38.59 10.07
C LEU A 152 -34.39 38.58 9.86
N LYS A 153 -33.72 37.52 10.33
CA LYS A 153 -32.26 37.35 10.27
C LYS A 153 -31.87 35.91 10.59
N PRO A 154 -30.60 35.47 10.34
CA PRO A 154 -30.21 34.06 10.65
C PRO A 154 -30.47 33.61 12.11
N GLU A 155 -30.41 34.53 13.08
CA GLU A 155 -30.65 34.29 14.51
C GLU A 155 -32.12 34.00 14.77
N ASN A 156 -32.98 34.40 13.81
CA ASN A 156 -34.43 34.22 13.93
C ASN A 156 -34.96 33.10 13.02
N ILE A 157 -34.07 32.24 12.54
CA ILE A 157 -34.36 31.06 11.73
C ILE A 157 -33.71 29.87 12.45
N VAL A 158 -34.51 28.87 12.77
CA VAL A 158 -34.04 27.64 13.43
C VAL A 158 -34.36 26.46 12.50
N LEU A 159 -33.57 25.41 12.62
CA LEU A 159 -33.62 24.23 11.78
C LEU A 159 -34.19 23.06 12.56
N GLN A 160 -35.23 22.44 12.06
CA GLN A 160 -35.81 21.30 12.72
C GLN A 160 -35.43 20.05 11.95
N GLN A 161 -35.29 18.94 12.65
CA GLN A 161 -34.99 17.69 12.00
C GLN A 161 -36.29 17.03 11.48
N GLY A 162 -36.42 17.02 10.15
CA GLY A 162 -37.50 16.36 9.42
C GLY A 162 -37.17 14.90 9.21
N GLU A 163 -37.99 14.16 8.45
CA GLU A 163 -37.74 12.74 8.22
C GLU A 163 -36.56 12.48 7.25
N GLN A 164 -36.38 13.36 6.24
CA GLN A 164 -35.34 13.19 5.21
C GLN A 164 -34.45 14.43 5.04
N ARG A 165 -34.88 15.60 5.57
CA ARG A 165 -34.11 16.83 5.47
C ARG A 165 -34.25 17.74 6.72
N LEU A 166 -33.49 18.87 6.75
CA LEU A 166 -33.59 19.85 7.83
C LEU A 166 -34.59 20.89 7.38
N ILE A 167 -35.63 21.14 8.20
CA ILE A 167 -36.69 22.10 7.88
C ILE A 167 -36.38 23.45 8.54
N HIS A 168 -36.34 24.54 7.76
CA HIS A 168 -36.15 25.89 8.32
C HIS A 168 -37.49 26.42 8.83
N LYS A 169 -37.48 27.00 10.04
CA LYS A 169 -38.66 27.55 10.71
C LYS A 169 -38.37 28.98 11.21
N ILE A 170 -39.37 29.84 11.24
CA ILE A 170 -39.24 31.21 11.70
C ILE A 170 -39.60 31.29 13.18
N ILE A 171 -38.82 32.06 13.92
CA ILE A 171 -39.01 32.31 15.34
C ILE A 171 -39.03 33.84 15.58
N ASP A 172 -39.29 34.23 16.84
CA ASP A 172 -39.34 35.58 17.38
C ASP A 172 -40.32 36.48 16.64
N LEU A 173 -41.60 36.33 16.99
CA LEU A 173 -42.66 37.13 16.40
C LEU A 173 -43.10 38.18 17.44
N GLY A 174 -42.12 38.76 18.14
CA GLY A 174 -42.33 39.83 19.11
C GLY A 174 -43.24 40.93 18.55
N TYR A 175 -44.05 41.57 19.42
CA TYR A 175 -45.01 42.59 19.03
C TYR A 175 -44.48 43.98 19.42
N THR A 186 -21.20 46.09 15.67
CA THR A 186 -21.08 44.80 16.36
C THR A 186 -22.19 44.64 17.42
N SER A 187 -22.41 45.67 18.28
CA SER A 187 -23.46 45.65 19.28
C SER A 187 -24.66 46.43 18.77
N PHE A 188 -24.50 47.76 18.60
CA PHE A 188 -25.52 48.68 18.07
C PHE A 188 -25.57 48.57 16.54
N VAL A 189 -24.41 48.62 15.87
CA VAL A 189 -24.30 48.50 14.42
C VAL A 189 -24.83 47.09 14.03
N GLY A 190 -24.77 46.16 14.98
CA GLY A 190 -25.23 44.79 14.84
C GLY A 190 -26.71 44.72 14.56
N THR A 191 -27.50 45.44 15.38
CA THR A 191 -28.98 45.45 15.33
C THR A 191 -29.56 45.95 13.98
N LEU A 192 -28.87 46.89 13.33
CA LEU A 192 -29.22 47.56 12.07
C LEU A 192 -28.93 46.72 10.79
N GLN A 193 -28.13 45.66 10.91
CA GLN A 193 -27.60 44.88 9.77
C GLN A 193 -28.62 44.32 8.78
N TYR A 194 -29.87 44.02 9.16
CA TYR A 194 -30.84 43.44 8.21
C TYR A 194 -32.07 44.32 8.01
N LEU A 195 -32.05 45.50 8.63
CA LEU A 195 -33.11 46.49 8.58
C LEU A 195 -33.25 47.14 7.20
N ALA A 196 -34.50 47.28 6.73
CA ALA A 196 -34.77 47.95 5.46
C ALA A 196 -34.46 49.45 5.63
N PRO A 197 -33.80 50.08 4.61
CA PRO A 197 -33.36 51.50 4.75
C PRO A 197 -34.44 52.45 5.25
N GLU A 198 -35.72 52.24 4.83
CA GLU A 198 -36.87 53.03 5.27
C GLU A 198 -37.02 53.06 6.78
N LEU A 199 -36.59 51.98 7.49
CA LEU A 199 -36.72 51.87 8.93
C LEU A 199 -35.81 52.84 9.64
N LEU A 200 -34.67 53.19 9.07
CA LEU A 200 -33.81 54.19 9.70
C LEU A 200 -34.33 55.59 9.40
N GLU A 201 -35.08 55.72 8.29
CA GLU A 201 -35.58 56.97 7.77
C GLU A 201 -36.91 57.36 8.37
N GLN A 202 -37.86 56.42 8.58
CA GLN A 202 -39.23 56.77 9.02
C GLN A 202 -39.89 55.75 9.99
N GLN A 203 -41.12 56.06 10.42
CA GLN A 203 -41.90 55.32 11.41
C GLN A 203 -42.77 54.17 10.83
N LYS A 204 -43.74 54.51 9.98
CA LYS A 204 -44.68 53.55 9.38
C LYS A 204 -43.96 52.77 8.31
N TYR A 205 -44.33 51.48 8.13
CA TYR A 205 -43.68 50.64 7.11
C TYR A 205 -44.67 49.58 6.56
N THR A 206 -44.21 48.72 5.62
CA THR A 206 -45.05 47.68 5.01
C THR A 206 -44.32 46.35 4.94
N VAL A 207 -44.97 45.30 4.37
CA VAL A 207 -44.43 43.94 4.22
C VAL A 207 -43.08 43.94 3.52
N THR A 208 -42.82 44.92 2.64
CA THR A 208 -41.57 45.06 1.89
C THR A 208 -40.33 45.21 2.82
N VAL A 209 -40.54 45.44 4.14
CA VAL A 209 -39.43 45.46 5.13
C VAL A 209 -38.88 44.06 5.27
N ASP A 210 -39.75 43.03 5.16
CA ASP A 210 -39.42 41.60 5.29
C ASP A 210 -38.80 41.05 4.03
N TYR A 211 -39.01 41.73 2.88
CA TYR A 211 -38.40 41.34 1.60
C TYR A 211 -36.91 41.65 1.67
N TRP A 212 -36.57 42.86 2.16
CA TRP A 212 -35.20 43.36 2.35
C TRP A 212 -34.38 42.37 3.18
N SER A 213 -34.94 42.00 4.36
CA SER A 213 -34.37 41.08 5.34
C SER A 213 -34.16 39.72 4.72
N PHE A 214 -35.18 39.17 4.02
CA PHE A 214 -35.11 37.88 3.36
C PHE A 214 -34.01 37.88 2.27
N GLY A 215 -33.94 38.98 1.50
CA GLY A 215 -32.94 39.16 0.45
C GLY A 215 -31.53 39.26 0.99
N THR A 216 -31.30 40.06 2.06
CA THR A 216 -29.95 40.23 2.66
C THR A 216 -29.46 38.87 3.21
N LEU A 217 -30.35 38.21 3.94
CA LEU A 217 -30.23 36.88 4.55
C LEU A 217 -29.86 35.83 3.47
N ALA A 218 -30.67 35.74 2.40
CA ALA A 218 -30.48 34.84 1.25
C ALA A 218 -29.10 35.03 0.61
N PHE A 219 -28.74 36.29 0.35
CA PHE A 219 -27.45 36.66 -0.22
C PHE A 219 -26.32 36.15 0.68
N GLU A 220 -26.43 36.37 2.01
CA GLU A 220 -25.45 35.95 2.99
C GLU A 220 -25.26 34.46 2.97
N CYS A 221 -26.35 33.70 2.71
CA CYS A 221 -26.27 32.24 2.64
C CYS A 221 -25.66 31.77 1.35
N ILE A 222 -25.77 32.56 0.28
CA ILE A 222 -25.18 32.19 -0.99
C ILE A 222 -23.65 32.48 -0.96
N THR A 223 -23.27 33.67 -0.47
CA THR A 223 -21.90 34.20 -0.55
C THR A 223 -21.06 34.07 0.73
N GLY A 224 -21.70 34.02 1.89
CA GLY A 224 -21.01 33.95 3.17
C GLY A 224 -20.95 35.29 3.89
N PHE A 225 -21.35 36.38 3.21
CA PHE A 225 -21.35 37.73 3.76
C PHE A 225 -22.57 38.51 3.25
N ARG A 226 -22.89 39.63 3.91
CA ARG A 226 -24.06 40.44 3.60
C ARG A 226 -23.85 41.31 2.33
N PRO A 227 -24.95 41.66 1.61
CA PRO A 227 -24.79 42.34 0.32
C PRO A 227 -24.23 43.74 0.39
N PHE A 228 -24.72 44.58 1.32
CA PHE A 228 -24.40 45.99 1.39
C PHE A 228 -23.54 46.39 2.58
N LEU A 229 -22.26 46.70 2.29
CA LEU A 229 -21.19 47.18 3.18
C LEU A 229 -21.40 46.74 4.65
N PRO A 230 -21.18 45.43 4.95
CA PRO A 230 -21.39 44.95 6.33
C PRO A 230 -20.50 45.67 7.32
N ASN A 231 -21.08 45.90 8.52
CA ASN A 231 -20.45 46.48 9.70
C ASN A 231 -20.01 47.96 9.52
N TRP A 232 -20.43 48.63 8.44
CA TRP A 232 -20.17 50.05 8.20
C TRP A 232 -21.11 50.83 9.07
N GLN A 233 -20.70 52.03 9.53
CA GLN A 233 -21.51 52.83 10.41
C GLN A 233 -22.73 53.43 9.66
N PRO A 234 -23.92 53.44 10.32
CA PRO A 234 -25.18 53.81 9.65
C PRO A 234 -25.17 55.04 8.75
N VAL A 235 -24.61 56.18 9.20
CA VAL A 235 -24.61 57.44 8.44
C VAL A 235 -23.87 57.26 7.11
N GLN A 236 -22.67 56.69 7.17
CA GLN A 236 -21.77 56.40 6.04
C GLN A 236 -22.41 55.35 5.14
N TRP A 237 -22.97 54.25 5.74
CA TRP A 237 -23.69 53.18 5.06
C TRP A 237 -24.82 53.79 4.21
N HIS A 238 -25.74 54.51 4.85
CA HIS A 238 -26.88 55.15 4.22
C HIS A 238 -26.43 56.02 3.04
N SER A 239 -25.43 56.87 3.23
CA SER A 239 -24.88 57.76 2.20
C SER A 239 -24.31 57.00 1.00
N LYS A 240 -23.66 55.85 1.21
CA LYS A 240 -23.05 55.14 0.10
C LYS A 240 -24.06 54.22 -0.62
N VAL A 241 -24.82 53.39 0.13
CA VAL A 241 -25.75 52.40 -0.43
C VAL A 241 -26.92 53.09 -1.20
N ARG A 242 -27.29 54.34 -0.81
CA ARG A 242 -28.30 55.18 -1.45
C ARG A 242 -28.00 55.34 -2.93
N GLN A 243 -26.69 55.47 -3.24
CA GLN A 243 -26.16 55.68 -4.58
C GLN A 243 -26.28 54.46 -5.51
N LYS A 244 -26.63 53.26 -5.04
CA LYS A 244 -26.71 52.08 -5.89
C LYS A 244 -27.87 52.16 -6.90
N SER A 245 -27.71 51.41 -8.02
CA SER A 245 -28.70 51.34 -9.07
C SER A 245 -29.73 50.27 -8.68
N GLU A 246 -30.86 50.21 -9.40
CA GLU A 246 -31.98 49.28 -9.18
C GLU A 246 -31.57 47.81 -9.34
N VAL A 247 -30.53 47.56 -10.16
CA VAL A 247 -29.96 46.26 -10.49
C VAL A 247 -28.80 45.84 -9.55
N ASP A 248 -28.34 46.70 -8.63
CA ASP A 248 -27.22 46.39 -7.73
C ASP A 248 -27.65 45.60 -6.52
N ILE A 249 -27.00 44.43 -6.32
CA ILE A 249 -27.26 43.51 -5.21
C ILE A 249 -26.01 43.38 -4.27
N VAL A 250 -24.89 44.04 -4.62
CA VAL A 250 -23.68 43.99 -3.77
C VAL A 250 -22.91 45.32 -3.88
N VAL A 251 -22.55 45.87 -2.71
CA VAL A 251 -21.74 47.07 -2.46
C VAL A 251 -20.68 46.62 -1.41
N SER A 252 -19.42 46.52 -1.84
CA SER A 252 -18.34 46.04 -0.98
C SER A 252 -17.12 46.95 -1.01
N GLU A 253 -16.24 46.78 -0.02
CA GLU A 253 -14.99 47.52 0.12
C GLU A 253 -13.82 46.58 -0.14
N ASP A 254 -12.93 46.88 -1.11
CA ASP A 254 -11.78 45.99 -1.29
C ASP A 254 -10.65 46.29 -0.23
N LEU A 255 -9.53 45.55 -0.27
CA LEU A 255 -8.39 45.72 0.63
C LEU A 255 -7.77 47.13 0.59
N ASN A 256 -8.08 47.95 -0.47
CA ASN A 256 -7.43 49.22 -0.74
C ASN A 256 -8.14 50.62 -0.54
N GLY A 257 -9.28 50.86 0.06
CA GLY A 257 -10.55 50.21 0.23
C GLY A 257 -11.57 50.90 -0.66
N THR A 258 -11.46 50.61 -1.96
CA THR A 258 -12.32 51.08 -3.01
C THR A 258 -13.69 50.44 -2.83
N VAL A 259 -14.75 51.26 -2.88
CA VAL A 259 -16.10 50.76 -2.74
C VAL A 259 -16.60 50.45 -4.17
N LYS A 260 -17.00 49.18 -4.41
CA LYS A 260 -17.46 48.72 -5.71
C LYS A 260 -18.90 48.24 -5.64
N PHE A 261 -19.72 48.68 -6.61
CA PHE A 261 -21.12 48.31 -6.73
C PHE A 261 -21.28 47.28 -7.89
N SER A 262 -22.13 46.23 -7.72
CA SER A 262 -22.31 45.25 -8.79
C SER A 262 -23.73 44.65 -8.86
N SEP A 263 -24.16 44.40 -10.09
CA SEP A 263 -25.43 43.79 -10.51
CB SEP A 263 -25.60 44.08 -12.06
OG SEP A 263 -24.58 45.05 -12.67
C SEP A 263 -25.37 42.29 -10.40
O SEP A 263 -26.41 41.64 -10.29
P SEP A 263 -22.97 44.90 -13.20
O1P SEP A 263 -22.79 43.61 -14.17
O2P SEP A 263 -22.53 46.14 -14.10
O3P SEP A 263 -21.83 44.93 -12.11
N SER A 264 -24.14 41.74 -10.43
CA SER A 264 -23.78 40.32 -10.42
C SER A 264 -23.56 39.75 -9.02
N LEU A 265 -23.87 38.47 -8.87
CA LEU A 265 -23.73 37.69 -7.65
C LEU A 265 -22.24 37.35 -7.49
N PRO A 266 -21.61 37.67 -6.34
CA PRO A 266 -20.16 37.49 -6.22
C PRO A 266 -19.68 36.04 -6.25
N TYR A 267 -18.43 35.85 -6.68
CA TYR A 267 -17.77 34.56 -6.66
C TYR A 267 -16.69 34.64 -5.58
N PRO A 268 -16.45 33.63 -4.73
CA PRO A 268 -16.97 32.24 -4.78
C PRO A 268 -18.32 31.97 -4.11
N ASN A 269 -19.11 31.09 -4.71
CA ASN A 269 -20.40 30.57 -4.27
C ASN A 269 -20.51 29.13 -4.78
N ASN A 270 -21.36 28.32 -4.14
CA ASN A 270 -21.50 26.88 -4.45
C ASN A 270 -22.75 26.57 -5.32
N LEU A 271 -23.29 27.59 -6.03
CA LEU A 271 -24.44 27.50 -6.95
C LEU A 271 -24.00 27.18 -8.35
N ASN A 272 -24.91 26.55 -9.13
CA ASN A 272 -24.67 26.25 -10.53
C ASN A 272 -24.95 27.51 -11.38
N SER A 273 -24.37 27.53 -12.59
CA SER A 273 -24.46 28.59 -13.60
C SER A 273 -25.88 29.22 -13.71
N VAL A 274 -26.91 28.38 -13.96
CA VAL A 274 -28.32 28.80 -14.17
C VAL A 274 -28.90 29.40 -12.88
N LEU A 275 -28.78 28.68 -11.75
CA LEU A 275 -29.25 29.12 -10.42
C LEU A 275 -28.64 30.46 -10.00
N ALA A 276 -27.32 30.63 -10.22
CA ALA A 276 -26.64 31.89 -9.95
C ALA A 276 -27.29 33.03 -10.76
N GLU A 277 -27.45 32.83 -12.05
CA GLU A 277 -28.05 33.80 -12.96
C GLU A 277 -29.51 34.15 -12.55
N ARG A 278 -30.33 33.12 -12.26
CA ARG A 278 -31.73 33.31 -11.95
C ARG A 278 -31.95 33.88 -10.53
N LEU A 279 -31.12 33.48 -9.53
CA LEU A 279 -31.26 34.03 -8.18
C LEU A 279 -30.75 35.48 -8.08
N GLU A 280 -29.78 35.83 -8.94
CA GLU A 280 -29.17 37.15 -9.11
C GLU A 280 -30.23 38.16 -9.44
N LYS A 281 -31.08 37.86 -10.42
CA LYS A 281 -32.13 38.77 -10.84
C LYS A 281 -33.27 38.80 -9.81
N TRP A 282 -33.55 37.67 -9.11
CA TRP A 282 -34.58 37.65 -8.09
C TRP A 282 -34.15 38.50 -6.90
N LEU A 283 -32.85 38.52 -6.62
CA LEU A 283 -32.32 39.32 -5.52
C LEU A 283 -32.49 40.83 -5.80
N GLN A 284 -32.41 41.25 -7.08
CA GLN A 284 -32.60 42.67 -7.45
C GLN A 284 -34.00 43.19 -6.99
N LEU A 285 -35.01 42.32 -7.07
CA LEU A 285 -36.38 42.58 -6.61
C LEU A 285 -36.44 42.83 -5.08
N MET A 286 -35.69 42.02 -4.34
CA MET A 286 -35.69 41.98 -2.87
C MET A 286 -34.79 43.03 -2.22
N LEU A 287 -33.64 43.35 -2.86
CA LEU A 287 -32.65 44.29 -2.34
C LEU A 287 -32.82 45.69 -2.98
N MET A 288 -34.02 45.96 -3.44
CA MET A 288 -34.47 47.19 -4.07
C MET A 288 -34.58 48.29 -3.01
N TRP A 289 -33.89 49.45 -3.21
CA TRP A 289 -33.94 50.57 -2.28
C TRP A 289 -35.35 51.12 -2.10
N HIS A 290 -36.08 51.33 -3.23
CA HIS A 290 -37.44 51.86 -3.23
C HIS A 290 -38.35 50.93 -2.45
N PRO A 291 -38.99 51.44 -1.37
CA PRO A 291 -39.80 50.55 -0.51
C PRO A 291 -41.07 50.01 -1.15
N ARG A 292 -41.75 50.82 -2.01
CA ARG A 292 -43.01 50.44 -2.65
C ARG A 292 -42.73 49.50 -3.83
N GLN A 293 -41.62 49.72 -4.55
CA GLN A 293 -41.19 48.97 -5.73
C GLN A 293 -40.54 47.63 -5.35
N ARG A 294 -40.03 47.49 -4.12
CA ARG A 294 -39.42 46.26 -3.62
C ARG A 294 -40.42 45.10 -3.67
N GLY A 295 -39.96 43.95 -4.19
CA GLY A 295 -40.77 42.75 -4.33
C GLY A 295 -41.69 42.72 -5.54
N THR A 296 -41.80 43.84 -6.30
CA THR A 296 -42.64 43.94 -7.50
C THR A 296 -41.94 43.24 -8.64
N ASP A 297 -42.59 42.20 -9.16
CA ASP A 297 -42.11 41.40 -10.27
C ASP A 297 -42.64 41.99 -11.59
N PRO A 298 -41.83 42.06 -12.69
CA PRO A 298 -42.35 42.65 -13.94
C PRO A 298 -43.58 41.91 -14.49
N THR A 299 -43.71 40.62 -14.20
CA THR A 299 -44.83 39.79 -14.65
C THR A 299 -45.95 39.75 -13.61
N TYR A 300 -45.62 39.35 -12.36
CA TYR A 300 -46.59 39.09 -11.31
C TYR A 300 -47.00 40.30 -10.46
N GLY A 301 -46.52 41.48 -10.83
CA GLY A 301 -46.85 42.74 -10.16
C GLY A 301 -46.37 42.89 -8.73
N PRO A 302 -46.99 43.80 -7.93
CA PRO A 302 -46.55 44.00 -6.54
C PRO A 302 -46.69 42.75 -5.71
N ASN A 303 -45.71 42.47 -4.83
CA ASN A 303 -45.66 41.29 -3.97
C ASN A 303 -45.56 39.96 -4.77
N GLY A 304 -45.10 40.06 -6.03
CA GLY A 304 -44.91 38.93 -6.93
C GLY A 304 -43.56 38.25 -6.86
N CYS A 305 -42.76 38.62 -5.85
CA CYS A 305 -41.43 38.08 -5.60
C CYS A 305 -41.48 36.61 -5.14
N PHE A 306 -42.60 36.19 -4.50
CA PHE A 306 -42.78 34.82 -4.03
C PHE A 306 -43.10 33.89 -5.23
N LYS A 307 -43.93 34.36 -6.20
CA LYS A 307 -44.27 33.61 -7.41
C LYS A 307 -43.04 33.53 -8.33
N ALA A 308 -42.23 34.60 -8.38
CA ALA A 308 -40.97 34.66 -9.12
C ALA A 308 -40.00 33.55 -8.68
N LEU A 309 -39.78 33.40 -7.35
CA LEU A 309 -38.92 32.39 -6.70
C LEU A 309 -39.48 31.00 -6.94
N ASP A 310 -40.83 30.85 -6.88
CA ASP A 310 -41.51 29.58 -7.17
C ASP A 310 -41.08 29.04 -8.52
N ASP A 311 -40.99 29.91 -9.56
CA ASP A 311 -40.56 29.53 -10.91
C ASP A 311 -39.13 28.95 -10.86
N ILE A 312 -38.18 29.70 -10.22
CA ILE A 312 -36.76 29.33 -10.05
C ILE A 312 -36.66 27.96 -9.33
N LEU A 313 -37.39 27.80 -8.22
CA LEU A 313 -37.38 26.59 -7.43
C LEU A 313 -38.00 25.42 -8.17
N ASN A 314 -39.00 25.65 -9.04
CA ASN A 314 -39.65 24.55 -9.77
C ASN A 314 -38.90 24.14 -11.05
N LEU A 315 -37.75 24.80 -11.34
CA LEU A 315 -36.88 24.47 -12.46
C LEU A 315 -36.27 23.09 -12.28
N LYS A 316 -36.23 22.30 -13.38
CA LYS A 316 -35.67 20.96 -13.42
C LYS A 316 -34.36 21.05 -14.20
N LEU A 317 -33.21 20.99 -13.48
CA LEU A 317 -31.91 21.21 -14.13
C LEU A 317 -31.14 19.92 -14.42
N VAL A 318 -30.42 19.92 -15.56
CA VAL A 318 -29.59 18.80 -16.00
C VAL A 318 -28.15 19.35 -16.17
N HIS A 319 -27.18 18.71 -15.49
CA HIS A 319 -25.75 19.09 -15.48
C HIS A 319 -24.93 18.11 -16.28
N ILE A 320 -24.29 18.62 -17.35
CA ILE A 320 -23.45 17.85 -18.26
C ILE A 320 -22.01 18.34 -18.14
N LEU A 321 -21.08 17.41 -17.92
CA LEU A 321 -19.66 17.75 -17.83
C LEU A 321 -18.99 17.32 -19.11
N ASN A 322 -18.58 18.30 -19.93
CA ASN A 322 -17.86 18.01 -21.18
C ASN A 322 -16.43 17.62 -20.83
N MET A 323 -16.10 16.32 -20.97
CA MET A 323 -14.79 15.80 -20.62
C MET A 323 -13.66 16.37 -21.50
N VAL A 324 -14.00 16.82 -22.71
CA VAL A 324 -13.08 17.41 -23.69
C VAL A 324 -12.46 18.68 -23.10
N THR A 325 -13.31 19.61 -22.61
CA THR A 325 -12.91 20.90 -22.05
C THR A 325 -12.80 20.92 -20.51
N GLY A 326 -13.67 20.19 -19.83
CA GLY A 326 -13.73 20.15 -18.39
C GLY A 326 -14.66 21.21 -17.85
N THR A 327 -15.69 21.58 -18.63
CA THR A 327 -16.64 22.61 -18.18
C THR A 327 -18.03 21.99 -18.03
N ILE A 328 -18.76 22.46 -16.99
CA ILE A 328 -20.10 21.97 -16.65
C ILE A 328 -21.18 22.86 -17.31
N HIS A 329 -21.97 22.25 -18.19
CA HIS A 329 -23.10 22.85 -18.91
C HIS A 329 -24.42 22.48 -18.19
N THR A 330 -25.20 23.49 -17.76
CA THR A 330 -26.46 23.26 -17.05
C THR A 330 -27.62 23.62 -17.98
N TYR A 331 -28.61 22.69 -18.11
CA TYR A 331 -29.75 22.86 -18.99
C TYR A 331 -31.10 22.72 -18.27
N PRO A 332 -31.87 23.83 -18.18
CA PRO A 332 -33.25 23.71 -17.67
C PRO A 332 -34.09 22.86 -18.65
N VAL A 333 -34.67 21.76 -18.16
CA VAL A 333 -35.43 20.84 -19.01
C VAL A 333 -36.94 20.84 -18.60
N THR A 334 -37.81 20.46 -19.54
CA THR A 334 -39.26 20.31 -19.32
C THR A 334 -39.59 18.82 -19.29
N GLU A 335 -40.65 18.44 -18.55
CA GLU A 335 -41.08 17.04 -18.40
C GLU A 335 -41.31 16.34 -19.74
N ASP A 336 -41.65 17.11 -20.79
CA ASP A 336 -41.90 16.63 -22.15
C ASP A 336 -40.63 16.50 -22.99
N GLU A 337 -39.60 17.33 -22.68
CA GLU A 337 -38.33 17.39 -23.41
C GLU A 337 -37.65 16.02 -23.54
N SER A 338 -37.47 15.62 -24.81
CA SER A 338 -36.83 14.38 -25.25
C SER A 338 -35.31 14.48 -25.15
N LEU A 339 -34.61 13.34 -25.00
CA LEU A 339 -33.15 13.28 -24.94
C LEU A 339 -32.51 13.91 -26.19
N GLN A 340 -33.15 13.74 -27.35
CA GLN A 340 -32.76 14.27 -28.65
C GLN A 340 -32.73 15.81 -28.62
N SER A 341 -33.70 16.46 -27.92
CA SER A 341 -33.76 17.93 -27.79
C SER A 341 -32.58 18.43 -26.94
N LEU A 342 -32.28 17.72 -25.82
CA LEU A 342 -31.17 18.00 -24.92
C LEU A 342 -29.84 17.83 -25.67
N LYS A 343 -29.72 16.77 -26.48
CA LYS A 343 -28.54 16.46 -27.28
C LYS A 343 -28.26 17.59 -28.26
N ALA A 344 -29.33 18.14 -28.86
CA ALA A 344 -29.26 19.25 -29.80
C ALA A 344 -28.76 20.53 -29.11
N ARG A 345 -29.13 20.69 -27.81
CA ARG A 345 -28.75 21.81 -26.96
C ARG A 345 -27.29 21.68 -26.51
N ILE A 346 -26.84 20.46 -26.16
CA ILE A 346 -25.44 20.18 -25.79
C ILE A 346 -24.53 20.49 -27.01
N GLN A 347 -24.99 20.09 -28.23
CA GLN A 347 -24.35 20.27 -29.53
C GLN A 347 -23.90 21.73 -29.77
N GLN A 348 -24.75 22.71 -29.44
CA GLN A 348 -24.48 24.14 -29.62
C GLN A 348 -23.36 24.64 -28.70
N ASP A 349 -23.30 24.16 -27.44
CA ASP A 349 -22.30 24.61 -26.47
C ASP A 349 -20.96 23.83 -26.54
N THR A 350 -20.97 22.59 -27.07
CA THR A 350 -19.77 21.75 -27.11
C THR A 350 -19.21 21.54 -28.52
N GLY A 351 -20.04 21.72 -29.54
CA GLY A 351 -19.65 21.51 -30.92
C GLY A 351 -19.63 20.05 -31.32
N ILE A 352 -20.09 19.16 -30.41
CA ILE A 352 -20.13 17.72 -30.62
C ILE A 352 -21.51 17.36 -31.22
N PRO A 353 -21.55 16.74 -32.42
CA PRO A 353 -22.85 16.34 -33.00
C PRO A 353 -23.51 15.21 -32.20
N GLU A 354 -24.86 15.20 -32.18
CA GLU A 354 -25.72 14.24 -31.47
C GLU A 354 -25.22 12.78 -31.56
N GLU A 355 -24.85 12.34 -32.78
CA GLU A 355 -24.33 11.01 -33.14
C GLU A 355 -23.01 10.68 -32.41
N ASP A 356 -22.16 11.69 -32.16
CA ASP A 356 -20.87 11.52 -31.49
C ASP A 356 -20.95 11.66 -29.96
N GLN A 357 -22.10 12.16 -29.44
CA GLN A 357 -22.32 12.34 -28.02
C GLN A 357 -22.52 11.00 -27.31
N GLU A 358 -21.51 10.63 -26.51
CA GLU A 358 -21.57 9.55 -25.54
C GLU A 358 -21.87 10.12 -24.18
N LEU A 359 -23.13 9.95 -23.73
CA LEU A 359 -23.56 10.50 -22.44
C LEU A 359 -23.69 9.38 -21.44
N LEU A 360 -22.89 9.45 -20.39
CA LEU A 360 -22.77 8.43 -19.36
C LEU A 360 -23.05 8.98 -17.96
N GLN A 361 -23.47 8.12 -17.04
CA GLN A 361 -23.70 8.53 -15.65
C GLN A 361 -22.66 7.86 -14.72
N GLU A 362 -22.62 8.26 -13.43
CA GLU A 362 -21.70 7.81 -12.37
C GLU A 362 -21.22 6.37 -12.56
N ALA A 363 -22.16 5.42 -12.78
CA ALA A 363 -21.97 3.97 -12.86
C ALA A 363 -21.68 3.43 -14.28
N GLY A 364 -21.44 4.31 -15.23
CA GLY A 364 -21.07 3.96 -16.61
C GLY A 364 -22.18 3.48 -17.52
N LEU A 365 -23.41 3.87 -17.25
CA LEU A 365 -24.50 3.49 -18.14
C LEU A 365 -24.78 4.62 -19.10
N ALA A 366 -24.93 4.30 -20.41
CA ALA A 366 -25.28 5.28 -21.42
C ALA A 366 -26.77 5.67 -21.29
N LEU A 367 -27.08 6.96 -21.46
CA LEU A 367 -28.44 7.47 -21.32
C LEU A 367 -29.39 6.80 -22.32
N ILE A 368 -30.60 6.42 -21.83
CA ILE A 368 -31.64 5.69 -22.59
C ILE A 368 -32.45 6.63 -23.53
N PRO A 369 -32.24 6.53 -24.88
CA PRO A 369 -32.94 7.44 -25.82
C PRO A 369 -34.48 7.50 -25.77
N ASP A 370 -35.23 6.39 -25.57
CA ASP A 370 -36.69 6.44 -25.48
C ASP A 370 -37.16 7.35 -24.34
N LYS A 371 -36.42 7.32 -23.23
CA LYS A 371 -36.73 8.06 -22.00
C LYS A 371 -36.52 9.59 -22.19
N PRO A 372 -37.24 10.44 -21.41
CA PRO A 372 -37.07 11.90 -21.59
C PRO A 372 -35.76 12.43 -20.99
N ALA A 373 -35.36 13.68 -21.34
CA ALA A 373 -34.13 14.35 -20.86
C ALA A 373 -34.05 14.41 -19.33
N THR A 374 -35.22 14.40 -18.65
CA THR A 374 -35.39 14.43 -17.19
C THR A 374 -34.85 13.14 -16.53
N GLN A 375 -34.41 12.15 -17.33
CA GLN A 375 -33.89 10.87 -16.85
C GLN A 375 -32.60 11.06 -16.06
N CYS A 376 -31.87 12.14 -16.35
CA CYS A 376 -30.61 12.52 -15.72
C CYS A 376 -30.83 12.92 -14.25
N ILE A 377 -32.01 13.50 -13.93
CA ILE A 377 -32.41 13.94 -12.59
C ILE A 377 -32.77 12.73 -11.70
N SER A 378 -32.14 12.62 -10.51
CA SER A 378 -32.36 11.55 -9.53
C SER A 378 -33.39 12.00 -8.51
N LEU A 382 -34.90 15.76 -2.15
CA LEU A 382 -34.34 17.11 -2.17
C LEU A 382 -34.06 17.62 -0.74
N ASN A 383 -32.79 17.52 -0.30
CA ASN A 383 -32.35 17.98 1.02
C ASN A 383 -31.13 18.93 0.92
N GLU A 384 -30.53 19.28 2.08
CA GLU A 384 -29.39 20.18 2.22
C GLU A 384 -28.09 19.64 1.57
N GLY A 385 -27.98 18.31 1.46
CA GLY A 385 -26.85 17.61 0.87
C GLY A 385 -26.89 17.43 -0.64
N HIS A 386 -27.91 18.03 -1.30
N HIS A 386 -27.92 17.99 -1.29
CA HIS A 386 -28.09 17.99 -2.75
CA HIS A 386 -28.08 17.92 -2.75
C HIS A 386 -27.12 18.95 -3.43
C HIS A 386 -27.14 18.93 -3.44
N THR A 387 -26.51 18.50 -4.54
CA THR A 387 -25.56 19.28 -5.35
C THR A 387 -25.79 18.92 -6.81
N LEU A 388 -25.08 19.59 -7.75
CA LEU A 388 -25.14 19.28 -9.19
C LEU A 388 -24.45 17.91 -9.48
N ASP A 389 -23.53 17.48 -8.58
CA ASP A 389 -22.77 16.24 -8.67
C ASP A 389 -23.65 15.00 -8.58
N MET A 390 -24.79 15.09 -7.87
CA MET A 390 -25.77 14.02 -7.67
C MET A 390 -26.38 13.50 -8.97
N ASP A 391 -26.89 14.41 -9.82
CA ASP A 391 -27.54 14.07 -11.08
C ASP A 391 -26.66 14.57 -12.28
N LEU A 392 -25.34 14.27 -12.22
CA LEU A 392 -24.34 14.71 -13.20
C LEU A 392 -24.10 13.63 -14.24
N VAL A 393 -24.07 14.06 -15.51
CA VAL A 393 -23.86 13.24 -16.71
C VAL A 393 -22.54 13.68 -17.35
N PHE A 394 -21.73 12.71 -17.75
CA PHE A 394 -20.41 12.91 -18.34
C PHE A 394 -20.49 12.77 -19.86
N LEU A 395 -19.97 13.78 -20.57
CA LEU A 395 -19.99 13.81 -22.02
C LEU A 395 -18.62 13.52 -22.58
N PHE A 396 -18.61 12.61 -23.55
CA PHE A 396 -17.42 12.16 -24.26
C PHE A 396 -17.68 12.29 -25.75
N ASP A 397 -16.62 12.54 -26.52
CA ASP A 397 -16.69 12.64 -27.96
C ASP A 397 -16.14 11.34 -28.56
N ASN A 398 -17.02 10.58 -29.24
CA ASN A 398 -16.67 9.29 -29.85
C ASN A 398 -15.60 9.47 -30.94
N SER A 399 -15.53 10.69 -31.53
CA SER A 399 -14.57 11.12 -32.53
C SER A 399 -13.14 11.18 -31.96
N LYS A 400 -13.00 11.51 -30.65
CA LYS A 400 -11.70 11.62 -29.98
C LYS A 400 -11.05 10.25 -29.72
N ILE A 401 -9.75 10.17 -30.04
CA ILE A 401 -8.86 9.00 -29.84
C ILE A 401 -7.99 9.25 -28.58
N THR A 402 -7.60 10.54 -28.39
CA THR A 402 -6.77 11.02 -27.29
C THR A 402 -7.38 12.29 -26.72
N TYR A 403 -7.24 12.45 -25.39
CA TYR A 403 -7.71 13.62 -24.67
C TYR A 403 -6.52 14.40 -24.09
N GLU A 404 -6.39 15.68 -24.52
CA GLU A 404 -5.38 16.65 -24.06
C GLU A 404 -5.99 17.47 -22.94
N THR A 405 -5.24 17.67 -21.84
CA THR A 405 -5.69 18.47 -20.68
C THR A 405 -5.82 19.98 -21.04
N GLN A 406 -7.00 20.56 -20.73
CA GLN A 406 -7.38 21.95 -21.00
C GLN A 406 -7.82 22.68 -19.71
N ARG A 410 -9.76 26.89 -12.85
CA ARG A 410 -10.79 27.87 -12.52
C ARG A 410 -10.20 29.25 -12.16
N PRO A 411 -10.86 30.34 -12.62
CA PRO A 411 -10.35 31.68 -12.27
C PRO A 411 -10.75 32.04 -10.83
N GLN A 412 -9.74 32.26 -9.97
CA GLN A 412 -9.92 32.61 -8.57
C GLN A 412 -10.51 34.03 -8.40
N PRO A 413 -11.23 34.31 -7.26
CA PRO A 413 -11.83 35.65 -7.05
C PRO A 413 -10.81 36.79 -7.01
N GLU A 414 -11.32 38.03 -7.15
CA GLU A 414 -10.55 39.27 -7.18
C GLU A 414 -9.62 39.41 -5.97
N SER A 415 -10.11 39.12 -4.75
CA SER A 415 -9.35 39.22 -3.48
C SER A 415 -8.24 38.18 -3.35
N VAL A 416 -8.44 37.00 -3.95
CA VAL A 416 -7.48 35.89 -3.91
C VAL A 416 -6.31 36.20 -4.85
N SER A 417 -6.60 36.61 -6.10
CA SER A 417 -5.56 36.95 -7.06
C SER A 417 -4.80 38.23 -6.59
N CYS A 418 -5.47 39.09 -5.82
CA CYS A 418 -4.90 40.30 -5.22
C CYS A 418 -3.84 39.93 -4.15
N ILE A 419 -4.14 38.94 -3.29
CA ILE A 419 -3.22 38.51 -2.24
C ILE A 419 -2.14 37.56 -2.80
N LEU A 420 -2.40 36.90 -3.94
CA LEU A 420 -1.44 36.03 -4.62
C LEU A 420 -0.24 36.85 -5.12
N GLN A 421 -0.52 38.08 -5.56
CA GLN A 421 0.44 39.04 -6.07
C GLN A 421 1.31 39.63 -4.94
N GLU A 422 0.71 39.87 -3.76
CA GLU A 422 1.41 40.42 -2.58
C GLU A 422 1.00 39.64 -1.30
N PRO A 423 1.58 38.43 -1.08
CA PRO A 423 1.22 37.63 0.11
C PRO A 423 1.76 38.17 1.44
N LYS A 424 2.85 38.97 1.41
CA LYS A 424 3.52 39.51 2.61
C LYS A 424 2.76 40.74 3.22
N ARG A 425 1.75 41.29 2.50
CA ARG A 425 0.94 42.44 2.91
C ARG A 425 0.27 42.19 4.26
N ASN A 426 0.32 43.19 5.16
CA ASN A 426 -0.33 43.06 6.44
C ASN A 426 -1.80 43.42 6.29
N LEU A 427 -2.64 42.53 6.79
CA LEU A 427 -4.08 42.66 6.70
C LEU A 427 -4.64 42.62 8.09
N ALA A 428 -5.73 43.35 8.34
CA ALA A 428 -6.37 43.33 9.65
C ALA A 428 -7.07 41.97 9.80
N PHE A 429 -7.21 41.48 11.05
CA PHE A 429 -7.77 40.17 11.31
C PHE A 429 -9.04 39.88 10.51
N PHE A 430 -10.01 40.81 10.49
CA PHE A 430 -11.27 40.62 9.75
C PHE A 430 -11.00 40.38 8.22
N GLN A 431 -10.00 41.08 7.65
CA GLN A 431 -9.56 40.93 6.24
C GLN A 431 -8.87 39.60 6.04
N LEU A 432 -8.03 39.18 7.03
CA LEU A 432 -7.35 37.87 7.01
C LEU A 432 -8.38 36.72 6.98
N ARG A 433 -9.38 36.80 7.87
CA ARG A 433 -10.49 35.85 8.00
C ARG A 433 -11.18 35.67 6.63
N LYS A 434 -11.43 36.76 5.90
CA LYS A 434 -12.12 36.69 4.60
C LYS A 434 -11.25 36.05 3.49
N VAL A 435 -10.01 36.55 3.27
CA VAL A 435 -9.14 36.00 2.20
C VAL A 435 -8.70 34.56 2.48
N TRP A 436 -8.46 34.21 3.75
CA TRP A 436 -8.03 32.85 4.12
C TRP A 436 -9.13 31.85 3.86
N GLY A 437 -10.39 32.24 4.15
CA GLY A 437 -11.54 31.40 3.90
C GLY A 437 -11.72 31.15 2.43
N GLN A 438 -11.50 32.22 1.62
CA GLN A 438 -11.57 32.22 0.18
C GLN A 438 -10.46 31.41 -0.43
N VAL A 439 -9.23 31.51 0.10
CA VAL A 439 -8.11 30.70 -0.39
C VAL A 439 -8.44 29.25 -0.08
N TRP A 440 -8.87 28.95 1.16
CA TRP A 440 -9.26 27.57 1.49
C TRP A 440 -10.37 27.05 0.52
N HIS A 441 -11.35 27.92 0.20
CA HIS A 441 -12.46 27.56 -0.70
C HIS A 441 -11.92 27.24 -2.10
N SER A 442 -10.93 28.03 -2.58
CA SER A 442 -10.26 27.83 -3.88
C SER A 442 -9.65 26.43 -3.97
N ILE A 443 -8.94 26.00 -2.91
CA ILE A 443 -8.30 24.69 -2.81
C ILE A 443 -9.35 23.59 -2.78
N GLN A 444 -10.45 23.77 -2.01
CA GLN A 444 -11.53 22.79 -1.93
C GLN A 444 -12.11 22.55 -3.32
N THR A 445 -12.23 23.63 -4.12
CA THR A 445 -12.75 23.64 -5.47
C THR A 445 -11.79 22.90 -6.38
N LEU A 446 -10.47 23.15 -6.26
CA LEU A 446 -9.43 22.43 -7.03
C LEU A 446 -9.59 20.92 -6.79
N LYS A 447 -9.67 20.52 -5.50
CA LYS A 447 -9.90 19.14 -5.03
C LYS A 447 -11.21 18.59 -5.62
N GLU A 448 -12.35 19.30 -5.47
CA GLU A 448 -13.65 18.89 -5.96
C GLU A 448 -13.65 18.77 -7.47
N ASP A 449 -13.17 19.80 -8.20
CA ASP A 449 -13.03 19.79 -9.68
C ASP A 449 -12.25 18.57 -10.17
N CYS A 450 -11.10 18.30 -9.55
CA CYS A 450 -10.22 17.20 -9.86
C CYS A 450 -10.92 15.84 -9.66
N ASN A 451 -11.72 15.69 -8.57
CA ASN A 451 -12.44 14.46 -8.28
C ASN A 451 -13.58 14.19 -9.27
N ARG A 452 -14.23 15.27 -9.80
CA ARG A 452 -15.28 15.18 -10.85
C ARG A 452 -14.69 14.61 -12.12
N LEU A 453 -13.44 15.00 -12.47
CA LEU A 453 -12.75 14.48 -13.64
C LEU A 453 -12.47 12.99 -13.46
N GLN A 454 -12.04 12.56 -12.25
CA GLN A 454 -11.79 11.15 -11.92
C GLN A 454 -13.07 10.36 -12.01
N GLN A 455 -14.20 10.97 -11.63
CA GLN A 455 -15.51 10.33 -11.65
C GLN A 455 -15.92 10.07 -13.11
N GLY A 456 -15.58 11.03 -13.99
CA GLY A 456 -15.79 10.95 -15.44
C GLY A 456 -14.97 9.85 -16.06
N GLN A 457 -13.70 9.72 -15.63
CA GLN A 457 -12.77 8.68 -16.08
C GLN A 457 -13.26 7.30 -15.55
N ARG A 458 -13.83 7.28 -14.33
CA ARG A 458 -14.35 6.05 -13.72
C ARG A 458 -15.63 5.64 -14.40
N ALA A 459 -16.47 6.61 -14.87
CA ALA A 459 -17.70 6.32 -15.61
C ALA A 459 -17.37 5.64 -16.94
N ALA A 460 -16.30 6.12 -17.63
CA ALA A 460 -15.82 5.57 -18.90
C ALA A 460 -15.20 4.16 -18.69
N MET A 461 -14.51 3.98 -17.54
CA MET A 461 -13.91 2.72 -17.12
C MET A 461 -15.00 1.69 -16.81
N MET A 462 -16.08 2.12 -16.12
CA MET A 462 -17.25 1.32 -15.79
C MET A 462 -17.93 0.83 -17.04
N ASN A 463 -18.07 1.72 -18.06
CA ASN A 463 -18.68 1.37 -19.35
C ASN A 463 -17.80 0.36 -20.09
N LEU A 464 -16.46 0.56 -20.03
CA LEU A 464 -15.48 -0.32 -20.65
C LEU A 464 -15.56 -1.72 -20.04
N LEU A 465 -15.60 -1.80 -18.70
CA LEU A 465 -15.64 -3.07 -17.97
C LEU A 465 -16.94 -3.84 -18.24
N ARG A 466 -18.05 -3.11 -18.43
CA ARG A 466 -19.36 -3.66 -18.74
C ARG A 466 -19.34 -4.26 -20.17
N ASN A 467 -18.68 -3.56 -21.12
CA ASN A 467 -18.51 -4.03 -22.52
C ASN A 467 -17.56 -5.21 -22.57
N ASN A 468 -16.41 -5.12 -21.86
CA ASN A 468 -15.40 -6.19 -21.75
C ASN A 468 -16.05 -7.46 -21.17
N SER A 469 -17.10 -7.33 -20.34
CA SER A 469 -17.81 -8.46 -19.76
C SER A 469 -18.51 -9.26 -20.85
N CYS A 470 -19.27 -8.59 -21.73
CA CYS A 470 -20.00 -9.22 -22.85
C CYS A 470 -19.01 -9.80 -23.84
N LEU A 471 -17.91 -9.08 -24.06
CA LEU A 471 -16.82 -9.49 -24.93
C LEU A 471 -16.23 -10.82 -24.43
N SER A 472 -16.05 -10.96 -23.11
CA SER A 472 -15.55 -12.18 -22.49
C SER A 472 -16.57 -13.29 -22.61
N LYS A 473 -17.84 -12.97 -22.34
CA LYS A 473 -18.93 -13.92 -22.44
C LYS A 473 -19.02 -14.45 -23.88
N MET A 474 -18.79 -13.58 -24.86
CA MET A 474 -18.79 -13.97 -26.27
C MET A 474 -17.53 -14.75 -26.65
N LYS A 475 -16.34 -14.31 -26.15
CA LYS A 475 -15.06 -15.00 -26.37
C LYS A 475 -15.16 -16.46 -25.95
N ASN A 476 -15.72 -16.72 -24.75
CA ASN A 476 -15.92 -18.06 -24.19
C ASN A 476 -16.84 -18.90 -25.06
N SER A 477 -17.94 -18.30 -25.56
CA SER A 477 -18.87 -18.95 -26.46
C SER A 477 -18.16 -19.31 -27.76
N MET A 478 -17.39 -18.36 -28.33
CA MET A 478 -16.58 -18.56 -29.53
C MET A 478 -15.59 -19.72 -29.33
N ALA A 479 -14.79 -19.68 -28.22
CA ALA A 479 -13.83 -20.72 -27.82
C ALA A 479 -14.51 -22.09 -27.73
N SER A 480 -15.64 -22.16 -27.02
CA SER A 480 -16.47 -23.35 -26.81
C SER A 480 -17.03 -23.87 -28.15
N MET A 481 -17.53 -22.98 -29.02
CA MET A 481 -18.09 -23.36 -30.32
C MET A 481 -17.02 -23.90 -31.25
N SER A 482 -15.80 -23.32 -31.18
CA SER A 482 -14.64 -23.72 -31.96
C SER A 482 -14.18 -25.12 -31.57
N GLN A 483 -14.24 -25.44 -30.27
CA GLN A 483 -13.84 -26.76 -29.73
C GLN A 483 -14.86 -27.81 -30.12
N GLN A 484 -16.15 -27.44 -30.10
CA GLN A 484 -17.25 -28.31 -30.51
C GLN A 484 -17.17 -28.55 -32.00
N LEU A 485 -16.79 -27.54 -32.79
CA LEU A 485 -16.66 -27.70 -34.23
C LEU A 485 -15.47 -28.58 -34.55
N LYS A 486 -14.32 -28.37 -33.87
CA LYS A 486 -13.12 -29.17 -34.09
C LYS A 486 -13.46 -30.67 -33.89
N ALA A 487 -14.25 -30.96 -32.85
CA ALA A 487 -14.71 -32.28 -32.46
C ALA A 487 -15.64 -32.91 -33.52
N LYS A 488 -16.65 -32.18 -34.00
CA LYS A 488 -17.59 -32.70 -34.99
C LYS A 488 -16.88 -32.93 -36.31
N LEU A 489 -15.95 -32.03 -36.70
CA LEU A 489 -15.18 -32.17 -37.94
C LEU A 489 -14.29 -33.42 -37.89
N ASP A 490 -13.65 -33.65 -36.73
CA ASP A 490 -12.80 -34.80 -36.46
C ASP A 490 -13.60 -36.10 -36.65
N PHE A 491 -14.81 -36.12 -36.11
CA PHE A 491 -15.73 -37.23 -36.15
C PHE A 491 -16.26 -37.50 -37.53
N PHE A 492 -16.64 -36.44 -38.26
CA PHE A 492 -17.10 -36.53 -39.65
C PHE A 492 -15.98 -37.06 -40.52
N LYS A 493 -14.74 -36.55 -40.31
CA LYS A 493 -13.55 -36.94 -41.08
C LYS A 493 -13.28 -38.45 -40.88
N THR A 494 -13.49 -38.94 -39.64
CA THR A 494 -13.34 -40.35 -39.27
C THR A 494 -14.45 -41.17 -39.96
N SER A 495 -15.70 -40.75 -39.77
CA SER A 495 -16.89 -41.40 -40.34
C SER A 495 -16.78 -41.56 -41.88
N ILE A 496 -16.59 -40.45 -42.61
CA ILE A 496 -16.48 -40.44 -44.08
C ILE A 496 -15.32 -41.28 -44.56
N GLN A 497 -14.18 -41.31 -43.84
CA GLN A 497 -13.02 -42.11 -44.27
C GLN A 497 -13.40 -43.61 -44.31
N ILE A 498 -14.15 -44.10 -43.26
CA ILE A 498 -14.63 -45.48 -43.18
C ILE A 498 -15.57 -45.74 -44.37
N ASP A 499 -16.59 -44.88 -44.54
CA ASP A 499 -17.59 -44.99 -45.59
C ASP A 499 -16.96 -45.01 -47.00
N LEU A 500 -15.89 -44.22 -47.25
CA LEU A 500 -15.18 -44.20 -48.55
C LEU A 500 -14.38 -45.48 -48.77
N GLU A 501 -13.72 -45.98 -47.72
CA GLU A 501 -12.92 -47.21 -47.75
C GLU A 501 -13.80 -48.44 -48.03
N LYS A 502 -14.84 -48.65 -47.19
CA LYS A 502 -15.73 -49.80 -47.29
C LYS A 502 -16.61 -49.79 -48.56
N TYR A 503 -16.76 -48.60 -49.22
CA TYR A 503 -17.52 -48.51 -50.46
C TYR A 503 -16.71 -49.08 -51.60
N SER A 504 -15.52 -48.49 -51.86
CA SER A 504 -14.56 -48.88 -52.90
C SER A 504 -14.19 -50.37 -52.79
N GLU A 505 -14.18 -50.89 -51.55
CA GLU A 505 -13.90 -52.29 -51.27
C GLU A 505 -14.98 -53.20 -51.85
N GLN A 506 -16.27 -52.75 -51.82
CA GLN A 506 -17.44 -53.47 -52.34
C GLN A 506 -17.71 -53.00 -53.82
N THR A 507 -16.89 -53.51 -54.74
CA THR A 507 -17.03 -53.24 -56.17
C THR A 507 -17.11 -54.59 -56.92
N ASP A 514 -18.78 -43.95 -58.87
CA ASP A 514 -19.96 -43.48 -59.57
C ASP A 514 -20.32 -42.04 -59.09
N LYS A 515 -21.61 -41.68 -59.18
CA LYS A 515 -22.15 -40.41 -58.73
C LYS A 515 -21.99 -40.29 -57.20
N LEU A 516 -22.18 -41.41 -56.44
CA LEU A 516 -22.04 -41.41 -54.99
C LEU A 516 -20.60 -41.14 -54.56
N LEU A 517 -19.62 -41.89 -55.11
CA LEU A 517 -18.20 -41.78 -54.79
C LEU A 517 -17.67 -40.35 -54.95
N LEU A 518 -18.03 -39.68 -56.06
CA LEU A 518 -17.61 -38.32 -56.37
C LEU A 518 -18.30 -37.32 -55.46
N ALA A 519 -19.57 -37.59 -55.10
CA ALA A 519 -20.35 -36.76 -54.18
C ALA A 519 -19.78 -36.84 -52.80
N TRP A 520 -19.42 -38.06 -52.34
CA TRP A 520 -18.84 -38.31 -51.05
C TRP A 520 -17.45 -37.71 -50.98
N ARG A 521 -16.65 -37.83 -52.08
CA ARG A 521 -15.32 -37.23 -52.09
C ARG A 521 -15.39 -35.69 -52.04
N GLU A 522 -16.48 -35.08 -52.58
CA GLU A 522 -16.69 -33.63 -52.52
C GLU A 522 -17.03 -33.21 -51.09
N MET A 523 -17.86 -34.03 -50.37
CA MET A 523 -18.22 -33.82 -48.97
C MET A 523 -16.94 -33.70 -48.12
N GLU A 524 -15.99 -34.64 -48.35
CA GLU A 524 -14.69 -34.75 -47.69
C GLU A 524 -13.80 -33.52 -47.94
N GLN A 525 -13.71 -33.04 -49.20
CA GLN A 525 -12.88 -31.87 -49.47
C GLN A 525 -13.62 -30.56 -49.06
N ALA A 526 -14.97 -30.60 -48.99
CA ALA A 526 -15.81 -29.44 -48.63
C ALA A 526 -15.69 -29.11 -47.16
N VAL A 527 -15.58 -30.12 -46.30
CA VAL A 527 -15.50 -29.98 -44.84
C VAL A 527 -14.05 -29.59 -44.45
N GLU A 528 -13.10 -29.64 -45.42
CA GLU A 528 -11.71 -29.25 -45.20
C GLU A 528 -11.60 -27.73 -45.05
N LEU A 529 -12.43 -27.01 -45.84
CA LEU A 529 -12.53 -25.55 -45.93
C LEU A 529 -13.22 -24.92 -44.74
N CYS A 530 -14.09 -25.65 -44.04
CA CYS A 530 -14.73 -25.04 -42.88
C CYS A 530 -13.99 -25.40 -41.58
N GLY A 531 -14.26 -24.62 -40.55
CA GLY A 531 -13.56 -24.62 -39.28
C GLY A 531 -12.85 -23.27 -39.25
N ARG A 532 -13.16 -22.43 -38.28
CA ARG A 532 -12.57 -21.10 -38.31
C ARG A 532 -11.53 -20.95 -37.20
N GLU A 533 -10.77 -22.03 -36.94
CA GLU A 533 -9.70 -22.15 -35.97
C GLU A 533 -8.68 -20.99 -36.09
N ASN A 534 -8.14 -20.73 -37.31
CA ASN A 534 -7.13 -19.69 -37.55
C ASN A 534 -7.68 -18.28 -37.40
N GLU A 535 -8.96 -18.09 -37.69
CA GLU A 535 -9.64 -16.81 -37.55
C GLU A 535 -9.93 -16.56 -36.07
N VAL A 536 -10.37 -17.63 -35.34
CA VAL A 536 -10.65 -17.62 -33.89
C VAL A 536 -9.33 -17.29 -33.18
N LYS A 537 -8.23 -17.99 -33.56
CA LYS A 537 -6.85 -17.83 -33.07
C LYS A 537 -6.46 -16.35 -32.95
N LEU A 538 -6.60 -15.60 -34.06
CA LEU A 538 -6.27 -14.19 -34.18
C LEU A 538 -7.11 -13.33 -33.24
N LEU A 539 -8.42 -13.64 -33.14
CA LEU A 539 -9.34 -12.92 -32.29
C LEU A 539 -9.08 -13.19 -30.81
N VAL A 540 -8.54 -14.36 -30.48
CA VAL A 540 -8.23 -14.73 -29.10
C VAL A 540 -6.97 -13.95 -28.69
N GLU A 541 -6.02 -13.74 -29.65
CA GLU A 541 -4.81 -12.93 -29.45
C GLU A 541 -5.18 -11.51 -29.12
N ARG A 542 -6.06 -10.90 -29.93
CA ARG A 542 -6.56 -9.53 -29.77
C ARG A 542 -7.30 -9.39 -28.45
N MET A 543 -8.31 -10.26 -28.20
CA MET A 543 -9.12 -10.27 -26.98
C MET A 543 -8.22 -10.41 -25.75
N MET A 544 -7.18 -11.26 -25.83
CA MET A 544 -6.23 -11.48 -24.75
C MET A 544 -5.33 -10.27 -24.54
N ALA A 545 -4.84 -9.65 -25.63
CA ALA A 545 -3.98 -8.45 -25.59
C ALA A 545 -4.75 -7.25 -25.03
N LEU A 546 -6.08 -7.18 -25.31
CA LEU A 546 -6.96 -6.11 -24.85
C LEU A 546 -7.14 -6.20 -23.34
N GLN A 547 -7.51 -7.40 -22.82
CA GLN A 547 -7.72 -7.65 -21.40
C GLN A 547 -6.48 -7.34 -20.56
N THR A 548 -5.29 -7.39 -21.18
CA THR A 548 -4.01 -7.03 -20.56
C THR A 548 -4.00 -5.52 -20.29
N ASP A 549 -4.28 -4.71 -21.32
CA ASP A 549 -4.32 -3.25 -21.21
C ASP A 549 -5.35 -2.81 -20.19
N ILE A 550 -6.46 -3.53 -20.09
CA ILE A 550 -7.56 -3.23 -19.16
C ILE A 550 -7.13 -3.54 -17.72
N VAL A 551 -6.43 -4.67 -17.48
CA VAL A 551 -5.97 -4.98 -16.11
C VAL A 551 -4.85 -3.97 -15.74
N ASP A 552 -4.05 -3.52 -16.71
CA ASP A 552 -3.01 -2.50 -16.49
C ASP A 552 -3.64 -1.14 -16.19
N LEU A 553 -4.86 -0.90 -16.70
CA LEU A 553 -5.56 0.36 -16.46
C LEU A 553 -6.18 0.41 -15.09
N GLN A 554 -6.87 -0.67 -14.67
CA GLN A 554 -7.55 -0.73 -13.37
C GLN A 554 -6.57 -0.91 -12.20
N ARG A 555 -5.38 -1.50 -12.46
CA ARG A 555 -4.37 -1.70 -11.43
C ARG A 555 -3.30 -0.59 -11.56
N SER A 556 -3.76 0.66 -11.18
CA SER A 556 -3.09 1.97 -11.10
C SER A 556 -2.91 2.64 -12.47
N GLY A 564 -4.62 11.62 -1.85
CA GLY A 564 -3.55 12.28 -2.60
C GLY A 564 -2.96 13.48 -1.91
N THR A 565 -2.04 14.22 -2.60
CA THR A 565 -1.42 15.43 -2.05
C THR A 565 -2.41 16.59 -2.10
N LEU A 566 -3.28 16.61 -3.13
CA LEU A 566 -4.30 17.64 -3.30
C LEU A 566 -5.35 17.51 -2.22
N ASP A 567 -5.61 16.27 -1.76
CA ASP A 567 -6.57 16.00 -0.70
C ASP A 567 -5.94 16.45 0.62
N ASP A 568 -4.60 16.31 0.74
CA ASP A 568 -3.81 16.68 1.92
C ASP A 568 -3.64 18.21 2.05
N LEU A 569 -3.40 18.90 0.92
CA LEU A 569 -3.20 20.35 0.88
C LEU A 569 -4.49 21.09 1.28
N GLU A 570 -5.66 20.48 1.02
CA GLU A 570 -6.96 21.01 1.41
C GLU A 570 -7.13 20.88 2.93
N GLU A 571 -6.78 19.69 3.51
CA GLU A 571 -6.91 19.44 4.95
C GLU A 571 -5.99 20.40 5.71
N GLN A 572 -4.80 20.69 5.13
CA GLN A 572 -3.81 21.62 5.69
C GLN A 572 -4.38 23.04 5.76
N ALA A 573 -5.00 23.52 4.65
CA ALA A 573 -5.59 24.85 4.53
C ALA A 573 -6.82 25.00 5.45
N ARG A 574 -7.64 23.93 5.55
CA ARG A 574 -8.85 23.87 6.38
C ARG A 574 -8.47 24.09 7.84
N GLU A 575 -7.43 23.36 8.32
CA GLU A 575 -6.90 23.41 9.69
C GLU A 575 -6.29 24.77 9.98
N LEU A 576 -5.56 25.35 9.02
CA LEU A 576 -4.97 26.68 9.14
C LEU A 576 -6.09 27.74 9.31
N TYR A 577 -7.15 27.66 8.48
CA TYR A 577 -8.29 28.58 8.58
C TYR A 577 -9.03 28.33 9.93
N ARG A 578 -9.22 27.06 10.31
CA ARG A 578 -9.83 26.65 11.57
C ARG A 578 -9.11 27.33 12.74
N ARG A 579 -7.76 27.22 12.79
CA ARG A 579 -6.90 27.82 13.80
C ARG A 579 -7.08 29.34 13.87
N LEU A 580 -7.13 30.02 12.70
CA LEU A 580 -7.35 31.47 12.62
C LEU A 580 -8.67 31.86 13.26
N ARG A 581 -9.75 31.11 12.94
CA ARG A 581 -11.06 31.42 13.49
C ARG A 581 -11.17 31.04 14.96
N GLU A 582 -10.49 29.97 15.39
CA GLU A 582 -10.49 29.56 16.79
C GLU A 582 -9.40 30.32 17.62
N LYS A 583 -8.81 31.39 17.04
CA LYS A 583 -7.81 32.24 17.68
C LYS A 583 -8.48 33.15 18.72
N PRO A 584 -7.98 33.15 20.00
CA PRO A 584 -8.58 34.02 21.05
C PRO A 584 -8.62 35.48 20.61
N ARG A 585 -9.61 36.24 21.13
CA ARG A 585 -9.83 37.64 20.78
C ARG A 585 -8.60 38.56 21.04
N ASP A 586 -7.81 38.26 22.08
CA ASP A 586 -6.60 39.03 22.38
C ASP A 586 -5.48 38.76 21.34
N GLN A 587 -5.44 37.53 20.79
CA GLN A 587 -4.47 37.08 19.81
C GLN A 587 -4.81 37.49 18.37
N ARG A 588 -6.01 38.07 18.15
CA ARG A 588 -6.45 38.48 16.82
C ARG A 588 -5.78 39.81 16.41
N THR A 589 -4.61 39.73 15.76
CA THR A 589 -3.82 40.89 15.32
C THR A 589 -3.62 40.90 13.79
N GLU A 590 -2.74 41.80 13.31
CA GLU A 590 -2.41 41.96 11.89
C GLU A 590 -1.47 40.83 11.44
N GLY A 591 -1.40 40.59 10.12
CA GLY A 591 -0.51 39.58 9.57
C GLY A 591 -0.52 39.32 8.07
N ASP A 592 0.40 38.39 7.66
CA ASP A 592 0.63 37.86 6.31
C ASP A 592 -0.32 36.75 5.99
N SER A 593 -0.41 36.43 4.68
CA SER A 593 -1.14 35.31 4.12
C SER A 593 -0.14 34.37 3.46
N GLN A 594 1.17 34.48 3.86
CA GLN A 594 2.27 33.69 3.30
C GLN A 594 2.00 32.20 3.41
N GLU A 595 1.63 31.70 4.63
CA GLU A 595 1.32 30.30 4.88
C GLU A 595 0.18 29.82 3.99
N MET A 596 -0.89 30.64 3.82
CA MET A 596 -2.03 30.28 2.99
C MET A 596 -1.71 30.30 1.51
N VAL A 597 -1.09 31.39 1.00
CA VAL A 597 -0.75 31.57 -0.42
C VAL A 597 0.19 30.41 -0.86
N ARG A 598 1.10 29.98 0.06
CA ARG A 598 2.00 28.83 -0.15
C ARG A 598 1.17 27.58 -0.51
N LEU A 599 0.14 27.30 0.28
CA LEU A 599 -0.76 26.14 0.10
C LEU A 599 -1.53 26.21 -1.22
N LEU A 600 -2.04 27.38 -1.62
CA LEU A 600 -2.78 27.50 -2.89
C LEU A 600 -1.89 27.16 -4.09
N LEU A 601 -0.67 27.72 -4.16
CA LEU A 601 0.28 27.51 -5.25
C LEU A 601 0.63 26.03 -5.40
N GLN A 602 0.82 25.35 -4.26
CA GLN A 602 1.12 23.92 -4.22
C GLN A 602 -0.10 23.13 -4.71
N ALA A 603 -1.33 23.55 -4.29
CA ALA A 603 -2.58 22.92 -4.73
C ALA A 603 -2.80 23.08 -6.24
N ILE A 604 -2.48 24.27 -6.82
CA ILE A 604 -2.60 24.55 -8.27
C ILE A 604 -1.66 23.59 -9.03
N GLN A 605 -0.39 23.53 -8.60
CA GLN A 605 0.66 22.67 -9.13
C GLN A 605 0.25 21.18 -9.04
N SER A 606 -0.27 20.76 -7.86
CA SER A 606 -0.72 19.39 -7.60
C SER A 606 -1.90 19.05 -8.50
N PHE A 607 -2.85 19.98 -8.65
CA PHE A 607 -4.06 19.84 -9.47
C PHE A 607 -3.70 19.51 -10.89
N GLU A 608 -2.93 20.38 -11.57
CA GLU A 608 -2.57 20.20 -12.98
C GLU A 608 -1.76 18.93 -13.23
N LYS A 609 -0.93 18.53 -12.24
CA LYS A 609 -0.15 17.29 -12.28
C LYS A 609 -1.13 16.06 -12.24
N LYS A 610 -2.10 16.09 -11.29
CA LYS A 610 -3.13 15.06 -11.09
C LYS A 610 -4.04 14.96 -12.31
N VAL A 611 -4.41 16.13 -12.88
CA VAL A 611 -5.31 16.22 -14.05
C VAL A 611 -4.63 15.57 -15.27
N ARG A 612 -3.31 15.81 -15.46
CA ARG A 612 -2.51 15.22 -16.55
C ARG A 612 -2.67 13.68 -16.56
N VAL A 613 -2.52 13.06 -15.38
CA VAL A 613 -2.62 11.62 -15.19
C VAL A 613 -4.06 11.15 -15.49
N ILE A 614 -5.11 11.88 -15.04
CA ILE A 614 -6.51 11.50 -15.29
C ILE A 614 -6.76 11.38 -16.80
N TYR A 615 -6.29 12.37 -17.58
CA TYR A 615 -6.50 12.42 -19.02
C TYR A 615 -5.69 11.37 -19.76
N THR A 616 -4.51 11.00 -19.25
CA THR A 616 -3.65 9.96 -19.79
C THR A 616 -4.38 8.60 -19.70
N GLN A 617 -5.04 8.35 -18.56
CA GLN A 617 -5.82 7.13 -18.34
C GLN A 617 -7.12 7.18 -19.14
N LEU A 618 -7.72 8.37 -19.30
CA LEU A 618 -8.96 8.50 -20.07
C LEU A 618 -8.72 8.14 -21.54
N SER A 619 -7.65 8.70 -22.14
CA SER A 619 -7.35 8.40 -23.52
C SER A 619 -6.90 6.93 -23.67
N LYS A 620 -6.39 6.30 -22.59
CA LYS A 620 -6.06 4.87 -22.61
C LYS A 620 -7.35 4.05 -22.58
N THR A 621 -8.33 4.48 -21.75
CA THR A 621 -9.64 3.83 -21.58
C THR A 621 -10.41 3.87 -22.90
N VAL A 622 -10.50 5.04 -23.55
CA VAL A 622 -11.27 5.22 -24.80
C VAL A 622 -10.68 4.41 -25.97
N VAL A 623 -9.35 4.23 -26.04
CA VAL A 623 -8.77 3.44 -27.13
C VAL A 623 -9.15 1.94 -26.91
N CYS A 624 -9.25 1.47 -25.62
CA CYS A 624 -9.67 0.11 -25.24
C CYS A 624 -11.12 -0.08 -25.61
N LYS A 625 -11.98 0.93 -25.30
CA LYS A 625 -13.41 0.94 -25.61
C LYS A 625 -13.65 0.80 -27.12
N GLN A 626 -12.77 1.42 -27.95
CA GLN A 626 -12.82 1.35 -29.42
C GLN A 626 -12.58 -0.06 -29.90
N LYS A 627 -11.43 -0.65 -29.45
CA LYS A 627 -10.96 -2.00 -29.76
C LYS A 627 -12.02 -3.01 -29.41
N ALA A 628 -12.66 -2.84 -28.24
CA ALA A 628 -13.76 -3.66 -27.75
C ALA A 628 -14.92 -3.58 -28.73
N LEU A 629 -15.36 -2.36 -29.08
CA LEU A 629 -16.45 -2.14 -30.04
C LEU A 629 -16.10 -2.63 -31.46
N GLU A 630 -14.80 -2.72 -31.79
CA GLU A 630 -14.28 -3.24 -33.06
C GLU A 630 -14.30 -4.76 -33.08
N LEU A 631 -14.02 -5.37 -31.93
CA LEU A 631 -13.94 -6.82 -31.80
C LEU A 631 -15.29 -7.49 -31.73
N LEU A 632 -16.28 -6.88 -31.05
CA LEU A 632 -17.62 -7.45 -30.88
C LEU A 632 -18.24 -7.96 -32.19
N PRO A 633 -18.29 -7.18 -33.29
CA PRO A 633 -18.87 -7.71 -34.53
C PRO A 633 -18.02 -8.83 -35.17
N LYS A 634 -16.67 -8.74 -35.08
CA LYS A 634 -15.72 -9.72 -35.61
C LYS A 634 -15.94 -11.08 -34.96
N VAL A 635 -16.14 -11.10 -33.64
CA VAL A 635 -16.43 -12.29 -32.84
C VAL A 635 -17.80 -12.82 -33.30
N GLU A 636 -18.82 -11.94 -33.37
CA GLU A 636 -20.17 -12.27 -33.80
C GLU A 636 -20.17 -12.95 -35.17
N GLU A 637 -19.39 -12.40 -36.12
CA GLU A 637 -19.25 -12.90 -37.48
C GLU A 637 -18.63 -14.30 -37.52
N VAL A 638 -17.56 -14.54 -36.76
CA VAL A 638 -16.89 -15.85 -36.74
C VAL A 638 -17.80 -16.91 -36.13
N VAL A 639 -18.53 -16.57 -35.03
CA VAL A 639 -19.47 -17.49 -34.36
C VAL A 639 -20.54 -17.87 -35.38
N SER A 640 -20.99 -16.90 -36.20
CA SER A 640 -21.98 -17.16 -37.25
C SER A 640 -21.45 -18.20 -38.27
N LEU A 641 -20.25 -17.95 -38.83
CA LEU A 641 -19.57 -18.83 -39.80
C LEU A 641 -19.47 -20.23 -39.24
N MET A 642 -18.96 -20.37 -38.00
CA MET A 642 -18.81 -21.64 -37.29
C MET A 642 -20.14 -22.38 -37.15
N ASN A 643 -21.23 -21.63 -36.88
CA ASN A 643 -22.58 -22.18 -36.71
C ASN A 643 -23.05 -22.81 -38.03
N GLU A 644 -22.73 -22.15 -39.17
CA GLU A 644 -23.04 -22.66 -40.51
C GLU A 644 -22.21 -23.88 -40.82
N ASP A 645 -20.92 -23.87 -40.43
CA ASP A 645 -20.01 -25.02 -40.59
C ASP A 645 -20.55 -26.24 -39.87
N GLU A 646 -21.13 -26.04 -38.66
CA GLU A 646 -21.73 -27.12 -37.89
C GLU A 646 -22.97 -27.60 -38.63
N LYS A 647 -23.88 -26.69 -39.02
CA LYS A 647 -25.09 -26.98 -39.80
C LYS A 647 -24.74 -27.86 -41.02
N THR A 648 -23.72 -27.44 -41.81
CA THR A 648 -23.19 -28.15 -42.99
C THR A 648 -22.68 -29.58 -42.62
N VAL A 649 -21.86 -29.73 -41.56
CA VAL A 649 -21.32 -31.03 -41.14
C VAL A 649 -22.48 -31.99 -40.80
N VAL A 650 -23.45 -31.52 -39.99
CA VAL A 650 -24.66 -32.22 -39.54
C VAL A 650 -25.46 -32.73 -40.76
N ARG A 651 -25.72 -31.86 -41.78
CA ARG A 651 -26.46 -32.17 -43.01
C ARG A 651 -25.76 -33.21 -43.84
N LEU A 652 -24.45 -32.98 -44.12
CA LEU A 652 -23.60 -33.85 -44.95
C LEU A 652 -23.49 -35.24 -44.35
N GLN A 653 -23.48 -35.35 -43.02
CA GLN A 653 -23.42 -36.61 -42.29
C GLN A 653 -24.74 -37.37 -42.43
N GLU A 654 -25.87 -36.66 -42.21
CA GLU A 654 -27.23 -37.17 -42.30
C GLU A 654 -27.48 -37.70 -43.71
N LYS A 655 -27.08 -36.91 -44.74
CA LYS A 655 -27.27 -37.25 -46.15
C LYS A 655 -26.51 -38.51 -46.53
N ARG A 656 -25.22 -38.63 -46.13
CA ARG A 656 -24.39 -39.80 -46.41
C ARG A 656 -25.00 -41.05 -45.81
N GLN A 657 -25.45 -40.98 -44.54
CA GLN A 657 -26.07 -42.08 -43.81
C GLN A 657 -27.34 -42.54 -44.51
N LYS A 658 -28.16 -41.57 -44.96
CA LYS A 658 -29.41 -41.84 -45.66
C LYS A 658 -29.12 -42.46 -47.05
N GLU A 659 -28.00 -42.05 -47.69
CA GLU A 659 -27.54 -42.57 -48.99
C GLU A 659 -27.01 -44.01 -48.83
N LEU A 660 -26.46 -44.36 -47.66
CA LEU A 660 -25.99 -45.72 -47.40
C LEU A 660 -27.18 -46.66 -47.23
N TRP A 661 -28.22 -46.26 -46.49
CA TRP A 661 -29.45 -47.06 -46.30
C TRP A 661 -30.18 -47.23 -47.62
N ASN A 662 -29.95 -46.28 -48.55
CA ASN A 662 -30.50 -46.27 -49.90
C ASN A 662 -29.83 -47.34 -50.74
N LEU A 663 -28.54 -47.58 -50.52
CA LEU A 663 -27.79 -48.62 -51.23
C LEU A 663 -28.36 -49.98 -50.85
N LEU A 664 -28.64 -50.15 -49.54
CA LEU A 664 -29.21 -51.36 -48.94
C LEU A 664 -30.63 -51.63 -49.45
N LYS A 665 -31.34 -50.59 -49.91
CA LYS A 665 -32.68 -50.73 -50.47
C LYS A 665 -32.55 -51.43 -51.81
N ILE A 666 -31.75 -50.81 -52.72
CA ILE A 666 -31.46 -51.26 -54.10
C ILE A 666 -30.96 -52.73 -54.08
N ALA A 667 -30.04 -53.05 -53.15
CA ALA A 667 -29.50 -54.40 -52.99
C ALA A 667 -30.56 -55.39 -52.47
N CYS A 668 -31.55 -54.91 -51.67
CA CYS A 668 -32.62 -55.75 -51.11
C CYS A 668 -33.74 -56.06 -52.12
N SER A 669 -33.56 -55.71 -53.44
CA SER A 669 -34.53 -55.97 -54.50
C SER A 669 -33.95 -56.77 -55.66
N HIS B 7 62.85 31.81 4.46
CA HIS B 7 62.24 32.76 5.41
C HIS B 7 60.76 33.11 5.05
N SER B 8 60.24 32.54 3.94
CA SER B 8 58.87 32.77 3.50
C SER B 8 58.06 31.45 3.50
N TRP B 9 56.77 31.56 3.89
CA TRP B 9 55.74 30.51 3.97
C TRP B 9 55.17 30.22 2.55
N SER B 10 55.35 28.97 2.05
CA SER B 10 54.89 28.51 0.74
C SER B 10 53.39 28.06 0.80
N PRO B 11 52.57 28.32 -0.28
CA PRO B 11 51.15 27.89 -0.30
C PRO B 11 50.92 26.45 -0.82
N SER B 12 51.99 25.80 -1.33
CA SER B 12 52.04 24.44 -1.88
C SER B 12 51.67 23.43 -0.81
N LEU B 13 51.03 22.33 -1.21
CA LEU B 13 50.62 21.35 -0.23
C LEU B 13 51.15 19.94 -0.56
N THR B 14 52.28 19.88 -1.29
CA THR B 14 52.91 18.60 -1.59
C THR B 14 53.74 18.22 -0.36
N THR B 15 53.31 17.14 0.25
CA THR B 15 53.71 16.52 1.51
C THR B 15 55.21 16.16 1.58
N GLN B 16 55.78 15.55 0.52
CA GLN B 16 57.18 15.07 0.34
C GLN B 16 57.18 14.09 -0.81
N THR B 17 58.05 14.29 -1.82
CA THR B 17 58.05 13.38 -2.97
C THR B 17 59.39 12.67 -3.12
N CYS B 18 59.32 11.54 -3.81
CA CYS B 18 60.42 10.67 -4.17
C CYS B 18 60.11 10.06 -5.55
N GLY B 19 60.30 10.87 -6.58
CA GLY B 19 59.97 10.50 -7.96
C GLY B 19 58.47 10.54 -8.16
N ALA B 20 57.90 9.41 -8.59
CA ALA B 20 56.45 9.32 -8.79
C ALA B 20 55.75 9.11 -7.46
N TRP B 21 56.52 8.80 -6.40
CA TRP B 21 55.95 8.48 -5.10
C TRP B 21 55.74 9.70 -4.23
N GLU B 22 54.47 9.97 -3.88
CA GLU B 22 54.08 11.04 -2.98
C GLU B 22 53.79 10.45 -1.60
N MET B 23 54.44 11.01 -0.56
CA MET B 23 54.26 10.56 0.83
C MET B 23 52.87 10.97 1.30
N LYS B 24 52.17 10.07 1.96
CA LYS B 24 50.84 10.41 2.43
C LYS B 24 50.84 10.37 3.94
N GLU B 25 49.74 9.93 4.54
CA GLU B 25 49.61 9.89 6.00
C GLU B 25 50.31 8.66 6.66
N ARG B 26 50.53 8.84 7.97
CA ARG B 26 50.94 7.84 8.94
C ARG B 26 49.81 6.82 9.02
N LEU B 27 50.17 5.55 9.13
CA LEU B 27 49.21 4.47 9.24
C LEU B 27 49.03 4.08 10.72
N GLY B 28 50.08 4.26 11.54
CA GLY B 28 50.02 4.04 12.99
C GLY B 28 49.07 4.98 13.72
N THR B 29 49.01 4.89 15.06
CA THR B 29 48.12 5.75 15.86
C THR B 29 48.91 6.71 16.79
N GLY B 30 49.86 6.19 17.56
CA GLY B 30 50.69 7.00 18.43
C GLY B 30 52.15 6.92 18.02
N GLY B 31 53.01 7.46 18.88
CA GLY B 31 54.46 7.46 18.67
C GLY B 31 54.92 8.45 17.63
N PHE B 32 56.15 8.27 17.09
CA PHE B 32 56.74 9.20 16.11
C PHE B 32 56.11 9.13 14.69
N GLY B 33 55.50 8.01 14.34
CA GLY B 33 54.92 7.79 13.02
C GLY B 33 55.87 6.90 12.26
N ASN B 34 55.91 5.61 12.66
CA ASN B 34 56.82 4.61 12.14
C ASN B 34 56.38 4.00 10.83
N VAL B 35 55.06 3.81 10.60
CA VAL B 35 54.52 3.29 9.35
C VAL B 35 53.74 4.42 8.63
N ILE B 36 54.14 4.74 7.38
CA ILE B 36 53.52 5.80 6.57
C ILE B 36 53.16 5.25 5.15
N ARG B 37 52.01 5.70 4.63
CA ARG B 37 51.52 5.34 3.30
C ARG B 37 52.16 6.24 2.24
N TRP B 38 52.56 5.63 1.12
CA TRP B 38 53.12 6.33 -0.05
C TRP B 38 52.25 5.97 -1.24
N HIS B 39 51.99 6.95 -2.10
CA HIS B 39 51.14 6.78 -3.28
C HIS B 39 51.90 7.19 -4.55
N ASN B 40 51.94 6.30 -5.56
CA ASN B 40 52.55 6.57 -6.86
C ASN B 40 51.56 7.38 -7.72
N GLN B 41 51.92 8.64 -8.01
CA GLN B 41 51.13 9.61 -8.79
C GLN B 41 50.87 9.13 -10.22
N GLU B 42 51.84 8.38 -10.80
CA GLU B 42 51.80 7.86 -12.18
C GLU B 42 51.02 6.54 -12.32
N THR B 43 51.24 5.55 -11.42
CA THR B 43 50.58 4.24 -11.52
C THR B 43 49.34 4.08 -10.61
N GLY B 44 49.25 4.86 -9.52
CA GLY B 44 48.16 4.80 -8.56
C GLY B 44 48.39 3.76 -7.49
N GLU B 45 49.60 3.16 -7.51
CA GLU B 45 50.06 2.11 -6.60
C GLU B 45 50.30 2.68 -5.21
N GLN B 46 49.91 1.90 -4.21
CA GLN B 46 50.07 2.26 -2.80
C GLN B 46 50.94 1.25 -2.10
N ILE B 47 51.76 1.76 -1.19
CA ILE B 47 52.72 1.02 -0.36
C ILE B 47 52.67 1.56 1.05
N ALA B 48 53.20 0.77 2.01
CA ALA B 48 53.35 1.14 3.43
C ALA B 48 54.86 1.05 3.79
N ILE B 49 55.47 2.10 4.39
CA ILE B 49 56.90 1.97 4.73
C ILE B 49 57.13 2.01 6.23
N LYS B 50 57.72 0.93 6.76
CA LYS B 50 58.09 0.90 8.16
C LYS B 50 59.55 1.36 8.24
N GLN B 51 59.82 2.34 9.10
CA GLN B 51 61.17 2.86 9.35
C GLN B 51 61.47 2.71 10.85
N CYS B 52 62.74 2.46 11.18
CA CYS B 52 63.15 2.32 12.57
C CYS B 52 63.30 3.70 13.24
N ARG B 53 63.71 3.71 14.50
CA ARG B 53 63.96 4.96 15.23
C ARG B 53 65.31 5.46 14.76
N GLN B 54 65.49 6.81 14.65
CA GLN B 54 66.72 7.39 14.12
C GLN B 54 68.01 6.89 14.81
N GLU B 55 68.17 7.14 16.13
CA GLU B 55 69.32 6.61 16.84
C GLU B 55 68.91 5.35 17.57
N LEU B 56 69.63 4.23 17.35
CA LEU B 56 69.33 2.96 18.01
C LEU B 56 70.49 2.43 18.80
N SER B 57 70.18 1.72 19.91
CA SER B 57 71.17 0.99 20.68
C SER B 57 71.59 -0.24 19.84
N PRO B 58 72.84 -0.76 19.96
CA PRO B 58 73.25 -1.93 19.15
C PRO B 58 72.29 -3.13 19.25
N ARG B 59 71.57 -3.31 20.39
CA ARG B 59 70.62 -4.42 20.56
C ARG B 59 69.40 -4.23 19.69
N ASN B 60 68.87 -2.99 19.64
CA ASN B 60 67.67 -2.67 18.84
C ASN B 60 68.01 -2.56 17.37
N ARG B 61 69.28 -2.34 17.06
CA ARG B 61 69.81 -2.32 15.70
C ARG B 61 69.76 -3.75 15.16
N GLU B 62 70.16 -4.70 16.02
CA GLU B 62 70.19 -6.14 15.78
C GLU B 62 68.77 -6.67 15.64
N ARG B 63 67.88 -6.17 16.52
CA ARG B 63 66.46 -6.47 16.59
C ARG B 63 65.74 -6.07 15.28
N TRP B 64 66.19 -4.94 14.72
CA TRP B 64 65.68 -4.37 13.47
C TRP B 64 66.07 -5.25 12.31
N CYS B 65 67.33 -5.68 12.23
CA CYS B 65 67.86 -6.50 11.17
C CYS B 65 67.14 -7.83 11.12
N LEU B 66 66.95 -8.44 12.30
CA LEU B 66 66.24 -9.71 12.49
C LEU B 66 64.81 -9.64 11.87
N GLU B 67 64.08 -8.51 12.06
CA GLU B 67 62.75 -8.29 11.48
C GLU B 67 62.82 -8.26 9.95
N ILE B 68 63.76 -7.48 9.38
CA ILE B 68 63.95 -7.34 7.93
C ILE B 68 64.20 -8.72 7.31
N GLN B 69 64.99 -9.55 8.00
CA GLN B 69 65.39 -10.90 7.64
C GLN B 69 64.19 -11.83 7.62
N ILE B 70 63.32 -11.77 8.67
CA ILE B 70 62.12 -12.60 8.81
C ILE B 70 61.16 -12.27 7.67
N MET B 71 60.90 -10.97 7.44
CA MET B 71 60.00 -10.45 6.39
C MET B 71 60.40 -10.90 4.95
N ARG B 72 61.70 -10.88 4.68
CA ARG B 72 62.33 -11.20 3.42
C ARG B 72 62.15 -12.69 3.10
N ARG B 73 62.12 -13.53 4.16
CA ARG B 73 61.97 -14.98 4.15
C ARG B 73 60.54 -15.38 3.86
N LEU B 74 59.60 -14.85 4.66
CA LEU B 74 58.15 -15.10 4.62
C LEU B 74 57.48 -14.81 3.28
N THR B 75 56.53 -15.70 2.91
CA THR B 75 55.72 -15.76 1.70
C THR B 75 54.43 -16.57 1.94
N HIS B 76 53.30 -15.88 2.16
CA HIS B 76 51.99 -16.50 2.43
C HIS B 76 50.83 -15.56 2.02
N PRO B 77 49.70 -16.11 1.48
CA PRO B 77 48.56 -15.26 1.08
C PRO B 77 47.93 -14.43 2.19
N ASN B 78 48.20 -14.77 3.47
CA ASN B 78 47.63 -14.07 4.64
C ASN B 78 48.71 -13.44 5.55
N VAL B 79 49.86 -13.10 4.98
CA VAL B 79 50.97 -12.45 5.68
C VAL B 79 51.45 -11.35 4.74
N VAL B 80 51.44 -10.07 5.19
CA VAL B 80 51.86 -8.94 4.35
C VAL B 80 53.34 -9.13 4.01
N ALA B 81 53.60 -9.28 2.71
CA ALA B 81 54.94 -9.52 2.19
C ALA B 81 55.70 -8.25 2.05
N ALA B 82 57.03 -8.37 2.25
CA ALA B 82 58.04 -7.34 2.04
C ALA B 82 58.11 -7.07 0.53
N ARG B 83 58.04 -5.79 0.13
CA ARG B 83 58.09 -5.29 -1.25
C ARG B 83 59.42 -4.57 -1.46
N ASP B 84 59.89 -4.42 -2.71
CA ASP B 84 61.12 -3.70 -3.02
C ASP B 84 61.00 -2.24 -2.62
N VAL B 85 62.05 -1.66 -2.00
CA VAL B 85 62.01 -0.25 -1.61
C VAL B 85 62.13 0.58 -2.88
N PRO B 86 61.15 1.48 -3.19
CA PRO B 86 61.25 2.31 -4.43
C PRO B 86 62.58 3.06 -4.50
N GLU B 87 63.23 3.05 -5.68
CA GLU B 87 64.55 3.67 -5.90
C GLU B 87 64.58 5.14 -5.50
N GLY B 88 65.46 5.44 -4.56
CA GLY B 88 65.64 6.79 -4.06
C GLY B 88 65.10 7.01 -2.66
N MET B 89 64.27 6.09 -2.16
CA MET B 89 63.68 6.23 -0.83
C MET B 89 64.66 5.93 0.30
N GLN B 90 65.54 4.91 0.16
CA GLN B 90 66.56 4.57 1.16
C GLN B 90 67.44 5.77 1.51
N ASN B 91 67.47 6.78 0.63
CA ASN B 91 68.18 8.03 0.82
C ASN B 91 67.47 8.82 1.93
N LEU B 92 66.13 8.88 1.88
CA LEU B 92 65.27 9.56 2.84
C LEU B 92 64.94 8.66 4.08
N ALA B 93 65.88 7.76 4.47
CA ALA B 93 65.73 6.89 5.63
C ALA B 93 66.45 7.53 6.83
N PRO B 94 65.96 7.33 8.09
CA PRO B 94 66.63 7.95 9.26
C PRO B 94 68.09 7.52 9.54
N ASN B 95 68.48 6.32 9.09
CA ASN B 95 69.84 5.81 9.29
C ASN B 95 70.27 4.88 8.14
N ASP B 96 71.42 4.23 8.29
CA ASP B 96 72.01 3.28 7.33
C ASP B 96 71.17 1.99 7.18
N LEU B 97 70.33 1.68 8.18
CA LEU B 97 69.48 0.50 8.20
C LEU B 97 68.38 0.58 7.16
N PRO B 98 68.05 -0.56 6.50
CA PRO B 98 67.03 -0.56 5.45
C PRO B 98 65.64 -0.20 5.96
N LEU B 99 64.78 0.20 5.01
CA LEU B 99 63.37 0.47 5.24
C LEU B 99 62.61 -0.83 4.99
N LEU B 100 61.38 -0.93 5.50
CA LEU B 100 60.55 -2.08 5.22
C LEU B 100 59.40 -1.61 4.36
N ALA B 101 59.51 -1.86 3.04
CA ALA B 101 58.43 -1.51 2.09
C ALA B 101 57.44 -2.67 2.06
N MET B 102 56.18 -2.39 2.26
CA MET B 102 55.13 -3.43 2.28
C MET B 102 53.94 -3.02 1.42
N GLU B 103 53.09 -3.98 1.06
CA GLU B 103 51.85 -3.72 0.33
C GLU B 103 50.89 -2.90 1.22
N TYR B 104 50.10 -2.00 0.60
CA TYR B 104 49.10 -1.25 1.34
C TYR B 104 47.77 -2.00 1.26
N CYS B 105 47.17 -2.25 2.42
CA CYS B 105 45.91 -2.99 2.57
C CYS B 105 44.77 -2.00 2.82
N GLN B 106 44.03 -1.73 1.74
CA GLN B 106 42.91 -0.80 1.61
C GLN B 106 41.72 -1.00 2.59
N GLY B 107 41.47 -2.24 3.05
CA GLY B 107 40.41 -2.55 4.01
C GLY B 107 40.66 -1.95 5.38
N GLY B 108 41.93 -1.68 5.68
CA GLY B 108 42.34 -1.12 6.95
C GLY B 108 42.52 -2.19 8.00
N ASP B 109 42.84 -1.78 9.22
CA ASP B 109 43.07 -2.71 10.31
C ASP B 109 41.74 -3.27 10.92
N LEU B 110 41.85 -4.37 11.66
CA LEU B 110 40.73 -5.05 12.29
C LEU B 110 40.16 -4.22 13.46
N ARG B 111 40.99 -3.41 14.13
CA ARG B 111 40.51 -2.57 15.23
C ARG B 111 39.45 -1.58 14.72
N LYS B 112 39.67 -0.98 13.54
CA LYS B 112 38.71 -0.07 12.87
C LYS B 112 37.36 -0.78 12.67
N TYR B 113 37.38 -2.06 12.20
CA TYR B 113 36.16 -2.85 11.98
C TYR B 113 35.45 -3.11 13.28
N LEU B 114 36.21 -3.52 14.33
CA LEU B 114 35.67 -3.77 15.67
C LEU B 114 35.06 -2.51 16.30
N ASN B 115 35.55 -1.33 15.91
CA ASN B 115 35.07 -0.06 16.40
C ASN B 115 33.79 0.44 15.68
N GLN B 116 33.46 -0.05 14.45
CA GLN B 116 32.21 0.28 13.74
C GLN B 116 31.05 -0.01 14.68
N PHE B 117 30.25 1.01 14.98
CA PHE B 117 29.17 0.99 15.95
C PHE B 117 28.19 -0.18 15.79
N GLU B 118 28.00 -0.67 14.56
CA GLU B 118 27.11 -1.81 14.29
C GLU B 118 27.79 -3.17 14.61
N ASN B 119 29.01 -3.11 15.16
CA ASN B 119 29.84 -4.27 15.54
C ASN B 119 30.15 -4.22 17.03
N CYS B 120 29.32 -3.51 17.82
CA CYS B 120 29.50 -3.39 19.27
C CYS B 120 29.28 -4.75 19.97
N CYS B 121 28.33 -5.57 19.49
CA CYS B 121 28.02 -6.92 19.99
C CYS B 121 28.62 -7.98 19.06
N GLY B 122 29.82 -7.71 18.54
CA GLY B 122 30.57 -8.61 17.66
C GLY B 122 30.28 -8.47 16.19
N LEU B 123 31.16 -9.05 15.36
CA LEU B 123 31.05 -9.06 13.91
C LEU B 123 30.01 -10.09 13.43
N ARG B 124 29.67 -10.04 12.13
CA ARG B 124 28.71 -10.97 11.52
C ARG B 124 29.38 -12.32 11.35
N GLU B 125 28.58 -13.39 11.25
CA GLU B 125 29.04 -14.78 11.14
C GLU B 125 30.04 -14.97 9.97
N GLY B 126 29.75 -14.37 8.81
CA GLY B 126 30.62 -14.48 7.64
C GLY B 126 32.00 -13.93 7.92
N ALA B 127 32.04 -12.72 8.51
CA ALA B 127 33.22 -11.98 8.89
C ALA B 127 34.09 -12.73 9.92
N ILE B 128 33.45 -13.53 10.81
CA ILE B 128 34.13 -14.32 11.83
C ILE B 128 34.81 -15.56 11.16
N LEU B 129 34.08 -16.27 10.29
CA LEU B 129 34.61 -17.44 9.60
C LEU B 129 35.81 -17.08 8.70
N THR B 130 35.75 -15.95 7.94
CA THR B 130 36.89 -15.53 7.10
C THR B 130 38.09 -15.05 7.96
N LEU B 131 37.83 -14.43 9.14
CA LEU B 131 38.89 -14.00 10.04
C LEU B 131 39.64 -15.20 10.57
N LEU B 132 38.90 -16.12 11.22
CA LEU B 132 39.41 -17.34 11.83
C LEU B 132 40.26 -18.13 10.84
N SER B 133 39.74 -18.40 9.63
CA SER B 133 40.39 -19.13 8.55
C SER B 133 41.72 -18.48 8.08
N ASP B 134 41.69 -17.16 7.80
CA ASP B 134 42.80 -16.38 7.31
C ASP B 134 43.92 -16.27 8.36
N ILE B 135 43.56 -16.04 9.64
CA ILE B 135 44.54 -15.85 10.72
C ILE B 135 45.11 -17.20 11.20
N ALA B 136 44.30 -18.28 11.20
CA ALA B 136 44.78 -19.59 11.58
C ALA B 136 45.84 -20.05 10.58
N SER B 137 45.57 -19.84 9.28
CA SER B 137 46.47 -20.21 8.18
C SER B 137 47.79 -19.44 8.23
N ALA B 138 47.75 -18.17 8.65
CA ALA B 138 48.94 -17.32 8.75
C ALA B 138 49.81 -17.70 9.96
N LEU B 139 49.19 -17.93 11.14
CA LEU B 139 49.84 -18.35 12.37
C LEU B 139 50.49 -19.72 12.18
N ARG B 140 49.79 -20.63 11.48
CA ARG B 140 50.24 -21.98 11.11
C ARG B 140 51.49 -21.88 10.26
N TYR B 141 51.50 -20.98 9.25
CA TYR B 141 52.64 -20.77 8.37
C TYR B 141 53.84 -20.29 9.19
N LEU B 142 53.62 -19.30 10.07
CA LEU B 142 54.65 -18.73 10.91
C LEU B 142 55.25 -19.80 11.81
N HIS B 143 54.40 -20.47 12.59
CA HIS B 143 54.83 -21.47 13.55
C HIS B 143 55.54 -22.65 12.87
N GLU B 144 55.09 -23.10 11.65
CA GLU B 144 55.71 -24.21 10.90
C GLU B 144 57.09 -23.79 10.38
N ASN B 145 57.29 -22.48 10.09
CA ASN B 145 58.54 -21.89 9.63
C ASN B 145 59.33 -21.38 10.82
N ARG B 146 58.93 -21.85 12.03
CA ARG B 146 59.55 -21.64 13.33
C ARG B 146 59.69 -20.12 13.72
N ILE B 147 58.61 -19.34 13.47
CA ILE B 147 58.49 -17.92 13.83
C ILE B 147 57.35 -17.76 14.82
N ILE B 148 57.61 -17.06 15.93
CA ILE B 148 56.60 -16.73 16.96
C ILE B 148 56.29 -15.21 16.83
N HIS B 149 55.01 -14.83 16.65
CA HIS B 149 54.61 -13.42 16.46
C HIS B 149 54.90 -12.54 17.69
N ARG B 150 54.41 -12.93 18.89
CA ARG B 150 54.61 -12.30 20.21
C ARG B 150 53.85 -10.95 20.41
N ASP B 151 53.15 -10.42 19.40
CA ASP B 151 52.33 -9.21 19.55
C ASP B 151 51.05 -9.31 18.69
N LEU B 152 50.44 -10.49 18.60
CA LEU B 152 49.21 -10.66 17.80
C LEU B 152 48.01 -9.93 18.48
N LYS B 153 47.28 -9.08 17.71
CA LYS B 153 46.14 -8.29 18.17
C LYS B 153 45.37 -7.66 16.96
N PRO B 154 44.14 -7.09 17.13
CA PRO B 154 43.41 -6.49 15.98
C PRO B 154 44.18 -5.40 15.22
N GLU B 155 45.08 -4.68 15.91
CA GLU B 155 45.92 -3.63 15.34
C GLU B 155 46.99 -4.21 14.42
N ASN B 156 47.27 -5.52 14.56
CA ASN B 156 48.28 -6.23 13.80
C ASN B 156 47.68 -7.14 12.74
N ILE B 157 46.39 -6.91 12.44
CA ILE B 157 45.62 -7.59 11.40
C ILE B 157 45.05 -6.50 10.49
N VAL B 158 45.38 -6.57 9.21
CA VAL B 158 44.90 -5.61 8.21
C VAL B 158 44.11 -6.38 7.16
N LEU B 159 43.17 -5.70 6.53
CA LEU B 159 42.26 -6.24 5.55
C LEU B 159 42.64 -5.76 4.15
N GLN B 160 42.89 -6.68 3.26
CA GLN B 160 43.22 -6.33 1.89
C GLN B 160 42.01 -6.60 1.01
N GLN B 161 41.87 -5.82 -0.06
CA GLN B 161 40.79 -6.06 -0.99
C GLN B 161 41.19 -7.17 -1.99
N GLY B 162 40.52 -8.32 -1.86
CA GLY B 162 40.68 -9.46 -2.76
C GLY B 162 39.76 -9.31 -3.95
N GLU B 163 39.70 -10.32 -4.84
CA GLU B 163 38.83 -10.22 -6.01
C GLU B 163 37.35 -10.47 -5.68
N GLN B 164 37.07 -11.30 -4.64
CA GLN B 164 35.70 -11.64 -4.27
C GLN B 164 35.33 -11.33 -2.80
N ARG B 165 36.34 -11.10 -1.92
CA ARG B 165 36.12 -10.80 -0.49
C ARG B 165 37.27 -9.95 0.09
N LEU B 166 37.19 -9.61 1.41
CA LEU B 166 38.26 -8.90 2.13
C LEU B 166 39.14 -9.96 2.77
N ILE B 167 40.46 -9.92 2.49
CA ILE B 167 41.44 -10.88 2.99
C ILE B 167 42.13 -10.33 4.22
N HIS B 168 42.10 -11.09 5.35
CA HIS B 168 42.83 -10.69 6.57
C HIS B 168 44.30 -11.12 6.44
N LYS B 169 45.22 -10.22 6.78
CA LYS B 169 46.65 -10.45 6.68
C LYS B 169 47.33 -10.06 7.99
N ILE B 170 48.47 -10.71 8.31
CA ILE B 170 49.22 -10.42 9.53
C ILE B 170 50.35 -9.45 9.19
N ILE B 171 50.53 -8.47 10.08
CA ILE B 171 51.56 -7.46 9.96
C ILE B 171 52.38 -7.45 11.26
N ASP B 172 53.41 -6.59 11.30
CA ASP B 172 54.31 -6.28 12.42
C ASP B 172 55.02 -7.51 12.98
N LEU B 173 56.19 -7.77 12.44
CA LEU B 173 57.01 -8.88 12.91
C LEU B 173 58.19 -8.32 13.73
N GLY B 174 57.95 -7.17 14.36
CA GLY B 174 58.90 -6.43 15.20
C GLY B 174 59.16 -7.03 16.56
N TYR B 175 58.29 -7.94 17.01
CA TYR B 175 58.48 -8.59 18.29
C TYR B 175 58.82 -10.05 18.07
N ALA B 176 58.54 -10.56 16.85
CA ALA B 176 58.76 -11.92 16.36
C ALA B 176 60.21 -12.42 16.54
N LYS B 177 60.32 -13.71 16.90
CA LYS B 177 61.58 -14.42 17.13
C LYS B 177 61.63 -15.71 16.29
N GLU B 178 62.83 -16.07 15.75
CA GLU B 178 63.07 -17.33 15.03
C GLU B 178 63.40 -18.43 16.07
N LEU B 179 62.76 -19.60 15.96
CA LEU B 179 62.94 -20.73 16.89
C LEU B 179 63.68 -21.90 16.24
N SEP B 183 61.56 -24.45 20.72
CA SEP B 183 62.41 -23.57 21.52
CB SEP B 183 63.43 -22.79 20.63
OG SEP B 183 64.72 -23.47 20.58
C SEP B 183 61.61 -22.62 22.45
O SEP B 183 60.42 -22.36 22.20
P SEP B 183 66.04 -22.60 20.85
O1P SEP B 183 67.26 -23.19 20.10
O2P SEP B 183 66.43 -22.73 22.33
O3P SEP B 183 65.89 -21.06 20.44
N LEU B 184 62.28 -22.13 23.50
CA LEU B 184 61.72 -21.22 24.51
C LEU B 184 62.30 -19.81 24.42
N CYS B 185 61.46 -18.80 24.70
CA CYS B 185 61.81 -17.37 24.68
C CYS B 185 61.65 -16.81 26.10
N THR B 186 62.25 -15.63 26.37
CA THR B 186 62.20 -15.01 27.71
C THR B 186 61.67 -13.58 27.69
N SEP B 187 61.99 -12.80 26.64
CA SEP B 187 61.67 -11.37 26.44
CB SEP B 187 61.95 -11.01 24.96
OG SEP B 187 63.36 -10.94 24.61
C SEP B 187 60.24 -10.90 26.78
O SEP B 187 59.25 -11.50 26.34
P SEP B 187 63.88 -12.14 23.74
O1P SEP B 187 63.27 -13.53 24.17
O2P SEP B 187 63.71 -11.88 22.23
O3P SEP B 187 65.44 -12.21 23.94
N PHE B 188 60.15 -9.79 27.56
CA PHE B 188 58.89 -9.16 27.97
C PHE B 188 58.41 -8.21 26.84
N VAL B 189 57.80 -8.82 25.81
CA VAL B 189 57.32 -8.15 24.60
C VAL B 189 55.82 -8.40 24.41
N GLY B 190 55.14 -7.45 23.77
CA GLY B 190 53.72 -7.58 23.48
C GLY B 190 52.85 -6.41 23.91
N THR B 191 51.54 -6.69 24.03
CA THR B 191 50.49 -5.76 24.38
C THR B 191 49.78 -6.32 25.57
N LEU B 192 49.70 -5.52 26.63
CA LEU B 192 49.11 -5.89 27.91
C LEU B 192 47.76 -6.61 27.77
N GLN B 193 46.91 -6.08 26.91
CA GLN B 193 45.54 -6.53 26.66
C GLN B 193 45.45 -7.98 26.12
N TYR B 194 46.50 -8.48 25.41
CA TYR B 194 46.55 -9.82 24.77
C TYR B 194 47.75 -10.62 25.28
N LEU B 195 48.34 -10.17 26.39
CA LEU B 195 49.54 -10.74 27.01
C LEU B 195 49.20 -11.99 27.83
N ALA B 196 49.72 -13.16 27.36
CA ALA B 196 49.51 -14.45 27.98
C ALA B 196 49.91 -14.42 29.46
N PRO B 197 49.16 -15.08 30.38
CA PRO B 197 49.56 -15.07 31.80
C PRO B 197 51.06 -15.20 32.01
N GLU B 198 51.73 -16.23 31.39
CA GLU B 198 53.15 -16.53 31.51
C GLU B 198 54.07 -15.32 31.40
N LEU B 199 53.77 -14.39 30.46
CA LEU B 199 54.58 -13.20 30.22
C LEU B 199 54.56 -12.23 31.39
N LEU B 200 53.42 -12.13 32.12
CA LEU B 200 53.29 -11.31 33.32
C LEU B 200 54.01 -11.98 34.50
N GLU B 201 54.06 -13.32 34.47
CA GLU B 201 54.73 -14.15 35.48
C GLU B 201 56.24 -14.16 35.25
N GLN B 202 56.64 -13.55 34.12
CA GLN B 202 57.99 -13.33 33.59
C GLN B 202 58.72 -14.66 33.47
N GLN B 203 57.99 -15.69 33.04
CA GLN B 203 58.53 -17.03 32.87
C GLN B 203 58.97 -17.23 31.41
N LYS B 204 59.64 -18.37 31.17
CA LYS B 204 60.05 -18.82 29.85
C LYS B 204 58.79 -19.30 29.13
N TYR B 205 58.70 -19.12 27.81
CA TYR B 205 57.47 -19.48 27.10
C TYR B 205 57.72 -20.03 25.69
N THR B 206 56.61 -20.33 24.95
CA THR B 206 56.58 -20.97 23.62
C THR B 206 55.51 -20.36 22.70
N VAL B 207 55.24 -21.04 21.56
CA VAL B 207 54.22 -20.68 20.54
C VAL B 207 52.83 -20.52 21.16
N THR B 208 52.55 -21.19 22.29
CA THR B 208 51.27 -21.10 23.02
C THR B 208 50.95 -19.66 23.50
N VAL B 209 51.93 -18.73 23.43
CA VAL B 209 51.70 -17.32 23.73
C VAL B 209 50.83 -16.71 22.60
N ASP B 210 51.01 -17.18 21.34
CA ASP B 210 50.28 -16.74 20.15
C ASP B 210 48.88 -17.35 20.11
N TYR B 211 48.65 -18.47 20.84
CA TYR B 211 47.32 -19.12 20.91
C TYR B 211 46.40 -18.26 21.75
N TRP B 212 46.94 -17.78 22.90
CA TRP B 212 46.26 -16.91 23.85
C TRP B 212 45.72 -15.65 23.14
N SER B 213 46.64 -14.96 22.39
CA SER B 213 46.40 -13.76 21.60
C SER B 213 45.33 -14.00 20.57
N PHE B 214 45.44 -15.09 19.80
CA PHE B 214 44.47 -15.48 18.76
C PHE B 214 43.08 -15.75 19.38
N GLY B 215 43.06 -16.47 20.52
CA GLY B 215 41.86 -16.76 21.27
C GLY B 215 41.14 -15.54 21.83
N THR B 216 41.88 -14.60 22.47
CA THR B 216 41.32 -13.38 23.05
C THR B 216 40.71 -12.51 21.92
N LEU B 217 41.47 -12.38 20.83
CA LEU B 217 41.18 -11.66 19.59
C LEU B 217 39.87 -12.22 18.97
N ALA B 218 39.83 -13.56 18.75
CA ALA B 218 38.69 -14.29 18.19
C ALA B 218 37.42 -14.04 19.00
N PHE B 219 37.52 -14.19 20.33
CA PHE B 219 36.44 -13.95 21.26
C PHE B 219 35.91 -12.53 21.11
N GLU B 220 36.80 -11.53 21.06
CA GLU B 220 36.46 -10.12 20.91
C GLU B 220 35.69 -9.88 19.62
N CYS B 221 36.00 -10.62 18.56
CA CYS B 221 35.30 -10.49 17.29
C CYS B 221 33.93 -11.16 17.34
N ILE B 222 33.77 -12.17 18.18
CA ILE B 222 32.49 -12.85 18.29
C ILE B 222 31.53 -12.01 19.16
N THR B 223 32.01 -11.53 20.31
CA THR B 223 31.20 -10.88 21.33
C THR B 223 31.23 -9.33 21.33
N GLY B 224 32.31 -8.73 20.84
CA GLY B 224 32.48 -7.28 20.83
C GLY B 224 33.39 -6.78 21.93
N PHE B 225 33.77 -7.67 22.86
CA PHE B 225 34.64 -7.35 23.99
C PHE B 225 35.57 -8.51 24.29
N ARG B 226 36.64 -8.26 25.07
CA ARG B 226 37.65 -9.26 25.39
C ARG B 226 37.16 -10.26 26.45
N PRO B 227 37.69 -11.51 26.44
CA PRO B 227 37.15 -12.53 27.36
C PRO B 227 37.37 -12.28 28.84
N PHE B 228 38.59 -11.89 29.23
CA PHE B 228 39.00 -11.77 30.63
C PHE B 228 39.20 -10.33 31.10
N LEU B 229 38.25 -9.87 31.95
CA LEU B 229 38.18 -8.58 32.64
C LEU B 229 38.92 -7.45 31.89
N PRO B 230 38.36 -6.96 30.77
CA PRO B 230 39.01 -5.87 30.03
C PRO B 230 39.19 -4.59 30.85
N ASN B 231 40.32 -3.92 30.60
CA ASN B 231 40.75 -2.66 31.18
C ASN B 231 41.01 -2.73 32.71
N TRP B 232 41.14 -3.95 33.26
CA TRP B 232 41.50 -4.18 34.66
C TRP B 232 43.02 -4.08 34.74
N GLN B 233 43.55 -3.57 35.84
CA GLN B 233 44.99 -3.40 36.00
C GLN B 233 45.69 -4.77 36.23
N PRO B 234 46.93 -4.95 35.68
CA PRO B 234 47.58 -6.28 35.66
C PRO B 234 47.58 -7.09 36.95
N VAL B 235 47.93 -6.48 38.09
CA VAL B 235 48.04 -7.17 39.38
C VAL B 235 46.68 -7.78 39.78
N GLN B 236 45.62 -6.97 39.71
CA GLN B 236 44.23 -7.29 40.03
C GLN B 236 43.71 -8.34 39.07
N TRP B 237 43.96 -8.12 37.74
CA TRP B 237 43.61 -9.00 36.62
C TRP B 237 44.18 -10.39 36.89
N HIS B 238 45.51 -10.49 37.07
CA HIS B 238 46.21 -11.74 37.33
C HIS B 238 45.60 -12.47 38.52
N SER B 239 45.35 -11.78 39.65
CA SER B 239 44.76 -12.35 40.85
C SER B 239 43.36 -12.93 40.63
N LYS B 240 42.53 -12.28 39.79
CA LYS B 240 41.18 -12.79 39.60
C LYS B 240 41.11 -13.88 38.51
N VAL B 241 41.72 -13.65 37.33
CA VAL B 241 41.66 -14.57 36.18
C VAL B 241 42.36 -15.93 36.49
N ARG B 242 43.35 -15.93 37.41
CA ARG B 242 44.05 -17.11 37.92
C ARG B 242 43.07 -18.15 38.46
N GLN B 243 42.01 -17.65 39.09
CA GLN B 243 41.00 -18.44 39.74
C GLN B 243 40.07 -19.20 38.76
N LYS B 244 40.11 -18.93 37.46
CA LYS B 244 39.21 -19.59 36.49
C LYS B 244 39.54 -21.08 36.29
N SER B 245 38.51 -21.86 35.88
CA SER B 245 38.63 -23.27 35.59
C SER B 245 39.13 -23.47 34.14
N GLU B 246 39.51 -24.69 33.76
CA GLU B 246 40.02 -25.07 32.44
C GLU B 246 39.03 -24.78 31.28
N VAL B 247 37.72 -24.84 31.61
CA VAL B 247 36.60 -24.66 30.69
C VAL B 247 36.12 -23.18 30.61
N ASP B 248 36.63 -22.26 31.46
CA ASP B 248 36.18 -20.87 31.47
C ASP B 248 36.83 -20.03 30.35
N ILE B 249 35.98 -19.39 29.53
CA ILE B 249 36.38 -18.54 28.41
C ILE B 249 35.94 -17.06 28.63
N VAL B 250 35.25 -16.76 29.74
CA VAL B 250 34.83 -15.39 30.03
C VAL B 250 34.77 -15.17 31.57
N VAL B 251 35.40 -14.06 32.00
CA VAL B 251 35.46 -13.51 33.35
C VAL B 251 35.09 -12.03 33.20
N SER B 252 33.89 -11.68 33.69
CA SER B 252 33.30 -10.36 33.53
C SER B 252 32.75 -9.81 34.84
N GLU B 253 32.36 -8.53 34.81
CA GLU B 253 31.79 -7.78 35.91
C GLU B 253 30.33 -7.46 35.60
N ASP B 254 29.37 -7.90 36.46
CA ASP B 254 27.96 -7.63 36.18
C ASP B 254 27.59 -6.18 36.61
N LEU B 255 26.31 -5.79 36.36
CA LEU B 255 25.74 -4.47 36.66
C LEU B 255 25.87 -4.10 38.14
N ASN B 256 25.94 -5.12 39.02
CA ASN B 256 26.04 -5.00 40.48
C ASN B 256 27.47 -5.22 40.91
N GLY B 257 28.37 -5.14 39.92
CA GLY B 257 29.81 -5.32 40.00
C GLY B 257 30.40 -6.65 40.43
N THR B 258 29.60 -7.72 40.54
CA THR B 258 30.09 -9.04 40.92
C THR B 258 30.88 -9.63 39.75
N VAL B 259 32.05 -10.21 40.04
CA VAL B 259 32.87 -10.82 38.99
C VAL B 259 32.39 -12.29 38.82
N LYS B 260 31.95 -12.62 37.59
CA LYS B 260 31.38 -13.93 37.24
C LYS B 260 32.21 -14.63 36.17
N PHE B 261 32.42 -15.93 36.38
CA PHE B 261 33.19 -16.79 35.49
C PHE B 261 32.24 -17.71 34.70
N SER B 262 32.49 -17.94 33.38
CA SER B 262 31.61 -18.82 32.60
C SER B 262 32.33 -19.63 31.50
N SER B 263 31.86 -20.86 31.31
CA SER B 263 32.27 -21.88 30.33
C SER B 263 31.69 -21.57 28.95
N SER B 264 30.54 -20.86 28.95
CA SER B 264 29.71 -20.52 27.81
C SER B 264 30.11 -19.19 27.13
N LEU B 265 29.87 -19.14 25.81
CA LEU B 265 30.09 -17.99 24.95
C LEU B 265 28.94 -17.02 25.21
N PRO B 266 29.24 -15.74 25.55
CA PRO B 266 28.17 -14.80 25.93
C PRO B 266 27.18 -14.43 24.83
N TYR B 267 25.97 -14.07 25.24
CA TYR B 267 24.96 -13.56 24.31
C TYR B 267 24.76 -12.08 24.61
N PRO B 268 24.60 -11.17 23.61
CA PRO B 268 24.36 -11.38 22.17
C PRO B 268 25.62 -11.57 21.30
N ASN B 269 25.50 -12.47 20.30
CA ASN B 269 26.50 -12.76 19.27
C ASN B 269 25.73 -13.07 18.00
N ASN B 270 26.37 -12.93 16.83
CA ASN B 270 25.68 -13.10 15.55
C ASN B 270 25.98 -14.49 14.91
N LEU B 271 26.41 -15.50 15.74
CA LEU B 271 26.69 -16.89 15.34
C LEU B 271 25.46 -17.77 15.44
N ASN B 272 25.45 -18.85 14.67
CA ASN B 272 24.36 -19.83 14.71
C ASN B 272 24.61 -20.80 15.87
N SER B 273 23.55 -21.49 16.32
CA SER B 273 23.50 -22.47 17.39
C SER B 273 24.71 -23.42 17.43
N VAL B 274 25.00 -24.13 16.32
CA VAL B 274 26.08 -25.13 16.20
C VAL B 274 27.46 -24.45 16.29
N LEU B 275 27.68 -23.37 15.49
CA LEU B 275 28.93 -22.61 15.48
C LEU B 275 29.28 -22.05 16.87
N ALA B 276 28.29 -21.50 17.59
CA ALA B 276 28.47 -21.00 18.95
C ALA B 276 28.95 -22.14 19.88
N GLU B 277 28.29 -23.29 19.82
CA GLU B 277 28.63 -24.47 20.62
C GLU B 277 30.05 -24.98 20.31
N ARG B 278 30.37 -25.11 19.01
CA ARG B 278 31.65 -25.66 18.57
C ARG B 278 32.82 -24.66 18.73
N LEU B 279 32.59 -23.34 18.52
CA LEU B 279 33.65 -22.34 18.74
C LEU B 279 33.94 -22.12 20.24
N GLU B 280 32.92 -22.28 21.08
CA GLU B 280 32.95 -22.20 22.54
C GLU B 280 33.98 -23.16 23.08
N LYS B 281 33.90 -24.45 22.67
CA LYS B 281 34.82 -25.48 23.12
C LYS B 281 36.23 -25.28 22.50
N TRP B 282 36.34 -24.75 21.27
CA TRP B 282 37.64 -24.47 20.64
C TRP B 282 38.32 -23.32 21.39
N LEU B 283 37.53 -22.36 21.88
CA LEU B 283 38.09 -21.26 22.64
C LEU B 283 38.68 -21.73 23.98
N GLN B 284 38.11 -22.78 24.61
CA GLN B 284 38.62 -23.33 25.86
C GLN B 284 40.08 -23.80 25.71
N LEU B 285 40.41 -24.37 24.53
CA LEU B 285 41.76 -24.81 24.11
C LEU B 285 42.74 -23.63 24.07
N MET B 286 42.29 -22.49 23.53
CA MET B 286 43.09 -21.30 23.27
C MET B 286 43.23 -20.36 24.46
N LEU B 287 42.18 -20.26 25.30
CA LEU B 287 42.16 -19.37 26.47
C LEU B 287 42.49 -20.13 27.78
N MET B 288 43.19 -21.24 27.62
CA MET B 288 43.66 -22.16 28.65
C MET B 288 44.78 -21.49 29.44
N TRP B 289 44.64 -21.39 30.79
CA TRP B 289 45.66 -20.76 31.65
C TRP B 289 46.98 -21.50 31.58
N HIS B 290 46.94 -22.85 31.66
CA HIS B 290 48.13 -23.72 31.57
C HIS B 290 48.85 -23.48 30.25
N PRO B 291 50.14 -23.05 30.30
CA PRO B 291 50.84 -22.70 29.04
C PRO B 291 51.16 -23.89 28.15
N ARG B 292 51.52 -25.07 28.75
CA ARG B 292 51.89 -26.26 27.97
C ARG B 292 50.65 -26.96 27.40
N GLN B 293 49.54 -26.94 28.16
CA GLN B 293 48.26 -27.55 27.81
C GLN B 293 47.45 -26.73 26.80
N ARG B 294 47.74 -25.42 26.70
CA ARG B 294 47.07 -24.53 25.76
C ARG B 294 47.30 -25.00 24.31
N GLY B 295 46.22 -25.02 23.52
CA GLY B 295 46.24 -25.45 22.13
C GLY B 295 46.23 -26.96 21.91
N THR B 296 46.35 -27.78 22.99
CA THR B 296 46.31 -29.25 22.91
C THR B 296 44.88 -29.71 22.71
N ASP B 297 44.64 -30.38 21.58
CA ASP B 297 43.34 -30.91 21.19
C ASP B 297 43.21 -32.38 21.69
N PRO B 298 42.02 -32.82 22.20
CA PRO B 298 41.88 -34.22 22.66
C PRO B 298 42.10 -35.26 21.54
N THR B 299 41.89 -34.86 20.27
CA THR B 299 42.10 -35.74 19.12
C THR B 299 43.51 -35.57 18.54
N TYR B 300 43.88 -34.32 18.17
CA TYR B 300 45.10 -33.97 17.45
C TYR B 300 46.34 -33.69 18.32
N GLY B 301 46.22 -33.86 19.63
CA GLY B 301 47.32 -33.67 20.57
C GLY B 301 47.85 -32.26 20.68
N PRO B 302 49.11 -32.09 21.16
CA PRO B 302 49.68 -30.74 21.33
C PRO B 302 49.78 -30.01 20.01
N ASN B 303 49.43 -28.70 20.01
CA ASN B 303 49.44 -27.79 18.86
C ASN B 303 48.38 -28.21 17.78
N GLY B 304 47.38 -28.99 18.21
CA GLY B 304 46.30 -29.46 17.35
C GLY B 304 45.09 -28.54 17.28
N CYS B 305 45.21 -27.32 17.79
CA CYS B 305 44.16 -26.31 17.84
C CYS B 305 43.80 -25.80 16.43
N PHE B 306 44.79 -25.82 15.50
CA PHE B 306 44.58 -25.37 14.12
C PHE B 306 43.77 -26.39 13.33
N LYS B 307 44.05 -27.71 13.54
CA LYS B 307 43.35 -28.80 12.87
C LYS B 307 41.92 -28.91 13.43
N ALA B 308 41.76 -28.62 14.74
CA ALA B 308 40.47 -28.58 15.43
C ALA B 308 39.52 -27.57 14.79
N LEU B 309 40.01 -26.32 14.56
CA LEU B 309 39.29 -25.21 13.94
C LEU B 309 38.97 -25.55 12.49
N ASP B 310 39.92 -26.22 11.79
CA ASP B 310 39.72 -26.66 10.41
C ASP B 310 38.47 -27.49 10.28
N ASP B 311 38.21 -28.41 11.26
CA ASP B 311 37.00 -29.25 11.30
C ASP B 311 35.73 -28.39 11.39
N ILE B 312 35.70 -27.45 12.36
CA ILE B 312 34.62 -26.48 12.59
C ILE B 312 34.34 -25.68 11.31
N LEU B 313 35.40 -25.11 10.70
CA LEU B 313 35.31 -24.31 9.49
C LEU B 313 34.81 -25.11 8.29
N ASN B 314 35.20 -26.40 8.18
CA ASN B 314 34.81 -27.24 7.05
C ASN B 314 33.41 -27.86 7.19
N LEU B 315 32.71 -27.59 8.33
CA LEU B 315 31.34 -28.04 8.58
C LEU B 315 30.38 -27.46 7.55
N LYS B 316 29.46 -28.30 7.04
CA LYS B 316 28.42 -27.92 6.06
C LYS B 316 27.08 -27.88 6.81
N LEU B 317 26.59 -26.67 7.11
CA LEU B 317 25.40 -26.47 7.94
C LEU B 317 24.15 -26.16 7.15
N VAL B 318 23.03 -26.69 7.65
CA VAL B 318 21.70 -26.52 7.09
C VAL B 318 20.82 -25.84 8.15
N HIS B 319 20.20 -24.69 7.79
CA HIS B 319 19.34 -23.92 8.69
C HIS B 319 17.87 -24.06 8.29
N ILE B 320 17.07 -24.64 9.19
CA ILE B 320 15.63 -24.89 9.01
C ILE B 320 14.84 -23.96 9.92
N LEU B 321 13.86 -23.24 9.35
CA LEU B 321 13.03 -22.37 10.16
C LEU B 321 11.69 -23.04 10.38
N ASN B 322 11.41 -23.43 11.64
CA ASN B 322 10.11 -24.03 11.93
C ASN B 322 9.08 -22.90 12.03
N MET B 323 8.17 -22.82 11.05
CA MET B 323 7.16 -21.77 10.98
C MET B 323 6.14 -21.88 12.12
N VAL B 324 5.98 -23.09 12.69
CA VAL B 324 5.02 -23.34 13.76
C VAL B 324 5.44 -22.55 15.01
N THR B 325 6.73 -22.65 15.41
CA THR B 325 7.32 -22.02 16.59
C THR B 325 8.08 -20.71 16.31
N GLY B 326 8.71 -20.60 15.15
CA GLY B 326 9.51 -19.44 14.79
C GLY B 326 10.95 -19.59 15.23
N THR B 327 11.44 -20.83 15.37
CA THR B 327 12.82 -21.07 15.82
C THR B 327 13.64 -21.72 14.70
N ILE B 328 14.94 -21.33 14.64
CA ILE B 328 15.89 -21.80 13.63
C ILE B 328 16.68 -22.99 14.18
N HIS B 329 16.53 -24.15 13.50
CA HIS B 329 17.23 -25.40 13.80
C HIS B 329 18.41 -25.56 12.82
N THR B 330 19.62 -25.70 13.36
CA THR B 330 20.87 -25.84 12.59
C THR B 330 21.36 -27.31 12.68
N TYR B 331 21.61 -27.92 11.51
CA TYR B 331 22.03 -29.32 11.40
C TYR B 331 23.33 -29.49 10.64
N PRO B 332 24.42 -29.94 11.32
CA PRO B 332 25.64 -30.29 10.57
C PRO B 332 25.35 -31.49 9.67
N VAL B 333 25.52 -31.34 8.35
CA VAL B 333 25.21 -32.37 7.37
C VAL B 333 26.49 -32.86 6.67
N THR B 334 26.48 -34.14 6.22
CA THR B 334 27.58 -34.76 5.47
C THR B 334 27.18 -34.86 4.00
N GLU B 335 28.17 -34.85 3.10
CA GLU B 335 27.98 -34.91 1.65
C GLU B 335 27.14 -36.13 1.22
N ASP B 336 27.17 -37.22 2.03
CA ASP B 336 26.44 -38.46 1.80
C ASP B 336 25.01 -38.43 2.36
N GLU B 337 24.77 -37.62 3.42
CA GLU B 337 23.50 -37.49 4.14
C GLU B 337 22.32 -37.20 3.20
N SER B 338 21.34 -38.11 3.22
CA SER B 338 20.10 -38.07 2.44
C SER B 338 19.09 -37.14 3.10
N LEU B 339 18.15 -36.58 2.30
CA LEU B 339 17.10 -35.69 2.78
C LEU B 339 16.24 -36.36 3.89
N GLN B 340 16.01 -37.69 3.74
CA GLN B 340 15.30 -38.55 4.67
C GLN B 340 15.97 -38.56 6.05
N SER B 341 17.33 -38.57 6.10
CA SER B 341 18.10 -38.55 7.37
C SER B 341 17.90 -37.21 8.07
N LEU B 342 17.96 -36.11 7.30
CA LEU B 342 17.75 -34.74 7.77
C LEU B 342 16.32 -34.59 8.32
N LYS B 343 15.32 -35.14 7.59
CA LYS B 343 13.91 -35.13 7.95
C LYS B 343 13.69 -35.82 9.30
N ALA B 344 14.39 -36.93 9.52
CA ALA B 344 14.33 -37.71 10.76
C ALA B 344 14.91 -36.92 11.94
N ARG B 345 15.91 -36.06 11.65
CA ARG B 345 16.60 -35.18 12.59
C ARG B 345 15.73 -33.98 12.95
N ILE B 346 15.04 -33.40 11.94
CA ILE B 346 14.10 -32.28 12.14
C ILE B 346 12.94 -32.75 13.05
N GLN B 347 12.47 -33.99 12.80
CA GLN B 347 11.38 -34.69 13.49
C GLN B 347 11.57 -34.68 15.02
N GLN B 348 12.79 -34.94 15.50
CA GLN B 348 13.12 -34.99 16.94
C GLN B 348 13.02 -33.62 17.61
N ASP B 349 13.42 -32.53 16.92
CA ASP B 349 13.41 -31.17 17.48
C ASP B 349 12.07 -30.42 17.29
N THR B 350 11.25 -30.82 16.30
CA THR B 350 9.99 -30.12 16.00
C THR B 350 8.73 -30.93 16.34
N GLY B 351 8.88 -32.26 16.42
CA GLY B 351 7.77 -33.16 16.68
C GLY B 351 6.90 -33.40 15.46
N ILE B 352 7.34 -32.89 14.30
CA ILE B 352 6.62 -33.04 13.02
C ILE B 352 7.13 -34.31 12.31
N PRO B 353 6.25 -35.30 12.04
CA PRO B 353 6.70 -36.50 11.32
C PRO B 353 7.13 -36.19 9.88
N GLU B 354 8.10 -36.97 9.34
CA GLU B 354 8.68 -36.85 7.99
C GLU B 354 7.63 -36.56 6.90
N GLU B 355 6.52 -37.34 6.91
CA GLU B 355 5.38 -37.27 5.99
C GLU B 355 4.64 -35.92 6.05
N ASP B 356 4.64 -35.25 7.22
CA ASP B 356 3.97 -33.96 7.40
C ASP B 356 4.91 -32.75 7.14
N GLN B 357 6.22 -33.02 7.05
CA GLN B 357 7.21 -32.00 6.80
C GLN B 357 7.18 -31.48 5.37
N GLU B 358 6.75 -30.22 5.21
CA GLU B 358 6.78 -29.46 3.97
C GLU B 358 7.97 -28.55 4.05
N LEU B 359 9.04 -28.90 3.32
CA LEU B 359 10.28 -28.10 3.34
C LEU B 359 10.38 -27.32 2.05
N LEU B 360 10.40 -26.01 2.19
CA LEU B 360 10.42 -25.05 1.09
C LEU B 360 11.62 -24.10 1.18
N GLN B 361 12.02 -23.53 0.04
CA GLN B 361 13.10 -22.55 0.02
C GLN B 361 12.55 -21.16 -0.41
N GLU B 362 13.40 -20.12 -0.34
CA GLU B 362 13.12 -18.71 -0.63
C GLU B 362 12.02 -18.49 -1.68
N ALA B 363 12.10 -19.20 -2.85
CA ALA B 363 11.22 -19.06 -4.01
C ALA B 363 9.99 -20.01 -4.03
N GLY B 364 9.74 -20.68 -2.93
CA GLY B 364 8.59 -21.57 -2.77
C GLY B 364 8.66 -22.93 -3.43
N LEU B 365 9.89 -23.43 -3.65
CA LEU B 365 10.05 -24.75 -4.25
C LEU B 365 10.30 -25.77 -3.16
N ALA B 366 9.61 -26.92 -3.25
CA ALA B 366 9.76 -28.00 -2.30
C ALA B 366 11.09 -28.73 -2.54
N LEU B 367 11.74 -29.15 -1.46
CA LEU B 367 13.04 -29.85 -1.51
C LEU B 367 12.88 -31.18 -2.24
N ILE B 368 13.86 -31.49 -3.12
CA ILE B 368 13.84 -32.68 -3.97
C ILE B 368 14.33 -33.96 -3.24
N PRO B 369 13.42 -34.89 -2.91
CA PRO B 369 13.86 -36.24 -2.55
C PRO B 369 14.11 -36.84 -3.95
N ASP B 370 15.25 -37.35 -4.35
CA ASP B 370 16.31 -38.20 -3.88
C ASP B 370 17.66 -37.46 -3.86
N LYS B 371 17.65 -36.11 -4.00
CA LYS B 371 18.86 -35.28 -3.88
C LYS B 371 19.34 -35.29 -2.41
N PRO B 372 20.66 -35.11 -2.12
CA PRO B 372 21.10 -35.15 -0.71
C PRO B 372 20.70 -33.92 0.09
N ALA B 373 20.77 -34.01 1.44
CA ALA B 373 20.44 -32.94 2.38
C ALA B 373 21.21 -31.63 2.10
N THR B 374 22.43 -31.75 1.51
CA THR B 374 23.33 -30.64 1.12
C THR B 374 22.74 -29.75 0.00
N GLN B 375 21.56 -30.13 -0.55
CA GLN B 375 20.86 -29.40 -1.62
C GLN B 375 20.43 -28.01 -1.13
N CYS B 376 20.24 -27.86 0.19
CA CYS B 376 19.84 -26.64 0.88
C CYS B 376 20.95 -25.58 0.84
N ILE B 377 22.23 -26.02 0.85
CA ILE B 377 23.43 -25.17 0.81
C ILE B 377 23.63 -24.59 -0.62
N SER B 378 23.79 -23.26 -0.71
CA SER B 378 23.93 -22.50 -1.95
C SER B 378 25.22 -22.87 -2.77
N LEU B 382 31.37 -17.75 -0.53
CA LEU B 382 31.45 -17.67 0.93
C LEU B 382 32.36 -16.50 1.36
N ASN B 383 31.76 -15.35 1.67
CA ASN B 383 32.47 -14.13 2.11
C ASN B 383 31.87 -13.58 3.43
N GLU B 384 32.23 -12.33 3.82
CA GLU B 384 31.78 -11.64 5.05
C GLU B 384 30.25 -11.37 5.08
N GLY B 385 29.64 -11.24 3.89
CA GLY B 385 28.21 -11.02 3.70
C GLY B 385 27.35 -12.27 3.69
N HIS B 386 27.98 -13.42 3.99
CA HIS B 386 27.33 -14.71 4.08
C HIS B 386 26.63 -14.82 5.44
N THR B 387 25.37 -15.30 5.45
CA THR B 387 24.55 -15.49 6.66
C THR B 387 23.81 -16.82 6.57
N LEU B 388 23.08 -17.19 7.63
CA LEU B 388 22.25 -18.40 7.66
C LEU B 388 21.01 -18.21 6.76
N ASP B 389 20.60 -16.94 6.51
CA ASP B 389 19.45 -16.55 5.69
C ASP B 389 19.60 -16.95 4.22
N MET B 390 20.87 -17.01 3.73
CA MET B 390 21.23 -17.36 2.35
C MET B 390 20.77 -18.77 1.95
N ASP B 391 21.09 -19.77 2.77
CA ASP B 391 20.76 -21.17 2.50
C ASP B 391 19.72 -21.69 3.56
N LEU B 392 18.66 -20.87 3.80
CA LEU B 392 17.60 -21.15 4.77
C LEU B 392 16.41 -21.84 4.13
N VAL B 393 15.90 -22.89 4.80
CA VAL B 393 14.77 -23.71 4.41
C VAL B 393 13.66 -23.50 5.45
N PHE B 394 12.42 -23.33 4.97
CA PHE B 394 11.25 -23.06 5.79
C PHE B 394 10.45 -24.33 5.96
N LEU B 395 10.13 -24.65 7.22
CA LEU B 395 9.39 -25.85 7.58
C LEU B 395 7.96 -25.50 7.97
N PHE B 396 7.02 -26.24 7.39
CA PHE B 396 5.59 -26.13 7.60
C PHE B 396 5.05 -27.48 7.95
N ASP B 397 3.98 -27.49 8.74
CA ASP B 397 3.29 -28.72 9.14
C ASP B 397 2.02 -28.84 8.32
N ASN B 398 1.96 -29.87 7.45
CA ASN B 398 0.82 -30.13 6.57
C ASN B 398 -0.44 -30.42 7.37
N SER B 399 -0.27 -30.91 8.63
CA SER B 399 -1.33 -31.21 9.60
C SER B 399 -2.05 -29.93 10.03
N LYS B 400 -1.33 -28.80 10.11
CA LYS B 400 -1.90 -27.51 10.54
C LYS B 400 -2.84 -26.90 9.51
N ILE B 401 -4.01 -26.44 9.99
CA ILE B 401 -5.06 -25.73 9.23
C ILE B 401 -4.92 -24.23 9.50
N THR B 402 -4.57 -23.88 10.76
CA THR B 402 -4.37 -22.52 11.23
C THR B 402 -3.08 -22.43 12.04
N TYR B 403 -2.40 -21.28 11.94
CA TYR B 403 -1.16 -20.99 12.64
C TYR B 403 -1.40 -19.94 13.74
N GLU B 404 -0.89 -20.21 14.94
CA GLU B 404 -1.02 -19.36 16.14
C GLU B 404 -0.25 -18.07 15.96
N THR B 405 -1.01 -16.96 15.98
CA THR B 405 -0.60 -15.56 15.76
C THR B 405 0.52 -15.03 16.71
N GLN B 406 0.80 -15.77 17.83
CA GLN B 406 1.85 -15.48 18.82
C GLN B 406 2.90 -16.58 18.76
N ILE B 407 4.23 -16.26 18.73
CA ILE B 407 5.26 -17.31 18.61
C ILE B 407 6.41 -17.21 19.67
N SER B 408 6.40 -16.16 20.50
CA SER B 408 7.37 -15.83 21.56
C SER B 408 8.70 -15.31 20.95
N PRO B 409 8.95 -13.97 20.99
CA PRO B 409 10.24 -13.46 20.48
C PRO B 409 11.41 -13.93 21.35
N ARG B 410 12.59 -13.99 20.71
CA ARG B 410 13.90 -14.44 21.20
C ARG B 410 14.19 -14.04 22.64
N PRO B 411 14.89 -14.90 23.42
CA PRO B 411 15.23 -14.50 24.79
C PRO B 411 16.41 -13.55 24.78
N GLN B 412 16.19 -12.30 25.24
CA GLN B 412 17.21 -11.25 25.30
C GLN B 412 18.29 -11.57 26.36
N PRO B 413 19.53 -11.02 26.20
CA PRO B 413 20.61 -11.32 27.18
C PRO B 413 20.32 -10.89 28.61
N GLU B 414 21.12 -11.39 29.56
CA GLU B 414 21.00 -11.17 31.01
C GLU B 414 20.89 -9.69 31.37
N SER B 415 21.77 -8.83 30.81
CA SER B 415 21.86 -7.40 31.08
C SER B 415 20.68 -6.62 30.53
N VAL B 416 20.11 -7.08 29.40
CA VAL B 416 18.98 -6.42 28.73
C VAL B 416 17.70 -6.68 29.53
N SER B 417 17.44 -7.93 29.90
CA SER B 417 16.25 -8.28 30.70
C SER B 417 16.35 -7.64 32.08
N CYS B 418 17.57 -7.44 32.58
CA CYS B 418 17.85 -6.80 33.85
C CYS B 418 17.43 -5.33 33.83
N ILE B 419 17.77 -4.60 32.74
CA ILE B 419 17.45 -3.18 32.61
C ILE B 419 16.00 -2.96 32.16
N LEU B 420 15.38 -3.96 31.49
CA LEU B 420 13.97 -3.92 31.07
C LEU B 420 13.05 -3.85 32.28
N GLN B 421 13.44 -4.57 33.35
CA GLN B 421 12.75 -4.71 34.62
C GLN B 421 12.84 -3.42 35.43
N GLU B 422 14.02 -2.76 35.43
CA GLU B 422 14.27 -1.51 36.15
C GLU B 422 14.99 -0.51 35.24
N PRO B 423 14.23 0.19 34.36
CA PRO B 423 14.86 1.17 33.44
C PRO B 423 15.34 2.45 34.12
N LYS B 424 14.80 2.83 35.30
CA LYS B 424 15.16 4.05 36.03
C LYS B 424 16.57 3.95 36.75
N ARG B 425 17.16 2.73 36.81
CA ARG B 425 18.47 2.45 37.44
C ARG B 425 19.59 3.27 36.80
N ASN B 426 20.43 3.89 37.63
CA ASN B 426 21.55 4.64 37.11
C ASN B 426 22.72 3.68 36.91
N LEU B 427 23.34 3.76 35.77
CA LEU B 427 24.47 2.92 35.39
C LEU B 427 25.65 3.79 35.05
N ALA B 428 26.87 3.29 35.27
CA ALA B 428 28.07 4.06 34.93
C ALA B 428 28.20 4.07 33.41
N PHE B 429 28.80 5.14 32.85
CA PHE B 429 28.93 5.29 31.40
C PHE B 429 29.33 4.01 30.66
N PHE B 430 30.40 3.32 31.11
CA PHE B 430 30.90 2.09 30.48
C PHE B 430 29.79 1.00 30.45
N GLN B 431 28.95 0.89 31.55
CA GLN B 431 27.83 -0.02 31.68
C GLN B 431 26.69 0.40 30.76
N LEU B 432 26.42 1.73 30.66
CA LEU B 432 25.41 2.30 29.74
C LEU B 432 25.76 1.95 28.28
N ARG B 433 27.03 2.16 27.88
CA ARG B 433 27.57 1.88 26.55
C ARG B 433 27.32 0.42 26.17
N LYS B 434 27.50 -0.52 27.13
CA LYS B 434 27.30 -1.94 26.87
C LYS B 434 25.82 -2.30 26.71
N VAL B 435 24.93 -1.94 27.69
CA VAL B 435 23.50 -2.28 27.61
C VAL B 435 22.82 -1.59 26.42
N TRP B 436 23.18 -0.34 26.09
CA TRP B 436 22.56 0.40 25.00
C TRP B 436 22.89 -0.25 23.66
N GLY B 437 24.12 -0.73 23.51
CA GLY B 437 24.55 -1.42 22.29
C GLY B 437 23.80 -2.72 22.11
N GLN B 438 23.61 -3.42 23.24
CA GLN B 438 22.89 -4.69 23.36
C GLN B 438 21.39 -4.50 23.09
N VAL B 439 20.79 -3.40 23.61
CA VAL B 439 19.39 -3.10 23.35
C VAL B 439 19.28 -2.81 21.87
N TRP B 440 20.16 -1.97 21.29
CA TRP B 440 20.14 -1.70 19.85
C TRP B 440 20.21 -3.05 19.04
N HIS B 441 21.08 -3.96 19.48
CA HIS B 441 21.25 -5.25 18.82
C HIS B 441 19.95 -6.08 18.90
N SER B 442 19.27 -6.05 20.08
CA SER B 442 17.99 -6.74 20.30
C SER B 442 16.94 -6.30 19.27
N ILE B 443 16.83 -4.97 19.02
CA ILE B 443 15.89 -4.37 18.07
C ILE B 443 16.23 -4.80 16.64
N GLN B 444 17.52 -4.76 16.29
CA GLN B 444 18.00 -5.19 14.97
C GLN B 444 17.57 -6.66 14.70
N THR B 445 17.64 -7.51 15.75
CA THR B 445 17.28 -8.94 15.75
C THR B 445 15.78 -9.09 15.57
N LEU B 446 14.96 -8.28 16.30
CA LEU B 446 13.50 -8.26 16.15
C LEU B 446 13.18 -8.01 14.66
N LYS B 447 13.78 -6.95 14.07
CA LYS B 447 13.65 -6.57 12.65
C LYS B 447 14.04 -7.73 11.73
N GLU B 448 15.24 -8.29 11.91
CA GLU B 448 15.74 -9.40 11.09
C GLU B 448 14.84 -10.65 11.22
N ASP B 449 14.53 -11.08 12.45
CA ASP B 449 13.61 -12.20 12.76
C ASP B 449 12.25 -12.05 12.06
N CYS B 450 11.65 -10.88 12.15
CA CYS B 450 10.36 -10.57 11.56
C CYS B 450 10.38 -10.72 10.03
N ASN B 451 11.49 -10.27 9.38
CA ASN B 451 11.65 -10.37 7.91
C ASN B 451 11.78 -11.82 7.43
N ARG B 452 12.43 -12.69 8.25
CA ARG B 452 12.57 -14.11 7.96
C ARG B 452 11.20 -14.80 7.95
N LEU B 453 10.30 -14.40 8.86
CA LEU B 453 8.94 -14.95 8.92
C LEU B 453 8.16 -14.57 7.66
N GLN B 454 8.32 -13.30 7.18
CA GLN B 454 7.70 -12.80 5.95
C GLN B 454 8.17 -13.59 4.76
N GLN B 455 9.46 -13.98 4.78
CA GLN B 455 10.10 -14.75 3.72
C GLN B 455 9.47 -16.13 3.64
N GLY B 456 9.17 -16.70 4.81
CA GLY B 456 8.50 -17.99 4.96
C GLY B 456 7.08 -17.96 4.44
N GLN B 457 6.37 -16.84 4.71
CA GLN B 457 4.99 -16.63 4.24
C GLN B 457 5.01 -16.42 2.71
N ARG B 458 6.05 -15.75 2.20
CA ARG B 458 6.21 -15.50 0.76
C ARG B 458 6.57 -16.79 0.04
N ALA B 459 7.36 -17.69 0.68
CA ALA B 459 7.73 -18.98 0.11
C ALA B 459 6.48 -19.85 -0.06
N ALA B 460 5.56 -19.83 0.94
CA ALA B 460 4.29 -20.57 0.92
C ALA B 460 3.35 -20.01 -0.14
N MET B 461 3.37 -18.67 -0.32
CA MET B 461 2.60 -17.93 -1.32
C MET B 461 3.08 -18.30 -2.73
N MET B 462 4.42 -18.35 -2.90
CA MET B 462 5.08 -18.72 -4.15
C MET B 462 4.71 -20.14 -4.55
N ASN B 463 4.70 -21.08 -3.56
CA ASN B 463 4.32 -22.48 -3.79
C ASN B 463 2.85 -22.58 -4.20
N LEU B 464 1.99 -21.79 -3.54
CA LEU B 464 0.55 -21.74 -3.82
C LEU B 464 0.30 -21.26 -5.24
N LEU B 465 0.97 -20.17 -5.66
CA LEU B 465 0.80 -19.59 -6.98
C LEU B 465 1.28 -20.53 -8.08
N ARG B 466 2.35 -21.31 -7.80
CA ARG B 466 2.92 -22.30 -8.71
C ARG B 466 1.93 -23.45 -8.91
N ASN B 467 1.26 -23.90 -7.82
CA ASN B 467 0.24 -24.96 -7.83
C ASN B 467 -1.02 -24.48 -8.53
N ASN B 468 -1.51 -23.25 -8.18
CA ASN B 468 -2.67 -22.62 -8.80
C ASN B 468 -2.47 -22.50 -10.32
N SER B 469 -1.20 -22.31 -10.77
CA SER B 469 -0.88 -22.20 -12.19
C SER B 469 -1.23 -23.50 -12.93
N CYS B 470 -0.78 -24.67 -12.42
CA CYS B 470 -1.04 -25.99 -13.00
C CYS B 470 -2.50 -26.32 -12.93
N LEU B 471 -3.15 -25.93 -11.83
CA LEU B 471 -4.55 -26.12 -11.59
C LEU B 471 -5.35 -25.37 -12.66
N SER B 472 -4.91 -24.15 -13.03
CA SER B 472 -5.55 -23.35 -14.10
C SER B 472 -5.40 -24.02 -15.46
N LYS B 473 -4.20 -24.53 -15.77
CA LYS B 473 -3.83 -25.22 -17.00
C LYS B 473 -4.67 -26.49 -17.18
N MET B 474 -4.92 -27.20 -16.05
CA MET B 474 -5.72 -28.42 -16.05
C MET B 474 -7.20 -28.11 -16.27
N LYS B 475 -7.71 -27.06 -15.59
CA LYS B 475 -9.09 -26.56 -15.69
C LYS B 475 -9.47 -26.31 -17.15
N ASN B 476 -8.60 -25.60 -17.90
CA ASN B 476 -8.79 -25.26 -19.32
C ASN B 476 -8.84 -26.51 -20.17
N SER B 477 -7.93 -27.46 -19.92
CA SER B 477 -7.89 -28.75 -20.62
C SER B 477 -9.21 -29.50 -20.39
N MET B 478 -9.62 -29.60 -19.11
CA MET B 478 -10.87 -30.23 -18.68
C MET B 478 -12.07 -29.56 -19.38
N ALA B 479 -12.19 -28.21 -19.34
CA ALA B 479 -13.23 -27.42 -20.00
C ALA B 479 -13.29 -27.72 -21.51
N SER B 480 -12.13 -27.67 -22.18
CA SER B 480 -11.94 -27.95 -23.59
C SER B 480 -12.37 -29.39 -23.95
N MET B 481 -11.95 -30.39 -23.13
CA MET B 481 -12.27 -31.82 -23.32
C MET B 481 -13.76 -32.08 -23.20
N SER B 482 -14.39 -31.37 -22.24
CA SER B 482 -15.82 -31.43 -21.98
C SER B 482 -16.65 -30.92 -23.12
N GLN B 483 -16.19 -29.84 -23.78
CA GLN B 483 -16.89 -29.23 -24.91
C GLN B 483 -16.77 -30.12 -26.14
N GLN B 484 -15.60 -30.73 -26.31
CA GLN B 484 -15.33 -31.66 -27.40
C GLN B 484 -16.14 -32.93 -27.20
N LEU B 485 -16.30 -33.39 -25.93
CA LEU B 485 -17.08 -34.59 -25.65
C LEU B 485 -18.56 -34.32 -25.89
N LYS B 486 -19.05 -33.17 -25.44
CA LYS B 486 -20.46 -32.79 -25.60
C LYS B 486 -20.81 -32.88 -27.10
N ALA B 487 -19.89 -32.39 -27.95
CA ALA B 487 -20.01 -32.35 -29.40
C ALA B 487 -20.05 -33.75 -30.02
N LYS B 488 -19.08 -34.64 -29.66
CA LYS B 488 -19.03 -36.00 -30.20
C LYS B 488 -20.26 -36.80 -29.77
N LEU B 489 -20.71 -36.63 -28.52
CA LEU B 489 -21.92 -37.31 -28.01
C LEU B 489 -23.16 -36.90 -28.76
N ASP B 490 -23.30 -35.59 -29.02
CA ASP B 490 -24.39 -34.99 -29.78
C ASP B 490 -24.45 -35.61 -31.17
N PHE B 491 -23.29 -35.74 -31.82
CA PHE B 491 -23.10 -36.29 -33.14
C PHE B 491 -23.47 -37.77 -33.16
N PHE B 492 -22.95 -38.57 -32.19
CA PHE B 492 -23.25 -39.99 -32.08
C PHE B 492 -24.73 -40.21 -31.87
N LYS B 493 -25.35 -39.41 -30.98
CA LYS B 493 -26.77 -39.49 -30.65
C LYS B 493 -27.61 -39.24 -31.91
N THR B 494 -27.18 -38.26 -32.74
CA THR B 494 -27.79 -37.93 -34.02
C THR B 494 -27.62 -39.11 -34.99
N SER B 495 -26.37 -39.56 -35.16
CA SER B 495 -26.01 -40.64 -36.06
C SER B 495 -26.83 -41.93 -35.79
N ILE B 496 -26.77 -42.44 -34.54
CA ILE B 496 -27.49 -43.66 -34.13
C ILE B 496 -29.00 -43.51 -34.27
N GLN B 497 -29.56 -42.32 -34.02
CA GLN B 497 -31.01 -42.13 -34.14
C GLN B 497 -31.45 -42.33 -35.61
N ILE B 498 -30.66 -41.82 -36.60
CA ILE B 498 -30.91 -42.01 -38.02
C ILE B 498 -30.85 -43.51 -38.35
N ASP B 499 -29.74 -44.16 -37.98
CA ASP B 499 -29.49 -45.57 -38.23
C ASP B 499 -30.62 -46.46 -37.66
N LEU B 500 -31.15 -46.13 -36.46
CA LEU B 500 -32.24 -46.91 -35.83
C LEU B 500 -33.57 -46.68 -36.54
N GLU B 501 -33.84 -45.43 -36.96
CA GLU B 501 -35.07 -45.04 -37.68
C GLU B 501 -35.14 -45.73 -39.07
N LYS B 502 -34.08 -45.57 -39.90
CA LYS B 502 -34.02 -46.14 -41.25
C LYS B 502 -33.95 -47.68 -41.26
N TYR B 503 -33.53 -48.33 -40.13
CA TYR B 503 -33.50 -49.79 -40.02
C TYR B 503 -34.94 -50.33 -39.89
N SER B 504 -35.64 -49.90 -38.83
CA SER B 504 -37.02 -50.26 -38.49
C SER B 504 -37.96 -49.97 -39.65
N GLU B 505 -37.65 -48.93 -40.43
CA GLU B 505 -38.42 -48.54 -41.60
C GLU B 505 -38.33 -49.61 -42.68
N GLN B 506 -37.17 -50.26 -42.82
CA GLN B 506 -36.96 -51.27 -43.85
C GLN B 506 -37.02 -52.75 -43.32
N THR B 507 -37.89 -53.09 -42.35
CA THR B 507 -37.86 -54.46 -41.83
C THR B 507 -38.59 -55.45 -42.70
N GLU B 508 -39.86 -55.18 -43.02
CA GLU B 508 -40.70 -56.08 -43.80
C GLU B 508 -40.11 -56.44 -45.16
N PHE B 509 -39.84 -55.45 -46.02
CA PHE B 509 -39.34 -55.69 -47.38
C PHE B 509 -37.82 -55.99 -47.43
N GLY B 510 -37.04 -55.44 -46.49
CA GLY B 510 -35.58 -55.60 -46.47
C GLY B 510 -35.00 -56.68 -45.57
N ILE B 511 -34.09 -56.26 -44.65
CA ILE B 511 -33.38 -57.15 -43.73
C ILE B 511 -33.82 -56.94 -42.30
N THR B 512 -34.11 -58.05 -41.60
CA THR B 512 -34.50 -58.06 -40.19
C THR B 512 -33.40 -58.81 -39.40
N SER B 513 -32.59 -58.05 -38.64
CA SER B 513 -31.56 -58.59 -37.77
C SER B 513 -31.85 -58.14 -36.34
N ASP B 514 -32.67 -58.96 -35.61
CA ASP B 514 -33.06 -58.74 -34.21
C ASP B 514 -31.83 -58.52 -33.31
N LYS B 515 -30.72 -59.20 -33.63
CA LYS B 515 -29.45 -59.10 -32.93
C LYS B 515 -28.86 -57.69 -33.10
N LEU B 516 -28.98 -57.11 -34.33
CA LEU B 516 -28.47 -55.78 -34.62
C LEU B 516 -29.24 -54.70 -33.85
N LEU B 517 -30.59 -54.70 -33.95
CA LEU B 517 -31.50 -53.76 -33.30
C LEU B 517 -31.22 -53.63 -31.78
N LEU B 518 -31.05 -54.78 -31.09
CA LEU B 518 -30.80 -54.83 -29.65
C LEU B 518 -29.42 -54.34 -29.31
N ALA B 519 -28.44 -54.64 -30.18
CA ALA B 519 -27.07 -54.21 -30.01
C ALA B 519 -26.97 -52.71 -30.16
N TRP B 520 -27.64 -52.17 -31.18
CA TRP B 520 -27.65 -50.76 -31.48
C TRP B 520 -28.41 -50.01 -30.40
N ARG B 521 -29.54 -50.58 -29.91
CA ARG B 521 -30.31 -49.95 -28.83
C ARG B 521 -29.51 -49.91 -27.51
N GLU B 522 -28.61 -50.87 -27.29
CA GLU B 522 -27.74 -50.87 -26.10
C GLU B 522 -26.69 -49.75 -26.22
N MET B 523 -26.12 -49.57 -27.44
CA MET B 523 -25.15 -48.53 -27.76
C MET B 523 -25.74 -47.16 -27.35
N GLU B 524 -27.00 -46.93 -27.74
CA GLU B 524 -27.79 -45.73 -27.52
C GLU B 524 -28.03 -45.46 -26.02
N GLN B 525 -28.40 -46.48 -25.24
CA GLN B 525 -28.63 -46.26 -23.81
C GLN B 525 -27.28 -46.18 -23.05
N ALA B 526 -26.20 -46.78 -23.59
CA ALA B 526 -24.85 -46.79 -22.99
C ALA B 526 -24.22 -45.40 -23.01
N VAL B 527 -24.39 -44.67 -24.14
CA VAL B 527 -23.82 -43.35 -24.35
C VAL B 527 -24.62 -42.27 -23.58
N GLU B 528 -25.79 -42.64 -23.05
CA GLU B 528 -26.65 -41.74 -22.28
C GLU B 528 -26.02 -41.44 -20.92
N LEU B 529 -25.37 -42.46 -20.34
CA LEU B 529 -24.71 -42.43 -19.04
C LEU B 529 -23.40 -41.65 -19.05
N CYS B 530 -22.73 -41.54 -20.20
CA CYS B 530 -21.46 -40.83 -20.22
C CYS B 530 -21.62 -39.37 -20.68
N GLY B 531 -20.59 -38.59 -20.37
CA GLY B 531 -20.52 -37.14 -20.51
C GLY B 531 -20.47 -36.60 -19.09
N ARG B 532 -19.39 -35.89 -18.72
CA ARG B 532 -19.28 -35.47 -17.32
C ARG B 532 -19.45 -33.96 -17.15
N GLU B 533 -20.35 -33.38 -17.95
CA GLU B 533 -20.70 -31.96 -17.96
C GLU B 533 -21.03 -31.41 -16.58
N ASN B 534 -21.95 -32.07 -15.84
CA ASN B 534 -22.37 -31.60 -14.52
C ASN B 534 -21.32 -31.72 -13.46
N GLU B 535 -20.40 -32.70 -13.60
CA GLU B 535 -19.29 -32.92 -12.70
C GLU B 535 -18.23 -31.88 -12.95
N VAL B 536 -17.97 -31.59 -14.25
CA VAL B 536 -17.01 -30.57 -14.71
C VAL B 536 -17.49 -29.20 -14.21
N LYS B 537 -18.79 -28.89 -14.42
CA LYS B 537 -19.50 -27.68 -14.01
C LYS B 537 -19.16 -27.27 -12.56
N LEU B 538 -19.32 -28.23 -11.63
CA LEU B 538 -19.07 -28.07 -10.20
C LEU B 538 -17.61 -27.78 -9.91
N LEU B 539 -16.69 -28.46 -10.63
CA LEU B 539 -15.25 -28.28 -10.46
C LEU B 539 -14.79 -26.92 -10.98
N VAL B 540 -15.50 -26.36 -11.98
CA VAL B 540 -15.18 -25.06 -12.54
C VAL B 540 -15.62 -23.97 -11.51
N GLU B 541 -16.74 -24.23 -10.80
CA GLU B 541 -17.24 -23.34 -9.76
C GLU B 541 -16.24 -23.26 -8.61
N ARG B 542 -15.76 -24.43 -8.14
CA ARG B 542 -14.79 -24.54 -7.05
C ARG B 542 -13.47 -23.87 -7.44
N MET B 543 -12.92 -24.26 -8.60
CA MET B 543 -11.67 -23.72 -9.14
C MET B 543 -11.76 -22.20 -9.29
N MET B 544 -12.93 -21.69 -9.71
CA MET B 544 -13.19 -20.26 -9.85
C MET B 544 -13.27 -19.55 -8.48
N ALA B 545 -13.96 -20.17 -7.50
CA ALA B 545 -14.10 -19.64 -6.14
C ALA B 545 -12.75 -19.60 -5.42
N LEU B 546 -11.85 -20.58 -5.74
CA LEU B 546 -10.51 -20.67 -5.16
C LEU B 546 -9.65 -19.51 -5.66
N GLN B 547 -9.60 -19.31 -6.99
CA GLN B 547 -8.82 -18.26 -7.64
C GLN B 547 -9.20 -16.86 -7.12
N THR B 548 -10.43 -16.71 -6.63
CA THR B 548 -10.92 -15.48 -6.03
C THR B 548 -10.16 -15.23 -4.71
N ASP B 549 -10.13 -16.25 -3.81
CA ASP B 549 -9.44 -16.17 -2.53
C ASP B 549 -7.97 -15.89 -2.71
N ILE B 550 -7.38 -16.44 -3.78
CA ILE B 550 -5.95 -16.30 -4.09
C ILE B 550 -5.65 -14.88 -4.57
N VAL B 551 -6.51 -14.27 -5.42
CA VAL B 551 -6.29 -12.89 -5.85
C VAL B 551 -6.48 -11.95 -4.64
N ASP B 552 -7.41 -12.29 -3.72
CA ASP B 552 -7.66 -11.53 -2.50
C ASP B 552 -6.47 -11.63 -1.54
N LEU B 553 -5.73 -12.74 -1.61
CA LEU B 553 -4.57 -12.94 -0.75
C LEU B 553 -3.35 -12.17 -1.24
N GLN B 554 -3.07 -12.21 -2.56
CA GLN B 554 -1.90 -11.56 -3.13
C GLN B 554 -2.09 -10.04 -3.25
N ARG B 555 -3.35 -9.57 -3.31
CA ARG B 555 -3.64 -8.14 -3.41
C ARG B 555 -4.06 -7.63 -2.01
N SER B 556 -3.05 -7.61 -1.12
CA SER B 556 -3.02 -7.21 0.31
C SER B 556 -1.62 -7.46 0.85
N GLY B 564 8.70 -0.65 8.21
CA GLY B 564 7.80 0.39 8.70
C GLY B 564 8.27 1.01 10.00
N THR B 565 7.48 0.79 11.08
CA THR B 565 7.85 1.30 12.42
C THR B 565 8.95 0.45 13.06
N LEU B 566 9.07 -0.85 12.71
CA LEU B 566 10.12 -1.72 13.27
C LEU B 566 11.51 -1.32 12.73
N ASP B 567 11.58 -0.85 11.48
CA ASP B 567 12.84 -0.42 10.86
C ASP B 567 13.25 0.96 11.40
N ASP B 568 12.25 1.84 11.63
CA ASP B 568 12.44 3.19 12.15
C ASP B 568 12.90 3.13 13.61
N LEU B 569 12.27 2.25 14.41
CA LEU B 569 12.62 2.07 15.82
C LEU B 569 14.08 1.67 15.97
N GLU B 570 14.57 0.88 14.99
CA GLU B 570 15.95 0.41 14.91
C GLU B 570 16.87 1.60 14.60
N GLU B 571 16.51 2.45 13.60
CA GLU B 571 17.30 3.63 13.22
C GLU B 571 17.35 4.62 14.40
N GLN B 572 16.25 4.72 15.14
CA GLN B 572 16.11 5.55 16.34
C GLN B 572 17.10 5.11 17.43
N ALA B 573 17.15 3.79 17.73
CA ALA B 573 18.04 3.17 18.72
C ALA B 573 19.51 3.30 18.32
N ARG B 574 19.81 3.15 17.02
CA ARG B 574 21.15 3.25 16.42
C ARG B 574 21.71 4.68 16.68
N GLU B 575 20.89 5.72 16.38
CA GLU B 575 21.21 7.15 16.59
C GLU B 575 21.40 7.48 18.09
N LEU B 576 20.54 6.95 18.95
CA LEU B 576 20.63 7.13 20.38
C LEU B 576 21.97 6.53 20.91
N TYR B 577 22.33 5.31 20.47
CA TYR B 577 23.59 4.65 20.83
C TYR B 577 24.76 5.46 20.23
N ARG B 578 24.63 5.92 18.96
CA ARG B 578 25.62 6.75 18.28
C ARG B 578 25.96 7.95 19.15
N ARG B 579 24.92 8.69 19.60
CA ARG B 579 25.02 9.89 20.45
C ARG B 579 25.80 9.61 21.73
N LEU B 580 25.49 8.47 22.38
CA LEU B 580 26.14 8.04 23.60
C LEU B 580 27.63 7.83 23.37
N ARG B 581 27.99 7.12 22.29
CA ARG B 581 29.39 6.82 22.01
C ARG B 581 30.18 8.06 21.64
N GLU B 582 29.63 8.95 20.79
CA GLU B 582 30.30 10.19 20.36
C GLU B 582 30.29 11.28 21.45
N LYS B 583 29.86 10.95 22.68
CA LYS B 583 29.79 11.87 23.82
C LYS B 583 31.22 12.21 24.31
N PRO B 584 31.58 13.54 24.44
CA PRO B 584 32.94 13.90 24.92
C PRO B 584 33.26 13.26 26.25
N ARG B 585 34.57 13.02 26.52
CA ARG B 585 35.05 12.35 27.73
C ARG B 585 34.63 13.04 29.03
N ASP B 586 34.53 14.37 29.04
CA ASP B 586 34.10 15.13 30.22
C ASP B 586 32.60 14.93 30.49
N GLN B 587 31.80 14.76 29.42
CA GLN B 587 30.35 14.58 29.44
C GLN B 587 29.91 13.13 29.74
N ARG B 588 30.87 12.18 29.81
CA ARG B 588 30.57 10.77 30.07
C ARG B 588 30.28 10.54 31.54
N THR B 589 28.98 10.59 31.92
CA THR B 589 28.54 10.42 33.32
C THR B 589 27.53 9.25 33.50
N GLU B 590 26.89 9.18 34.68
CA GLU B 590 25.85 8.22 35.09
C GLU B 590 24.59 8.42 34.26
N GLY B 591 23.67 7.45 34.31
CA GLY B 591 22.38 7.61 33.64
C GLY B 591 21.46 6.40 33.61
N ASP B 592 20.16 6.67 33.33
CA ASP B 592 19.13 5.65 33.11
C ASP B 592 19.11 5.24 31.64
N SER B 593 18.38 4.14 31.39
CA SER B 593 18.17 3.56 30.08
C SER B 593 16.68 3.70 29.73
N GLN B 594 16.00 4.69 30.32
CA GLN B 594 14.58 4.95 30.11
C GLN B 594 14.25 5.17 28.62
N GLU B 595 15.03 6.05 27.93
CA GLU B 595 14.85 6.37 26.51
C GLU B 595 15.02 5.13 25.66
N MET B 596 16.03 4.31 25.96
CA MET B 596 16.33 3.09 25.24
C MET B 596 15.30 2.00 25.51
N VAL B 597 14.95 1.71 26.79
CA VAL B 597 13.99 0.67 27.18
C VAL B 597 12.63 1.00 26.53
N ARG B 598 12.27 2.30 26.45
CA ARG B 598 11.06 2.77 25.76
C ARG B 598 11.02 2.25 24.31
N LEU B 599 12.15 2.43 23.57
CA LEU B 599 12.30 2.02 22.17
C LEU B 599 12.15 0.49 22.00
N LEU B 600 12.81 -0.32 22.87
CA LEU B 600 12.71 -1.78 22.81
C LEU B 600 11.29 -2.25 23.03
N LEU B 601 10.59 -1.68 24.04
CA LEU B 601 9.20 -2.06 24.35
C LEU B 601 8.31 -1.77 23.14
N GLN B 602 8.60 -0.64 22.44
CA GLN B 602 7.86 -0.26 21.24
C GLN B 602 8.17 -1.24 20.12
N ALA B 603 9.47 -1.66 20.00
CA ALA B 603 9.92 -2.63 18.99
C ALA B 603 9.29 -4.01 19.24
N ILE B 604 9.21 -4.44 20.54
CA ILE B 604 8.61 -5.73 20.92
C ILE B 604 7.10 -5.72 20.53
N GLN B 605 6.40 -4.64 20.89
CA GLN B 605 4.98 -4.40 20.59
C GLN B 605 4.77 -4.38 19.06
N SER B 606 5.63 -3.66 18.31
CA SER B 606 5.57 -3.55 16.85
C SER B 606 5.79 -4.92 16.20
N PHE B 607 6.79 -5.67 16.71
CA PHE B 607 7.16 -6.99 16.23
C PHE B 607 5.99 -7.94 16.30
N GLU B 608 5.41 -8.13 17.51
CA GLU B 608 4.30 -9.07 17.73
C GLU B 608 3.05 -8.68 16.95
N LYS B 609 2.82 -7.36 16.72
CA LYS B 609 1.72 -6.85 15.90
C LYS B 609 1.95 -7.30 14.42
N LYS B 610 3.18 -7.07 13.88
CA LYS B 610 3.62 -7.43 12.53
C LYS B 610 3.56 -8.94 12.31
N VAL B 611 4.01 -9.70 13.33
CA VAL B 611 4.05 -11.17 13.32
C VAL B 611 2.61 -11.73 13.26
N ARG B 612 1.65 -11.12 14.01
CA ARG B 612 0.24 -11.50 14.02
C ARG B 612 -0.32 -11.53 12.61
N VAL B 613 -0.07 -10.45 11.84
CA VAL B 613 -0.49 -10.26 10.45
C VAL B 613 0.15 -11.33 9.55
N ILE B 614 1.46 -11.60 9.71
CA ILE B 614 2.17 -12.62 8.91
C ILE B 614 1.47 -14.00 9.05
N TYR B 615 1.14 -14.39 10.28
CA TYR B 615 0.53 -15.68 10.58
C TYR B 615 -0.92 -15.76 10.14
N THR B 616 -1.63 -14.64 10.14
CA THR B 616 -3.02 -14.53 9.68
C THR B 616 -3.07 -14.84 8.16
N GLN B 617 -2.10 -14.28 7.41
CA GLN B 617 -2.01 -14.52 5.98
C GLN B 617 -1.47 -15.91 5.69
N LEU B 618 -0.59 -16.44 6.56
CA LEU B 618 -0.04 -17.78 6.37
C LEU B 618 -1.14 -18.81 6.48
N SER B 619 -2.00 -18.71 7.53
CA SER B 619 -3.09 -19.65 7.70
C SER B 619 -4.15 -19.49 6.56
N LYS B 620 -4.24 -18.29 5.94
CA LYS B 620 -5.11 -18.07 4.80
C LYS B 620 -4.51 -18.76 3.55
N THR B 621 -3.18 -18.65 3.38
CA THR B 621 -2.42 -19.24 2.28
C THR B 621 -2.53 -20.77 2.30
N VAL B 622 -2.27 -21.39 3.48
CA VAL B 622 -2.27 -22.85 3.66
C VAL B 622 -3.66 -23.46 3.42
N VAL B 623 -4.77 -22.75 3.76
CA VAL B 623 -6.11 -23.31 3.50
C VAL B 623 -6.36 -23.36 1.97
N CYS B 624 -5.84 -22.38 1.20
CA CYS B 624 -5.91 -22.30 -0.26
C CYS B 624 -5.10 -23.40 -0.89
N LYS B 625 -3.87 -23.64 -0.34
CA LYS B 625 -2.96 -24.70 -0.77
C LYS B 625 -3.61 -26.10 -0.61
N GLN B 626 -4.42 -26.29 0.47
CA GLN B 626 -5.15 -27.52 0.75
C GLN B 626 -6.20 -27.78 -0.30
N LYS B 627 -7.07 -26.78 -0.55
CA LYS B 627 -8.18 -26.78 -1.51
C LYS B 627 -7.66 -27.11 -2.92
N ALA B 628 -6.52 -26.48 -3.28
CA ALA B 628 -5.82 -26.72 -4.52
C ALA B 628 -5.42 -28.20 -4.62
N LEU B 629 -4.73 -28.72 -3.57
CA LEU B 629 -4.29 -30.12 -3.51
C LEU B 629 -5.45 -31.10 -3.46
N GLU B 630 -6.65 -30.64 -3.01
CA GLU B 630 -7.89 -31.41 -2.96
C GLU B 630 -8.53 -31.48 -4.31
N LEU B 631 -8.45 -30.38 -5.07
CA LEU B 631 -9.06 -30.28 -6.38
C LEU B 631 -8.30 -31.02 -7.45
N LEU B 632 -6.97 -30.98 -7.44
CA LEU B 632 -6.13 -31.62 -8.46
C LEU B 632 -6.55 -33.09 -8.80
N PRO B 633 -6.69 -34.03 -7.83
CA PRO B 633 -7.10 -35.39 -8.21
C PRO B 633 -8.50 -35.48 -8.80
N LYS B 634 -9.45 -34.61 -8.33
CA LYS B 634 -10.85 -34.54 -8.77
C LYS B 634 -10.91 -34.21 -10.24
N VAL B 635 -10.07 -33.24 -10.67
CA VAL B 635 -9.94 -32.80 -12.07
C VAL B 635 -9.36 -33.98 -12.87
N GLU B 636 -8.26 -34.58 -12.37
CA GLU B 636 -7.57 -35.71 -12.99
C GLU B 636 -8.52 -36.88 -13.24
N GLU B 637 -9.35 -37.19 -12.23
CA GLU B 637 -10.34 -38.25 -12.27
C GLU B 637 -11.42 -38.00 -13.35
N VAL B 638 -11.96 -36.77 -13.43
CA VAL B 638 -13.01 -36.44 -14.39
C VAL B 638 -12.47 -36.47 -15.81
N VAL B 639 -11.22 -35.97 -16.02
CA VAL B 639 -10.60 -35.99 -17.36
C VAL B 639 -10.39 -37.44 -17.79
N SER B 640 -10.07 -38.35 -16.85
CA SER B 640 -9.94 -39.78 -17.12
C SER B 640 -11.25 -40.37 -17.63
N LEU B 641 -12.33 -40.17 -16.84
CA LEU B 641 -13.70 -40.60 -17.16
C LEU B 641 -14.09 -40.11 -18.56
N MET B 642 -13.93 -38.81 -18.84
CA MET B 642 -14.22 -38.19 -20.14
C MET B 642 -13.46 -38.84 -21.28
N ASN B 643 -12.19 -39.21 -21.04
CA ASN B 643 -11.32 -39.84 -22.03
C ASN B 643 -11.88 -41.24 -22.41
N GLU B 644 -12.42 -41.97 -21.41
CA GLU B 644 -13.06 -43.27 -21.63
C GLU B 644 -14.34 -43.10 -22.40
N ASP B 645 -15.13 -42.09 -22.05
CA ASP B 645 -16.38 -41.76 -22.72
C ASP B 645 -16.13 -41.52 -24.21
N GLU B 646 -15.02 -40.81 -24.53
CA GLU B 646 -14.62 -40.51 -25.90
C GLU B 646 -14.23 -41.80 -26.58
N LYS B 647 -13.32 -42.60 -25.97
CA LYS B 647 -12.86 -43.90 -26.47
C LYS B 647 -14.03 -44.74 -26.90
N THR B 648 -15.03 -44.90 -25.98
CA THR B 648 -16.23 -45.68 -26.19
C THR B 648 -17.09 -45.14 -27.36
N VAL B 649 -17.31 -43.80 -27.44
CA VAL B 649 -18.11 -43.19 -28.51
C VAL B 649 -17.50 -43.51 -29.89
N VAL B 650 -16.18 -43.31 -30.01
CA VAL B 650 -15.37 -43.53 -31.21
C VAL B 650 -15.52 -45.01 -31.69
N ARG B 651 -15.37 -45.98 -30.77
CA ARG B 651 -15.46 -47.42 -31.04
C ARG B 651 -16.86 -47.86 -31.47
N LEU B 652 -17.86 -47.45 -30.69
CA LEU B 652 -19.27 -47.79 -30.93
C LEU B 652 -19.77 -47.25 -32.28
N GLN B 653 -19.24 -46.08 -32.70
CA GLN B 653 -19.58 -45.47 -33.97
C GLN B 653 -18.97 -46.26 -35.13
N GLU B 654 -17.68 -46.61 -34.98
CA GLU B 654 -16.91 -47.38 -35.95
C GLU B 654 -17.57 -48.72 -36.20
N LYS B 655 -17.96 -49.40 -35.10
CA LYS B 655 -18.58 -50.72 -35.11
C LYS B 655 -19.91 -50.69 -35.85
N ARG B 656 -20.78 -49.72 -35.52
CA ARG B 656 -22.08 -49.58 -36.16
C ARG B 656 -21.96 -49.39 -37.68
N GLN B 657 -21.04 -48.50 -38.10
CA GLN B 657 -20.77 -48.19 -39.50
C GLN B 657 -20.31 -49.41 -40.24
N LYS B 658 -19.38 -50.18 -39.62
CA LYS B 658 -18.83 -51.41 -40.19
C LYS B 658 -19.92 -52.49 -40.28
N GLU B 659 -20.87 -52.51 -39.30
CA GLU B 659 -22.02 -53.45 -39.26
C GLU B 659 -23.00 -53.14 -40.38
N LEU B 660 -23.15 -51.86 -40.74
CA LEU B 660 -24.06 -51.46 -41.81
C LEU B 660 -23.48 -51.88 -43.17
N TRP B 661 -22.15 -51.71 -43.40
CA TRP B 661 -21.48 -52.09 -44.65
C TRP B 661 -21.48 -53.60 -44.82
N ASN B 662 -21.56 -54.30 -43.67
CA ASN B 662 -21.64 -55.74 -43.58
C ASN B 662 -23.01 -56.21 -44.06
N LEU B 663 -24.08 -55.44 -43.79
CA LEU B 663 -25.42 -55.75 -44.25
C LEU B 663 -25.47 -55.70 -45.77
N LEU B 664 -24.79 -54.68 -46.34
CA LEU B 664 -24.69 -54.45 -47.78
C LEU B 664 -23.89 -55.57 -48.48
N LYS B 665 -23.02 -56.28 -47.74
CA LYS B 665 -22.28 -57.42 -48.29
C LYS B 665 -23.26 -58.57 -48.50
N ILE B 666 -23.95 -58.96 -47.40
CA ILE B 666 -24.95 -60.03 -47.33
C ILE B 666 -26.04 -59.83 -48.40
N ALA B 667 -26.53 -58.59 -48.56
CA ALA B 667 -27.54 -58.25 -49.56
C ALA B 667 -26.98 -58.32 -50.99
N CYS B 668 -25.66 -58.10 -51.17
CA CYS B 668 -25.01 -58.16 -52.49
C CYS B 668 -24.69 -59.61 -52.94
N SER B 669 -25.20 -60.65 -52.21
CA SER B 669 -24.97 -62.07 -52.53
C SER B 669 -26.30 -62.86 -52.66
O3 KSA C . -31.00 35.09 19.04
C22 KSA C . -30.99 33.94 19.39
O5 KSA C . -29.99 33.37 20.07
C26 KSA C . -29.03 34.27 20.67
C1 KSA C . -32.15 32.96 19.13
O4 KSA C . -33.18 33.67 18.42
C2 KSA C . -32.88 32.38 20.43
O1 KSA C . -31.98 31.35 20.79
C25 KSA C . -32.90 33.28 21.65
N1 KSA C . -34.26 31.75 20.16
C3 KSA C . -34.50 30.38 19.96
C4 KSA C . -33.58 29.32 19.76
N2 KSA C . -32.22 29.37 19.61
C24 KSA C . -31.48 30.67 19.65
C27 KSA C . -31.69 31.63 18.48
C17 KSA C . -31.75 28.06 19.44
C18 KSA C . -30.46 27.61 19.21
C19 KSA C . -30.26 26.24 19.04
C20 KSA C . -31.32 25.34 19.13
C21 KSA C . -32.61 25.81 19.34
C16 KSA C . -32.85 27.17 19.48
C5 KSA C . -34.03 27.98 19.65
C6 KSA C . -35.41 27.75 19.68
C15 KSA C . -36.18 26.51 19.47
O2 KSA C . -35.75 25.39 19.20
C7 KSA C . -36.35 28.79 19.86
C23 KSA C . -37.75 28.24 19.91
N3 KSA C . -37.53 26.81 19.61
C8 KSA C . -35.89 30.11 19.99
C9 KSA C . -36.55 31.39 20.15
C10 KSA C . -35.54 32.37 20.26
C11 KSA C . -35.86 33.72 20.43
C14 KSA C . -37.90 31.78 20.26
C13 KSA C . -38.21 33.12 20.47
C12 KSA C . -37.20 34.08 20.54
O3 KSA D . 48.39 1.15 14.25
C22 KSA D . 48.90 0.06 14.18
O5 KSA D . 49.33 -0.63 15.23
C26 KSA D . 49.15 -0.02 16.53
C1 KSA D . 49.16 -0.68 12.86
O4 KSA D . 49.60 -2.03 13.06
C2 KSA D . 50.25 0.00 11.93
O1 KSA D . 49.42 1.01 11.39
C25 KSA D . 51.38 0.75 12.62
N1 KSA D . 50.81 -0.90 10.78
C3 KSA D . 50.25 -0.96 9.47
C4 KSA D . 49.03 -0.41 8.98
N2 KSA D . 48.04 0.27 9.65
C24 KSA D . 48.10 0.57 11.11
C27 KSA D . 47.86 -0.64 12.01
C17 KSA D . 47.00 0.54 8.75
C18 KSA D . 45.83 1.26 8.93
C19 KSA D . 44.97 1.42 7.85
C20 KSA D . 45.26 0.84 6.62
C21 KSA D . 46.43 0.11 6.44
C16 KSA D . 47.33 -0.03 7.50
C5 KSA D . 48.64 -0.63 7.65
C6 KSA D . 49.48 -1.41 6.84
C15 KSA D . 49.39 -1.75 5.41
O2 KSA D . 48.53 -1.43 4.59
C7 KSA D . 50.65 -1.99 7.31
C23 KSA D . 51.33 -2.78 6.23
N3 KSA D . 50.46 -2.54 5.07
C8 KSA D . 51.04 -1.78 8.64
C9 KSA D . 52.13 -2.27 9.46
C10 KSA D . 51.96 -1.74 10.75
C11 KSA D . 52.86 -2.04 11.77
C14 KSA D . 53.22 -3.11 9.21
C13 KSA D . 54.14 -3.39 10.22
C12 KSA D . 53.95 -2.85 11.49
#